data_5QOS
# 
_entry.id   5QOS 
# 
_audit_conform.dict_name       mmcif_pdbx.dic 
_audit_conform.dict_version    5.387 
_audit_conform.dict_location   http://mmcif.pdb.org/dictionaries/ascii/mmcif_pdbx.dic 
# 
loop_
_database_2.database_id 
_database_2.database_code 
_database_2.pdbx_database_accession 
_database_2.pdbx_DOI 
PDB   5QOS         pdb_00005qos 10.2210/pdb5qos/pdb 
WWPDB D_1001402217 ?            ?                   
# 
loop_
_pdbx_audit_revision_history.ordinal 
_pdbx_audit_revision_history.data_content_type 
_pdbx_audit_revision_history.major_revision 
_pdbx_audit_revision_history.minor_revision 
_pdbx_audit_revision_history.revision_date 
1 'Structure model' 1 0 2019-05-08 
2 'Structure model' 1 1 2019-11-20 
3 'Structure model' 1 2 2024-03-06 
# 
_pdbx_audit_revision_details.ordinal             1 
_pdbx_audit_revision_details.revision_ordinal    1 
_pdbx_audit_revision_details.data_content_type   'Structure model' 
_pdbx_audit_revision_details.provider            repository 
_pdbx_audit_revision_details.type                'Initial release' 
_pdbx_audit_revision_details.description         ? 
_pdbx_audit_revision_details.details             ? 
# 
loop_
_pdbx_audit_revision_group.ordinal 
_pdbx_audit_revision_group.revision_ordinal 
_pdbx_audit_revision_group.data_content_type 
_pdbx_audit_revision_group.group 
1 2 'Structure model' 'Data collection'     
2 3 'Structure model' 'Data collection'     
3 3 'Structure model' 'Database references' 
# 
loop_
_pdbx_audit_revision_category.ordinal 
_pdbx_audit_revision_category.revision_ordinal 
_pdbx_audit_revision_category.data_content_type 
_pdbx_audit_revision_category.category 
1 2 'Structure model' diffrn_source  
2 3 'Structure model' chem_comp_atom 
3 3 'Structure model' chem_comp_bond 
4 3 'Structure model' database_2     
# 
loop_
_pdbx_audit_revision_item.ordinal 
_pdbx_audit_revision_item.revision_ordinal 
_pdbx_audit_revision_item.data_content_type 
_pdbx_audit_revision_item.item 
1 2 'Structure model' '_diffrn_source.pdbx_synchrotron_beamline' 
2 2 'Structure model' '_diffrn_source.type'                      
3 3 'Structure model' '_database_2.pdbx_DOI'                     
4 3 'Structure model' '_database_2.pdbx_database_accession'      
# 
_pdbx_database_status.entry_id                        5QOS 
_pdbx_database_status.status_code                     REL 
_pdbx_database_status.status_code_sf                  REL 
_pdbx_database_status.status_code_mr                  ? 
_pdbx_database_status.status_code_cs                  ? 
_pdbx_database_status.recvd_initial_deposition_date   2019-02-22 
_pdbx_database_status.deposit_site                    RCSB 
_pdbx_database_status.process_site                    RCSB 
_pdbx_database_status.SG_entry                        ? 
_pdbx_database_status.pdb_format_compatible           Y 
_pdbx_database_status.methods_development_category    ? 
_pdbx_database_status.status_code_nmr_data            ? 
# 
loop_
_audit_author.name 
_audit_author.pdbx_ordinal 
_audit_author.identifier_ORCID 
'Nelson, E.R.'      1  ? 
'Velupillai, S.'    2  ? 
'Talon, R.'         3  ? 
'Collins, P.M.'     4  ? 
'Krojer, T.'        5  ? 
'Wang, D.'          6  ? 
'Brandao-Neto, J.'  7  ? 
'Douangamath, A.'   8  ? 
'Burgess-Brown, N.' 9  ? 
'Arrowsmith, C.H.'  10 ? 
'Bountra, C.'       11 ? 
'Huber, K.'         12 ? 
'von Delft, F.'     13 ? 
# 
_citation.id                        primary 
_citation.title                     'PanDDA analysis group deposition' 
_citation.journal_abbrev            'To Be Published' 
_citation.journal_volume            ? 
_citation.page_first                ? 
_citation.page_last                 ? 
_citation.year                      ? 
_citation.journal_id_ASTM           ? 
_citation.country                   ? 
_citation.journal_id_ISSN           ? 
_citation.journal_id_CSD            0353 
_citation.book_publisher            ? 
_citation.pdbx_database_id_PubMed   ? 
_citation.pdbx_database_id_DOI      ? 
# 
loop_
_citation_author.citation_id 
_citation_author.name 
_citation_author.identifier_ORCID 
_citation_author.ordinal 
primary 'Nelson, E.R.'      ? 1  
primary 'Velupillai, S.'    ? 2  
primary 'Talon, R.'         ? 3  
primary 'Collins, P.M.'     ? 4  
primary 'Krojer, T.'        ? 5  
primary 'Wang, D.'          ? 6  
primary 'Brandao-Neto, J.'  ? 7  
primary 'Douangamath, A.'   ? 8  
primary 'Burgess-Brown, N.' ? 9  
primary 'Arrowsmith, C.H.'  ? 10 
primary 'Bountra, C.'       ? 11 
primary 'Huber, K.'         ? 12 
primary 'von Delft, F.'     ? 13 
# 
loop_
_entity.id 
_entity.type 
_entity.src_method 
_entity.pdbx_description 
_entity.formula_weight 
_entity.pdbx_number_of_molecules 
_entity.pdbx_ec 
_entity.pdbx_mutation 
_entity.pdbx_fragment 
_entity.details 
1 polymer     man 'DCP2 (NUDT20)'                         19073.738 1  3.6.1.62 ? 'UNP residues 95-260' ? 
2 non-polymer syn 1,2-ETHANEDIOL                          62.068    2  ?        ? ?                     ? 
3 non-polymer syn 'DIMETHYL SULFOXIDE'                    78.133    1  ?        ? ?                     ? 
4 non-polymer syn 'ACETATE ION'                           59.044    2  ?        ? ?                     ? 
5 non-polymer syn '(3S)-N-(pyrimidin-2-yl)azepan-3-amine' 192.261   1  ?        ? ?                     ? 
6 water       nat water                                   18.015    89 ?        ? ?                     ? 
# 
_entity_name_com.entity_id   1 
_entity_name_com.name        
'Nucleoside diphosphate-linked moiety X motif 20, Nudix motif 20, mRNA-decapping enzyme 2, hDpc, m7GpppN-mRNA hydrolase' 
# 
_entity_poly.entity_id                      1 
_entity_poly.type                           'polypeptide(L)' 
_entity_poly.nstd_linkage                   no 
_entity_poly.nstd_monomer                   no 
_entity_poly.pdbx_seq_one_letter_code       
;SMGVPTYGAIILDETLENVLLVQGYLAKSGWGFPKGKVNKEEAPHDCAAREVFEETGFDIKDYICKDDYIELRINDQLAR
LYIIPGIPKDTKFNPKTRREIRNIEWFSIEKLPCHRNDMTPKSKLGLAPNKFFMAIPFIRPLRDWLSRRFGDSSDSDNGF
SSTGSTP
;
_entity_poly.pdbx_seq_one_letter_code_can   
;SMGVPTYGAIILDETLENVLLVQGYLAKSGWGFPKGKVNKEEAPHDCAAREVFEETGFDIKDYICKDDYIELRINDQLAR
LYIIPGIPKDTKFNPKTRREIRNIEWFSIEKLPCHRNDMTPKSKLGLAPNKFFMAIPFIRPLRDWLSRRFGDSSDSDNGF
SSTGSTP
;
_entity_poly.pdbx_strand_id                 A 
_entity_poly.pdbx_target_identifier         ? 
# 
loop_
_pdbx_entity_nonpoly.entity_id 
_pdbx_entity_nonpoly.name 
_pdbx_entity_nonpoly.comp_id 
2 1,2-ETHANEDIOL                          EDO 
3 'DIMETHYL SULFOXIDE'                    DMS 
4 'ACETATE ION'                           ACT 
5 '(3S)-N-(pyrimidin-2-yl)azepan-3-amine' LES 
6 water                                   HOH 
# 
loop_
_entity_poly_seq.entity_id 
_entity_poly_seq.num 
_entity_poly_seq.mon_id 
_entity_poly_seq.hetero 
1 1   SER n 
1 2   MET n 
1 3   GLY n 
1 4   VAL n 
1 5   PRO n 
1 6   THR n 
1 7   TYR n 
1 8   GLY n 
1 9   ALA n 
1 10  ILE n 
1 11  ILE n 
1 12  LEU n 
1 13  ASP n 
1 14  GLU n 
1 15  THR n 
1 16  LEU n 
1 17  GLU n 
1 18  ASN n 
1 19  VAL n 
1 20  LEU n 
1 21  LEU n 
1 22  VAL n 
1 23  GLN n 
1 24  GLY n 
1 25  TYR n 
1 26  LEU n 
1 27  ALA n 
1 28  LYS n 
1 29  SER n 
1 30  GLY n 
1 31  TRP n 
1 32  GLY n 
1 33  PHE n 
1 34  PRO n 
1 35  LYS n 
1 36  GLY n 
1 37  LYS n 
1 38  VAL n 
1 39  ASN n 
1 40  LYS n 
1 41  GLU n 
1 42  GLU n 
1 43  ALA n 
1 44  PRO n 
1 45  HIS n 
1 46  ASP n 
1 47  CYS n 
1 48  ALA n 
1 49  ALA n 
1 50  ARG n 
1 51  GLU n 
1 52  VAL n 
1 53  PHE n 
1 54  GLU n 
1 55  GLU n 
1 56  THR n 
1 57  GLY n 
1 58  PHE n 
1 59  ASP n 
1 60  ILE n 
1 61  LYS n 
1 62  ASP n 
1 63  TYR n 
1 64  ILE n 
1 65  CYS n 
1 66  LYS n 
1 67  ASP n 
1 68  ASP n 
1 69  TYR n 
1 70  ILE n 
1 71  GLU n 
1 72  LEU n 
1 73  ARG n 
1 74  ILE n 
1 75  ASN n 
1 76  ASP n 
1 77  GLN n 
1 78  LEU n 
1 79  ALA n 
1 80  ARG n 
1 81  LEU n 
1 82  TYR n 
1 83  ILE n 
1 84  ILE n 
1 85  PRO n 
1 86  GLY n 
1 87  ILE n 
1 88  PRO n 
1 89  LYS n 
1 90  ASP n 
1 91  THR n 
1 92  LYS n 
1 93  PHE n 
1 94  ASN n 
1 95  PRO n 
1 96  LYS n 
1 97  THR n 
1 98  ARG n 
1 99  ARG n 
1 100 GLU n 
1 101 ILE n 
1 102 ARG n 
1 103 ASN n 
1 104 ILE n 
1 105 GLU n 
1 106 TRP n 
1 107 PHE n 
1 108 SER n 
1 109 ILE n 
1 110 GLU n 
1 111 LYS n 
1 112 LEU n 
1 113 PRO n 
1 114 CYS n 
1 115 HIS n 
1 116 ARG n 
1 117 ASN n 
1 118 ASP n 
1 119 MET n 
1 120 THR n 
1 121 PRO n 
1 122 LYS n 
1 123 SER n 
1 124 LYS n 
1 125 LEU n 
1 126 GLY n 
1 127 LEU n 
1 128 ALA n 
1 129 PRO n 
1 130 ASN n 
1 131 LYS n 
1 132 PHE n 
1 133 PHE n 
1 134 MET n 
1 135 ALA n 
1 136 ILE n 
1 137 PRO n 
1 138 PHE n 
1 139 ILE n 
1 140 ARG n 
1 141 PRO n 
1 142 LEU n 
1 143 ARG n 
1 144 ASP n 
1 145 TRP n 
1 146 LEU n 
1 147 SER n 
1 148 ARG n 
1 149 ARG n 
1 150 PHE n 
1 151 GLY n 
1 152 ASP n 
1 153 SER n 
1 154 SER n 
1 155 ASP n 
1 156 SER n 
1 157 ASP n 
1 158 ASN n 
1 159 GLY n 
1 160 PHE n 
1 161 SER n 
1 162 SER n 
1 163 THR n 
1 164 GLY n 
1 165 SER n 
1 166 THR n 
1 167 PRO n 
# 
_entity_src_gen.entity_id                          1 
_entity_src_gen.pdbx_src_id                        1 
_entity_src_gen.pdbx_alt_source_flag               sample 
_entity_src_gen.pdbx_seq_type                      'Biological sequence' 
_entity_src_gen.pdbx_beg_seq_num                   1 
_entity_src_gen.pdbx_end_seq_num                   167 
_entity_src_gen.gene_src_common_name               Human 
_entity_src_gen.gene_src_genus                     ? 
_entity_src_gen.pdbx_gene_src_gene                 'DCP2, NUDT20' 
_entity_src_gen.gene_src_species                   ? 
_entity_src_gen.gene_src_strain                    ? 
_entity_src_gen.gene_src_tissue                    ? 
_entity_src_gen.gene_src_tissue_fraction           ? 
_entity_src_gen.gene_src_details                   ? 
_entity_src_gen.pdbx_gene_src_fragment             ? 
_entity_src_gen.pdbx_gene_src_scientific_name      'Homo sapiens' 
_entity_src_gen.pdbx_gene_src_ncbi_taxonomy_id     9606 
_entity_src_gen.pdbx_gene_src_variant              ? 
_entity_src_gen.pdbx_gene_src_cell_line            ? 
_entity_src_gen.pdbx_gene_src_atcc                 ? 
_entity_src_gen.pdbx_gene_src_organ                ? 
_entity_src_gen.pdbx_gene_src_organelle            ? 
_entity_src_gen.pdbx_gene_src_cell                 ? 
_entity_src_gen.pdbx_gene_src_cellular_location    ? 
_entity_src_gen.host_org_common_name               ? 
_entity_src_gen.pdbx_host_org_scientific_name      'Escherichia coli' 
_entity_src_gen.pdbx_host_org_ncbi_taxonomy_id     562 
_entity_src_gen.host_org_genus                     ? 
_entity_src_gen.pdbx_host_org_gene                 ? 
_entity_src_gen.pdbx_host_org_organ                ? 
_entity_src_gen.host_org_species                   ? 
_entity_src_gen.pdbx_host_org_tissue               ? 
_entity_src_gen.pdbx_host_org_tissue_fraction      ? 
_entity_src_gen.pdbx_host_org_strain               ? 
_entity_src_gen.pdbx_host_org_variant              ? 
_entity_src_gen.pdbx_host_org_cell_line            ? 
_entity_src_gen.pdbx_host_org_atcc                 ? 
_entity_src_gen.pdbx_host_org_culture_collection   ? 
_entity_src_gen.pdbx_host_org_cell                 ? 
_entity_src_gen.pdbx_host_org_organelle            ? 
_entity_src_gen.pdbx_host_org_cellular_location    ? 
_entity_src_gen.pdbx_host_org_vector_type          ? 
_entity_src_gen.pdbx_host_org_vector               ? 
_entity_src_gen.host_org_details                   ? 
_entity_src_gen.expression_system_id               ? 
_entity_src_gen.plasmid_name                       ? 
_entity_src_gen.plasmid_details                    ? 
_entity_src_gen.pdbx_description                   ? 
# 
loop_
_chem_comp.id 
_chem_comp.type 
_chem_comp.mon_nstd_flag 
_chem_comp.name 
_chem_comp.pdbx_synonyms 
_chem_comp.formula 
_chem_comp.formula_weight 
ACT non-polymer         . 'ACETATE ION'                           ?                 'C2 H3 O2 -1'    59.044  
ALA 'L-peptide linking' y ALANINE                                 ?                 'C3 H7 N O2'     89.093  
ARG 'L-peptide linking' y ARGININE                                ?                 'C6 H15 N4 O2 1' 175.209 
ASN 'L-peptide linking' y ASPARAGINE                              ?                 'C4 H8 N2 O3'    132.118 
ASP 'L-peptide linking' y 'ASPARTIC ACID'                         ?                 'C4 H7 N O4'     133.103 
CYS 'L-peptide linking' y CYSTEINE                                ?                 'C3 H7 N O2 S'   121.158 
DMS non-polymer         . 'DIMETHYL SULFOXIDE'                    ?                 'C2 H6 O S'      78.133  
EDO non-polymer         . 1,2-ETHANEDIOL                          'ETHYLENE GLYCOL' 'C2 H6 O2'       62.068  
GLN 'L-peptide linking' y GLUTAMINE                               ?                 'C5 H10 N2 O3'   146.144 
GLU 'L-peptide linking' y 'GLUTAMIC ACID'                         ?                 'C5 H9 N O4'     147.129 
GLY 'peptide linking'   y GLYCINE                                 ?                 'C2 H5 N O2'     75.067  
HIS 'L-peptide linking' y HISTIDINE                               ?                 'C6 H10 N3 O2 1' 156.162 
HOH non-polymer         . WATER                                   ?                 'H2 O'           18.015  
ILE 'L-peptide linking' y ISOLEUCINE                              ?                 'C6 H13 N O2'    131.173 
LES non-polymer         . '(3S)-N-(pyrimidin-2-yl)azepan-3-amine' ?                 'C10 H16 N4'     192.261 
LEU 'L-peptide linking' y LEUCINE                                 ?                 'C6 H13 N O2'    131.173 
LYS 'L-peptide linking' y LYSINE                                  ?                 'C6 H15 N2 O2 1' 147.195 
MET 'L-peptide linking' y METHIONINE                              ?                 'C5 H11 N O2 S'  149.211 
PHE 'L-peptide linking' y PHENYLALANINE                           ?                 'C9 H11 N O2'    165.189 
PRO 'L-peptide linking' y PROLINE                                 ?                 'C5 H9 N O2'     115.130 
SER 'L-peptide linking' y SERINE                                  ?                 'C3 H7 N O3'     105.093 
THR 'L-peptide linking' y THREONINE                               ?                 'C4 H9 N O3'     119.119 
TRP 'L-peptide linking' y TRYPTOPHAN                              ?                 'C11 H12 N2 O2'  204.225 
TYR 'L-peptide linking' y TYROSINE                                ?                 'C9 H11 N O3'    181.189 
VAL 'L-peptide linking' y VALINE                                  ?                 'C5 H11 N O2'    117.146 
# 
loop_
_pdbx_poly_seq_scheme.asym_id 
_pdbx_poly_seq_scheme.entity_id 
_pdbx_poly_seq_scheme.seq_id 
_pdbx_poly_seq_scheme.mon_id 
_pdbx_poly_seq_scheme.ndb_seq_num 
_pdbx_poly_seq_scheme.pdb_seq_num 
_pdbx_poly_seq_scheme.auth_seq_num 
_pdbx_poly_seq_scheme.pdb_mon_id 
_pdbx_poly_seq_scheme.auth_mon_id 
_pdbx_poly_seq_scheme.pdb_strand_id 
_pdbx_poly_seq_scheme.pdb_ins_code 
_pdbx_poly_seq_scheme.hetero 
A 1 1   SER 1   94  ?   ?   ?   A . n 
A 1 2   MET 2   95  ?   ?   ?   A . n 
A 1 3   GLY 3   96  96  GLY GLY A . n 
A 1 4   VAL 4   97  97  VAL VAL A . n 
A 1 5   PRO 5   98  98  PRO PRO A . n 
A 1 6   THR 6   99  99  THR THR A . n 
A 1 7   TYR 7   100 100 TYR TYR A . n 
A 1 8   GLY 8   101 101 GLY GLY A . n 
A 1 9   ALA 9   102 102 ALA ALA A . n 
A 1 10  ILE 10  103 103 ILE ILE A . n 
A 1 11  ILE 11  104 104 ILE ILE A . n 
A 1 12  LEU 12  105 105 LEU LEU A . n 
A 1 13  ASP 13  106 106 ASP ASP A . n 
A 1 14  GLU 14  107 107 GLU GLU A . n 
A 1 15  THR 15  108 108 THR THR A . n 
A 1 16  LEU 16  109 109 LEU LEU A . n 
A 1 17  GLU 17  110 110 GLU GLU A . n 
A 1 18  ASN 18  111 111 ASN ASN A . n 
A 1 19  VAL 19  112 112 VAL VAL A . n 
A 1 20  LEU 20  113 113 LEU LEU A . n 
A 1 21  LEU 21  114 114 LEU LEU A . n 
A 1 22  VAL 22  115 115 VAL VAL A . n 
A 1 23  GLN 23  116 116 GLN GLN A . n 
A 1 24  GLY 24  117 117 GLY GLY A . n 
A 1 25  TYR 25  118 118 TYR TYR A . n 
A 1 26  LEU 26  119 119 LEU LEU A . n 
A 1 27  ALA 27  120 120 ALA ALA A . n 
A 1 28  LYS 28  121 121 LYS LYS A . n 
A 1 29  SER 29  122 122 SER SER A . n 
A 1 30  GLY 30  123 123 GLY GLY A . n 
A 1 31  TRP 31  124 124 TRP TRP A . n 
A 1 32  GLY 32  125 125 GLY GLY A . n 
A 1 33  PHE 33  126 126 PHE PHE A . n 
A 1 34  PRO 34  127 127 PRO PRO A . n 
A 1 35  LYS 35  128 128 LYS LYS A . n 
A 1 36  GLY 36  129 129 GLY GLY A . n 
A 1 37  LYS 37  130 130 LYS LYS A . n 
A 1 38  VAL 38  131 131 VAL VAL A . n 
A 1 39  ASN 39  132 132 ASN ASN A . n 
A 1 40  LYS 40  133 133 LYS LYS A . n 
A 1 41  GLU 41  134 134 GLU GLU A . n 
A 1 42  GLU 42  135 135 GLU GLU A . n 
A 1 43  ALA 43  136 136 ALA ALA A . n 
A 1 44  PRO 44  137 137 PRO PRO A . n 
A 1 45  HIS 45  138 138 HIS HIS A . n 
A 1 46  ASP 46  139 139 ASP ASP A . n 
A 1 47  CYS 47  140 140 CYS CYS A . n 
A 1 48  ALA 48  141 141 ALA ALA A . n 
A 1 49  ALA 49  142 142 ALA ALA A . n 
A 1 50  ARG 50  143 143 ARG ARG A . n 
A 1 51  GLU 51  144 144 GLU GLU A . n 
A 1 52  VAL 52  145 145 VAL VAL A . n 
A 1 53  PHE 53  146 146 PHE PHE A . n 
A 1 54  GLU 54  147 147 GLU GLU A . n 
A 1 55  GLU 55  148 148 GLU GLU A . n 
A 1 56  THR 56  149 149 THR THR A . n 
A 1 57  GLY 57  150 150 GLY GLY A . n 
A 1 58  PHE 58  151 151 PHE PHE A . n 
A 1 59  ASP 59  152 152 ASP ASP A . n 
A 1 60  ILE 60  153 153 ILE ILE A . n 
A 1 61  LYS 61  154 154 LYS LYS A . n 
A 1 62  ASP 62  155 155 ASP ASP A . n 
A 1 63  TYR 63  156 156 TYR TYR A . n 
A 1 64  ILE 64  157 157 ILE ILE A . n 
A 1 65  CYS 65  158 158 CYS CYS A . n 
A 1 66  LYS 66  159 159 LYS LYS A . n 
A 1 67  ASP 67  160 160 ASP ASP A . n 
A 1 68  ASP 68  161 161 ASP ASP A . n 
A 1 69  TYR 69  162 162 TYR TYR A . n 
A 1 70  ILE 70  163 163 ILE ILE A . n 
A 1 71  GLU 71  164 164 GLU GLU A . n 
A 1 72  LEU 72  165 165 LEU LEU A . n 
A 1 73  ARG 73  166 166 ARG ARG A . n 
A 1 74  ILE 74  167 167 ILE ILE A . n 
A 1 75  ASN 75  168 168 ASN ASN A . n 
A 1 76  ASP 76  169 169 ASP ASP A . n 
A 1 77  GLN 77  170 170 GLN GLN A . n 
A 1 78  LEU 78  171 171 LEU LEU A . n 
A 1 79  ALA 79  172 172 ALA ALA A . n 
A 1 80  ARG 80  173 173 ARG ARG A . n 
A 1 81  LEU 81  174 174 LEU LEU A . n 
A 1 82  TYR 82  175 175 TYR TYR A . n 
A 1 83  ILE 83  176 176 ILE ILE A . n 
A 1 84  ILE 84  177 177 ILE ILE A . n 
A 1 85  PRO 85  178 178 PRO PRO A . n 
A 1 86  GLY 86  179 179 GLY GLY A . n 
A 1 87  ILE 87  180 180 ILE ILE A . n 
A 1 88  PRO 88  181 181 PRO PRO A . n 
A 1 89  LYS 89  182 182 LYS LYS A . n 
A 1 90  ASP 90  183 183 ASP ASP A . n 
A 1 91  THR 91  184 184 THR THR A . n 
A 1 92  LYS 92  185 185 LYS LYS A . n 
A 1 93  PHE 93  186 186 PHE PHE A . n 
A 1 94  ASN 94  187 187 ASN ASN A . n 
A 1 95  PRO 95  188 188 PRO PRO A . n 
A 1 96  LYS 96  189 189 LYS LYS A . n 
A 1 97  THR 97  190 190 THR THR A . n 
A 1 98  ARG 98  191 191 ARG ARG A . n 
A 1 99  ARG 99  192 192 ARG ARG A . n 
A 1 100 GLU 100 193 193 GLU GLU A . n 
A 1 101 ILE 101 194 194 ILE ILE A . n 
A 1 102 ARG 102 195 195 ARG ARG A . n 
A 1 103 ASN 103 196 196 ASN ASN A . n 
A 1 104 ILE 104 197 197 ILE ILE A . n 
A 1 105 GLU 105 198 198 GLU GLU A . n 
A 1 106 TRP 106 199 199 TRP TRP A . n 
A 1 107 PHE 107 200 200 PHE PHE A . n 
A 1 108 SER 108 201 201 SER SER A . n 
A 1 109 ILE 109 202 202 ILE ILE A . n 
A 1 110 GLU 110 203 203 GLU GLU A . n 
A 1 111 LYS 111 204 204 LYS LYS A . n 
A 1 112 LEU 112 205 205 LEU LEU A . n 
A 1 113 PRO 113 206 206 PRO PRO A . n 
A 1 114 CYS 114 207 207 CYS CYS A . n 
A 1 115 HIS 115 208 208 HIS HIS A . n 
A 1 116 ARG 116 209 209 ARG ARG A . n 
A 1 117 ASN 117 210 210 ASN ASN A . n 
A 1 118 ASP 118 211 211 ASP ASP A . n 
A 1 119 MET 119 212 212 MET MET A . n 
A 1 120 THR 120 213 213 THR THR A . n 
A 1 121 PRO 121 214 214 PRO PRO A . n 
A 1 122 LYS 122 215 215 LYS LYS A . n 
A 1 123 SER 123 216 216 SER SER A . n 
A 1 124 LYS 124 217 217 LYS LYS A . n 
A 1 125 LEU 125 218 218 LEU LEU A . n 
A 1 126 GLY 126 219 219 GLY GLY A . n 
A 1 127 LEU 127 220 220 LEU LEU A . n 
A 1 128 ALA 128 221 221 ALA ALA A . n 
A 1 129 PRO 129 222 222 PRO PRO A . n 
A 1 130 ASN 130 223 223 ASN ASN A . n 
A 1 131 LYS 131 224 224 LYS LYS A . n 
A 1 132 PHE 132 225 225 PHE PHE A . n 
A 1 133 PHE 133 226 226 PHE PHE A . n 
A 1 134 MET 134 227 227 MET MET A . n 
A 1 135 ALA 135 228 228 ALA ALA A . n 
A 1 136 ILE 136 229 229 ILE ILE A . n 
A 1 137 PRO 137 230 230 PRO PRO A . n 
A 1 138 PHE 138 231 231 PHE PHE A . n 
A 1 139 ILE 139 232 232 ILE ILE A . n 
A 1 140 ARG 140 233 233 ARG ARG A . n 
A 1 141 PRO 141 234 234 PRO PRO A . n 
A 1 142 LEU 142 235 235 LEU LEU A . n 
A 1 143 ARG 143 236 236 ARG ARG A . n 
A 1 144 ASP 144 237 237 ASP ASP A . n 
A 1 145 TRP 145 238 238 TRP TRP A . n 
A 1 146 LEU 146 239 239 LEU LEU A . n 
A 1 147 SER 147 240 240 SER SER A . n 
A 1 148 ARG 148 241 241 ARG ARG A . n 
A 1 149 ARG 149 242 242 ARG ARG A . n 
A 1 150 PHE 150 243 243 PHE PHE A . n 
A 1 151 GLY 151 244 244 GLY GLY A . n 
A 1 152 ASP 152 245 ?   ?   ?   A . n 
A 1 153 SER 153 246 ?   ?   ?   A . n 
A 1 154 SER 154 247 ?   ?   ?   A . n 
A 1 155 ASP 155 248 ?   ?   ?   A . n 
A 1 156 SER 156 249 ?   ?   ?   A . n 
A 1 157 ASP 157 250 ?   ?   ?   A . n 
A 1 158 ASN 158 251 ?   ?   ?   A . n 
A 1 159 GLY 159 252 ?   ?   ?   A . n 
A 1 160 PHE 160 253 ?   ?   ?   A . n 
A 1 161 SER 161 254 ?   ?   ?   A . n 
A 1 162 SER 162 255 ?   ?   ?   A . n 
A 1 163 THR 163 256 ?   ?   ?   A . n 
A 1 164 GLY 164 257 ?   ?   ?   A . n 
A 1 165 SER 165 258 ?   ?   ?   A . n 
A 1 166 THR 166 259 ?   ?   ?   A . n 
A 1 167 PRO 167 260 ?   ?   ?   A . n 
# 
loop_
_pdbx_nonpoly_scheme.asym_id 
_pdbx_nonpoly_scheme.entity_id 
_pdbx_nonpoly_scheme.mon_id 
_pdbx_nonpoly_scheme.ndb_seq_num 
_pdbx_nonpoly_scheme.pdb_seq_num 
_pdbx_nonpoly_scheme.auth_seq_num 
_pdbx_nonpoly_scheme.pdb_mon_id 
_pdbx_nonpoly_scheme.auth_mon_id 
_pdbx_nonpoly_scheme.pdb_strand_id 
_pdbx_nonpoly_scheme.pdb_ins_code 
B 2 EDO 1  301 2   EDO EDO A . 
C 2 EDO 1  302 3   EDO EDO A . 
D 3 DMS 1  303 1   DMS DMS A . 
E 4 ACT 1  304 1   ACT ACT A . 
F 4 ACT 1  305 2   ACT ACT A . 
G 5 LES 1  306 1   LES LIG A . 
H 6 HOH 1  401 55  HOH HOH A . 
H 6 HOH 2  402 22  HOH HOH A . 
H 6 HOH 3  403 68  HOH HOH A . 
H 6 HOH 4  404 78  HOH HOH A . 
H 6 HOH 5  405 70  HOH HOH A . 
H 6 HOH 6  406 39  HOH HOH A . 
H 6 HOH 7  407 38  HOH HOH A . 
H 6 HOH 8  408 60  HOH HOH A . 
H 6 HOH 9  409 94  HOH HOH A . 
H 6 HOH 10 410 23  HOH HOH A . 
H 6 HOH 11 411 83  HOH HOH A . 
H 6 HOH 12 412 64  HOH HOH A . 
H 6 HOH 13 413 71  HOH HOH A . 
H 6 HOH 14 414 62  HOH HOH A . 
H 6 HOH 15 415 104 HOH HOH A . 
H 6 HOH 16 416 100 HOH HOH A . 
H 6 HOH 17 417 102 HOH HOH A . 
H 6 HOH 18 418 13  HOH HOH A . 
H 6 HOH 19 419 76  HOH HOH A . 
H 6 HOH 20 420 67  HOH HOH A . 
H 6 HOH 21 421 97  HOH HOH A . 
H 6 HOH 22 422 59  HOH HOH A . 
H 6 HOH 23 423 18  HOH HOH A . 
H 6 HOH 24 424 65  HOH HOH A . 
H 6 HOH 25 425 17  HOH HOH A . 
H 6 HOH 26 426 12  HOH HOH A . 
H 6 HOH 27 427 15  HOH HOH A . 
H 6 HOH 28 428 33  HOH HOH A . 
H 6 HOH 29 429 27  HOH HOH A . 
H 6 HOH 30 430 84  HOH HOH A . 
H 6 HOH 31 431 16  HOH HOH A . 
H 6 HOH 32 432 1   HOH HOH A . 
H 6 HOH 33 433 9   HOH HOH A . 
H 6 HOH 34 434 2   HOH HOH A . 
H 6 HOH 35 435 24  HOH HOH A . 
H 6 HOH 36 436 90  HOH HOH A . 
H 6 HOH 37 437 85  HOH HOH A . 
H 6 HOH 38 438 10  HOH HOH A . 
H 6 HOH 39 439 81  HOH HOH A . 
H 6 HOH 40 440 5   HOH HOH A . 
H 6 HOH 41 441 96  HOH HOH A . 
H 6 HOH 42 442 46  HOH HOH A . 
H 6 HOH 43 443 21  HOH HOH A . 
H 6 HOH 44 444 31  HOH HOH A . 
H 6 HOH 45 445 29  HOH HOH A . 
H 6 HOH 46 446 14  HOH HOH A . 
H 6 HOH 47 447 6   HOH HOH A . 
H 6 HOH 48 448 3   HOH HOH A . 
H 6 HOH 49 449 4   HOH HOH A . 
H 6 HOH 50 450 40  HOH HOH A . 
H 6 HOH 51 451 80  HOH HOH A . 
H 6 HOH 52 452 74  HOH HOH A . 
H 6 HOH 53 453 95  HOH HOH A . 
H 6 HOH 54 454 43  HOH HOH A . 
H 6 HOH 55 455 35  HOH HOH A . 
H 6 HOH 56 456 88  HOH HOH A . 
H 6 HOH 57 457 42  HOH HOH A . 
H 6 HOH 58 458 69  HOH HOH A . 
H 6 HOH 59 459 8   HOH HOH A . 
H 6 HOH 60 460 50  HOH HOH A . 
H 6 HOH 61 461 106 HOH HOH A . 
H 6 HOH 62 462 105 HOH HOH A . 
H 6 HOH 63 463 30  HOH HOH A . 
H 6 HOH 64 464 7   HOH HOH A . 
H 6 HOH 65 465 79  HOH HOH A . 
H 6 HOH 66 466 103 HOH HOH A . 
H 6 HOH 67 467 28  HOH HOH A . 
H 6 HOH 68 468 11  HOH HOH A . 
H 6 HOH 69 469 25  HOH HOH A . 
H 6 HOH 70 470 19  HOH HOH A . 
H 6 HOH 71 471 57  HOH HOH A . 
H 6 HOH 72 472 26  HOH HOH A . 
H 6 HOH 73 473 52  HOH HOH A . 
H 6 HOH 74 474 101 HOH HOH A . 
H 6 HOH 75 475 92  HOH HOH A . 
H 6 HOH 76 476 75  HOH HOH A . 
H 6 HOH 77 477 107 HOH HOH A . 
H 6 HOH 78 478 86  HOH HOH A . 
H 6 HOH 79 479 110 HOH HOH A . 
H 6 HOH 80 480 98  HOH HOH A . 
H 6 HOH 81 481 47  HOH HOH A . 
H 6 HOH 82 482 87  HOH HOH A . 
H 6 HOH 83 483 91  HOH HOH A . 
H 6 HOH 84 484 51  HOH HOH A . 
H 6 HOH 85 485 20  HOH HOH A . 
H 6 HOH 86 486 109 HOH HOH A . 
H 6 HOH 87 487 56  HOH HOH A . 
H 6 HOH 88 488 93  HOH HOH A . 
H 6 HOH 89 489 41  HOH HOH A . 
# 
loop_
_pdbx_unobs_or_zero_occ_atoms.id 
_pdbx_unobs_or_zero_occ_atoms.PDB_model_num 
_pdbx_unobs_or_zero_occ_atoms.polymer_flag 
_pdbx_unobs_or_zero_occ_atoms.occupancy_flag 
_pdbx_unobs_or_zero_occ_atoms.auth_asym_id 
_pdbx_unobs_or_zero_occ_atoms.auth_comp_id 
_pdbx_unobs_or_zero_occ_atoms.auth_seq_id 
_pdbx_unobs_or_zero_occ_atoms.PDB_ins_code 
_pdbx_unobs_or_zero_occ_atoms.auth_atom_id 
_pdbx_unobs_or_zero_occ_atoms.label_alt_id 
_pdbx_unobs_or_zero_occ_atoms.label_asym_id 
_pdbx_unobs_or_zero_occ_atoms.label_comp_id 
_pdbx_unobs_or_zero_occ_atoms.label_seq_id 
_pdbx_unobs_or_zero_occ_atoms.label_atom_id 
1  1 Y 1 A LYS 130 ? CE  ? A LYS 37  CE  
2  1 Y 1 A LYS 130 ? NZ  ? A LYS 37  NZ  
3  1 Y 1 A LYS 133 ? CG  ? A LYS 40  CG  
4  1 Y 1 A LYS 133 ? CD  ? A LYS 40  CD  
5  1 Y 1 A LYS 133 ? CE  ? A LYS 40  CE  
6  1 Y 1 A LYS 133 ? NZ  ? A LYS 40  NZ  
7  1 Y 1 A GLU 134 ? CG  ? A GLU 41  CG  
8  1 Y 1 A GLU 134 ? CD  ? A GLU 41  CD  
9  1 Y 1 A GLU 134 ? OE1 ? A GLU 41  OE1 
10 1 Y 1 A GLU 134 ? OE2 ? A GLU 41  OE2 
11 1 Y 1 A LYS 159 ? CD  ? A LYS 66  CD  
12 1 Y 1 A LYS 159 ? CE  ? A LYS 66  CE  
13 1 Y 1 A LYS 159 ? NZ  ? A LYS 66  NZ  
14 1 Y 1 A LYS 185 ? CE  ? A LYS 92  CE  
15 1 Y 1 A LYS 185 ? NZ  ? A LYS 92  NZ  
16 1 Y 1 A LYS 215 ? CD  ? A LYS 122 CD  
17 1 Y 1 A LYS 215 ? CE  ? A LYS 122 CE  
18 1 Y 1 A LYS 215 ? NZ  ? A LYS 122 NZ  
19 1 Y 1 A LYS 217 ? CE  ? A LYS 124 CE  
20 1 Y 1 A LYS 217 ? NZ  ? A LYS 124 NZ  
21 1 Y 1 A ARG 241 ? CD  ? A ARG 148 CD  
22 1 Y 1 A ARG 241 ? NE  ? A ARG 148 NE  
23 1 Y 1 A ARG 241 ? CZ  ? A ARG 148 CZ  
24 1 Y 1 A ARG 241 ? NH1 ? A ARG 148 NH1 
25 1 Y 1 A ARG 241 ? NH2 ? A ARG 148 NH2 
# 
loop_
_software.pdbx_ordinal 
_software.name 
_software.version 
_software.date 
_software.type 
_software.contact_author 
_software.contact_author_email 
_software.classification 
_software.location 
_software.language 
_software.citation_id 
1 REFMAC      5.8.0189 ?               program 'Garib N. Murshudov' garib@ysbl.york.ac.uk    refinement        
http://www.ccp4.ac.uk/dist/html/refmac5.html        Fortran_77 ? 
2 Aimless     0.5.32   29/03/17        program 'Phil Evans'         ?                        'data scaling'    
http://www.mrc-lmb.cam.ac.uk/harry/pre/aimless.html ?          ? 
3 PDB_EXTRACT 3.23     'SEP. 23, 2016' package PDB                  deposit@deposit.rcsb.org 'data extraction' 
http://sw-tools.pdb.org/apps/PDB_EXTRACT/           C++        ? 
4 XDS         .        ?               program ?                    ?                        'data reduction'  ? ?          ? 
5 REFMAC      .        ?               program ?                    ?                        phasing           ? ?          ? 
# 
_cell.entry_id           5QOS 
_cell.length_a           48.019 
_cell.length_b           60.478 
_cell.length_c           64.902 
_cell.angle_alpha        90.000 
_cell.angle_beta         90.000 
_cell.angle_gamma        90.000 
_cell.Z_PDB              4 
_cell.pdbx_unique_axis   ? 
# 
_symmetry.entry_id                         5QOS 
_symmetry.space_group_name_H-M             'P 21 21 21' 
_symmetry.pdbx_full_space_group_name_H-M   ? 
_symmetry.cell_setting                     ? 
_symmetry.Int_Tables_number                19 
# 
_exptl.crystals_number   1 
_exptl.entry_id          5QOS 
_exptl.method            'X-RAY DIFFRACTION' 
# 
_exptl_crystal.id                    1 
_exptl_crystal.pdbx_mosaicity        0.100 
_exptl_crystal.pdbx_mosaicity_esd    ? 
_exptl_crystal.density_Matthews      2.47 
_exptl_crystal.density_diffrn        ? 
_exptl_crystal.density_meas          ? 
_exptl_crystal.density_meas_temp     ? 
_exptl_crystal.density_percent_sol   50.21 
_exptl_crystal.size_max              ? 
_exptl_crystal.size_mid              ? 
_exptl_crystal.size_min              ? 
_exptl_crystal.size_rad              ? 
_exptl_crystal.description           ? 
# 
_exptl_crystal_grow.crystal_id      1 
_exptl_crystal_grow.method          'VAPOR DIFFUSION, SITTING DROP' 
_exptl_crystal_grow.pH              4.5 
_exptl_crystal_grow.temp            277 
_exptl_crystal_grow.pdbx_details    '0.1 M acetate, pH 4.5, 5-25% PEG3350' 
_exptl_crystal_grow.temp_details    ? 
_exptl_crystal_grow.pdbx_pH_range   ? 
# 
_diffrn.id                     1 
_diffrn.ambient_temp           ? 
_diffrn.crystal_id             1 
_diffrn.ambient_temp_details   ? 
# 
_diffrn_detector.detector               PIXEL 
_diffrn_detector.type                   'DECTRIS PILATUS 2M' 
_diffrn_detector.pdbx_collection_date   2017-07-26 
_diffrn_detector.diffrn_id              1 
_diffrn_detector.details                ? 
# 
_diffrn_radiation.diffrn_id                        1 
_diffrn_radiation.wavelength_id                    1 
_diffrn_radiation.pdbx_diffrn_protocol             'SINGLE WAVELENGTH' 
_diffrn_radiation.pdbx_monochromatic_or_laue_m_l   ? 
_diffrn_radiation.monochromator                    ? 
_diffrn_radiation.pdbx_scattering_type             x-ray 
# 
_diffrn_radiation_wavelength.id           1 
_diffrn_radiation_wavelength.wavelength   0.91587 
_diffrn_radiation_wavelength.wt           1.0 
# 
_diffrn_source.diffrn_id                   1 
_diffrn_source.source                      SYNCHROTRON 
_diffrn_source.type                        'DIAMOND BEAMLINE I04-1' 
_diffrn_source.pdbx_wavelength_list        0.91587 
_diffrn_source.pdbx_synchrotron_site       Diamond 
_diffrn_source.pdbx_synchrotron_beamline   I04-1 
_diffrn_source.pdbx_wavelength             ? 
# 
_reflns.entry_id                     5QOS 
_reflns.pdbx_diffrn_id               1 
_reflns.pdbx_ordinal                 1 
_reflns.observed_criterion_sigma_I   ? 
_reflns.observed_criterion_sigma_F   ? 
_reflns.d_resolution_low             28.590 
_reflns.d_resolution_high            1.700 
_reflns.number_obs                   21441 
_reflns.number_all                   ? 
_reflns.percent_possible_obs         99.600 
_reflns.pdbx_Rmerge_I_obs            0.039 
_reflns.pdbx_Rsym_value              ? 
_reflns.pdbx_netI_over_sigmaI        22.100 
_reflns.B_iso_Wilson_estimate        ? 
_reflns.pdbx_redundancy              6.400 
_reflns.pdbx_Rrim_I_all              0.043 
_reflns.pdbx_Rpim_I_all              0.017 
_reflns.pdbx_CC_half                 0.999 
_reflns.pdbx_netI_over_av_sigmaI     ? 
_reflns.pdbx_number_measured_all     136822 
_reflns.pdbx_scaling_rejects         0 
_reflns.pdbx_chi_squared             ? 
_reflns.Rmerge_F_all                 ? 
_reflns.Rmerge_F_obs                 ? 
_reflns.observed_criterion_F_max     ? 
_reflns.observed_criterion_F_min     ? 
_reflns.observed_criterion_I_max     ? 
_reflns.observed_criterion_I_min     ? 
_reflns.pdbx_d_res_high_opt          ? 
_reflns.pdbx_d_res_low_opt           ? 
_reflns.details                      ? 
# 
loop_
_reflns_shell.pdbx_diffrn_id 
_reflns_shell.pdbx_ordinal 
_reflns_shell.d_res_high 
_reflns_shell.d_res_low 
_reflns_shell.number_measured_obs 
_reflns_shell.number_measured_all 
_reflns_shell.number_unique_obs 
_reflns_shell.pdbx_rejects 
_reflns_shell.Rmerge_I_obs 
_reflns_shell.meanI_over_sigI_obs 
_reflns_shell.pdbx_Rsym_value 
_reflns_shell.pdbx_chi_squared 
_reflns_shell.pdbx_redundancy 
_reflns_shell.percent_possible_obs 
_reflns_shell.pdbx_netI_over_sigmaI_obs 
_reflns_shell.number_possible 
_reflns_shell.number_unique_all 
_reflns_shell.Rmerge_F_all 
_reflns_shell.Rmerge_F_obs 
_reflns_shell.Rmerge_I_all 
_reflns_shell.meanI_over_sigI_all 
_reflns_shell.percent_possible_all 
_reflns_shell.pdbx_Rrim_I_all 
_reflns_shell.pdbx_Rpim_I_all 
_reflns_shell.pdbx_CC_half 
1 1 1.700 1.740  ? 8395 ? ? 0.716 ? ? ? 5.500 ? 2.300  ? 1513 ? ? ? ? 96.800 0.789 0.328 0.856 
1 2 7.590 28.590 ? 1582 ? ? 0.022 ? ? ? 5.500 ? 63.700 ? 287  ? ? ? ? 97.900 0.025 0.011 0.999 
# 
_refine.entry_id                                 5QOS 
_refine.pdbx_refine_id                           'X-RAY DIFFRACTION' 
_refine.ls_d_res_high                            1.7000 
_refine.ls_d_res_low                             44.2800 
_refine.pdbx_ls_sigma_F                          0.000 
_refine.pdbx_data_cutoff_high_absF               ? 
_refine.pdbx_data_cutoff_low_absF                ? 
_refine.ls_percent_reflns_obs                    99.4200 
_refine.ls_number_reflns_obs                     20355 
_refine.ls_number_reflns_all                     ? 
_refine.pdbx_ls_cross_valid_method               THROUGHOUT 
_refine.ls_matrix_type                           ? 
_refine.pdbx_R_Free_selection_details            RANDOM 
_refine.details                                  
'HYDROGENS HAVE BEEN ADDED IN THE RIDING POSITIONS U VALUES : REFINED INDIVIDUALLY' 
_refine.ls_R_factor_all                          ? 
_refine.ls_R_factor_obs                          0.1967 
_refine.ls_R_factor_R_work                       0.1941 
_refine.ls_wR_factor_R_work                      ? 
_refine.ls_R_factor_R_free                       0.2519 
_refine.ls_wR_factor_R_free                      ? 
_refine.ls_percent_reflns_R_free                 4.9000 
_refine.ls_number_reflns_R_free                  1042 
_refine.ls_number_reflns_R_work                  ? 
_refine.ls_R_factor_R_free_error                 ? 
_refine.B_iso_mean                               35.7110 
_refine.solvent_model_param_bsol                 ? 
_refine.solvent_model_param_ksol                 ? 
_refine.pdbx_isotropic_thermal_model             ? 
_refine.aniso_B[1][1]                            2.4200 
_refine.aniso_B[2][2]                            -2.0300 
_refine.aniso_B[3][3]                            -0.3900 
_refine.aniso_B[1][2]                            0.0000 
_refine.aniso_B[1][3]                            -0.0000 
_refine.aniso_B[2][3]                            0.0000 
_refine.correlation_coeff_Fo_to_Fc               0.9630 
_refine.correlation_coeff_Fo_to_Fc_free          0.9310 
_refine.overall_SU_R_Cruickshank_DPI             ? 
_refine.pdbx_overall_SU_R_free_Cruickshank_DPI   ? 
_refine.pdbx_overall_SU_R_Blow_DPI               ? 
_refine.pdbx_overall_SU_R_free_Blow_DPI          ? 
_refine.overall_SU_R_free                        ? 
_refine.pdbx_overall_ESU_R                       0.1140 
_refine.pdbx_overall_ESU_R_Free                  0.1220 
_refine.overall_SU_ML                            0.0980 
_refine.overall_SU_B                             3.1030 
_refine.solvent_model_details                    MASK 
_refine.pdbx_solvent_vdw_probe_radii             1.2000 
_refine.pdbx_solvent_ion_probe_radii             0.8000 
_refine.pdbx_solvent_shrinkage_radii             0.8000 
_refine.ls_number_parameters                     ? 
_refine.ls_number_restraints                     ? 
_refine.pdbx_starting_model                      'PDB entry 5MP0' 
_refine.pdbx_method_to_determine_struct          'FOURIER SYNTHESIS' 
_refine.pdbx_stereochemistry_target_values       'MAXIMUM LIKELIHOOD' 
_refine.pdbx_stereochem_target_val_spec_case     ? 
_refine.overall_FOM_work_R_set                   ? 
_refine.B_iso_max                                102.520 
_refine.B_iso_min                                19.550 
_refine.pdbx_overall_phase_error                 ? 
_refine.occupancy_max                            ? 
_refine.occupancy_min                            ? 
_refine.pdbx_diffrn_id                           1 
_refine.pdbx_TLS_residual_ADP_flag               ? 
_refine.pdbx_ls_sigma_I                          ? 
_refine.pdbx_data_cutoff_high_rms_absF           ? 
_refine.ls_R_factor_R_free_error_details         ? 
# 
_refine_hist.cycle_id                         final 
_refine_hist.pdbx_refine_id                   'X-RAY DIFFRACTION' 
_refine_hist.d_res_high                       1.7000 
_refine_hist.d_res_low                        44.2800 
_refine_hist.pdbx_number_atoms_ligand         34 
_refine_hist.number_atoms_solvent             89 
_refine_hist.number_atoms_total               1318 
_refine_hist.pdbx_number_residues_total       149 
_refine_hist.pdbx_B_iso_mean_ligand           58.02 
_refine_hist.pdbx_B_iso_mean_solvent          46.06 
_refine_hist.pdbx_number_atoms_protein        1195 
_refine_hist.pdbx_number_atoms_nucleic_acid   0 
# 
loop_
_refine_ls_restr.pdbx_refine_id 
_refine_ls_restr.type 
_refine_ls_restr.number 
_refine_ls_restr.dev_ideal 
_refine_ls_restr.dev_ideal_target 
_refine_ls_restr.weight 
_refine_ls_restr.pdbx_restraint_function 
'X-RAY DIFFRACTION' r_bond_refined_d       1764 0.019  0.020  ? ? 
'X-RAY DIFFRACTION' r_bond_other_d         1460 0.002  0.020  ? ? 
'X-RAY DIFFRACTION' r_angle_refined_deg    2128 1.987  1.986  ? ? 
'X-RAY DIFFRACTION' r_angle_other_deg      3390 1.146  3.000  ? ? 
'X-RAY DIFFRACTION' r_dihedral_angle_1_deg 199  6.284  5.000  ? ? 
'X-RAY DIFFRACTION' r_dihedral_angle_2_deg 76   30.044 22.105 ? ? 
'X-RAY DIFFRACTION' r_dihedral_angle_3_deg 265  14.970 15.000 ? ? 
'X-RAY DIFFRACTION' r_dihedral_angle_4_deg 19   14.168 15.000 ? ? 
'X-RAY DIFFRACTION' r_chiral_restr         210  0.131  0.200  ? ? 
'X-RAY DIFFRACTION' r_gen_planes_refined   1901 0.010  0.021  ? ? 
'X-RAY DIFFRACTION' r_gen_planes_other     374  0.002  0.020  ? ? 
'X-RAY DIFFRACTION' r_mcbond_it            812  3.004  3.328  ? ? 
'X-RAY DIFFRACTION' r_mcbond_other         813  3.002  3.327  ? ? 
'X-RAY DIFFRACTION' r_mcangle_it           951  4.291  4.946  ? ? 
# 
_refine_ls_shell.d_res_high                       1.6980 
_refine_ls_shell.d_res_low                        1.7420 
_refine_ls_shell.pdbx_total_number_of_bins_used   20 
_refine_ls_shell.percent_reflns_obs               96.6800 
_refine_ls_shell.number_reflns_R_work             1438 
_refine_ls_shell.R_factor_all                     ? 
_refine_ls_shell.R_factor_R_work                  0.3150 
_refine_ls_shell.R_factor_R_free                  0.3060 
_refine_ls_shell.percent_reflns_R_free            ? 
_refine_ls_shell.number_reflns_R_free             74 
_refine_ls_shell.R_factor_R_free_error            ? 
_refine_ls_shell.number_reflns_all                1512 
_refine_ls_shell.number_reflns_obs                ? 
_refine_ls_shell.pdbx_refine_id                   'X-RAY DIFFRACTION' 
# 
_struct.entry_id                  5QOS 
_struct.title                     
'PanDDA analysis group deposition -- Crystal Structure of DCP2 (NUDT20) in complex with Z1187701032' 
_struct.pdbx_model_details        ? 
_struct.pdbx_CASP_flag            ? 
_struct.pdbx_model_type_details   ? 
# 
_struct_keywords.entry_id        5QOS 
_struct_keywords.text            'SGC - Diamond I04-1 fragment screening, PanDDA, XChemExplorer, HYDROLASE' 
_struct_keywords.pdbx_keywords   HYDROLASE 
# 
loop_
_struct_asym.id 
_struct_asym.pdbx_blank_PDB_chainid_flag 
_struct_asym.pdbx_modified 
_struct_asym.entity_id 
_struct_asym.details 
A N N 1 ? 
B N N 2 ? 
C N N 2 ? 
D N N 3 ? 
E N N 4 ? 
F N N 4 ? 
G N N 5 ? 
H N N 6 ? 
# 
_struct_ref.id                         1 
_struct_ref.db_name                    UNP 
_struct_ref.db_code                    DCP2_HUMAN 
_struct_ref.pdbx_db_accession          Q8IU60 
_struct_ref.pdbx_db_isoform            ? 
_struct_ref.entity_id                  1 
_struct_ref.pdbx_seq_one_letter_code   
;MGVPTYGAIILDETLENVLLVQGYLAKSGWGFPKGKVNKEEAPHDCAAREVFEETGFDIKDYICKDDYIELRINDQLARL
YIIPGIPKDTKFNPKTRREIRNIEWFSIEKLPCHRNDMTPKSKLGLAPNKFFMAIPFIRPLRDWLSRRFGDSSDSDNGFS
STGSTP
;
_struct_ref.pdbx_align_begin           95 
# 
_struct_ref_seq.align_id                      1 
_struct_ref_seq.ref_id                        1 
_struct_ref_seq.pdbx_PDB_id_code              5QOS 
_struct_ref_seq.pdbx_strand_id                A 
_struct_ref_seq.seq_align_beg                 2 
_struct_ref_seq.pdbx_seq_align_beg_ins_code   ? 
_struct_ref_seq.seq_align_end                 167 
_struct_ref_seq.pdbx_seq_align_end_ins_code   ? 
_struct_ref_seq.pdbx_db_accession             Q8IU60 
_struct_ref_seq.db_align_beg                  95 
_struct_ref_seq.pdbx_db_align_beg_ins_code    ? 
_struct_ref_seq.db_align_end                  260 
_struct_ref_seq.pdbx_db_align_end_ins_code    ? 
_struct_ref_seq.pdbx_auth_seq_align_beg       95 
_struct_ref_seq.pdbx_auth_seq_align_end       260 
# 
_struct_ref_seq_dif.align_id                     1 
_struct_ref_seq_dif.pdbx_pdb_id_code             5QOS 
_struct_ref_seq_dif.mon_id                       SER 
_struct_ref_seq_dif.pdbx_pdb_strand_id           A 
_struct_ref_seq_dif.seq_num                      1 
_struct_ref_seq_dif.pdbx_pdb_ins_code            ? 
_struct_ref_seq_dif.pdbx_seq_db_name             UNP 
_struct_ref_seq_dif.pdbx_seq_db_accession_code   Q8IU60 
_struct_ref_seq_dif.db_mon_id                    ? 
_struct_ref_seq_dif.pdbx_seq_db_seq_num          ? 
_struct_ref_seq_dif.details                      'expression tag' 
_struct_ref_seq_dif.pdbx_auth_seq_num            94 
_struct_ref_seq_dif.pdbx_ordinal                 1 
# 
_pdbx_struct_assembly.id                   1 
_pdbx_struct_assembly.details              author_and_software_defined_assembly 
_pdbx_struct_assembly.method_details       PISA 
_pdbx_struct_assembly.oligomeric_details   monomeric 
_pdbx_struct_assembly.oligomeric_count     1 
# 
loop_
_pdbx_struct_assembly_prop.biol_id 
_pdbx_struct_assembly_prop.type 
_pdbx_struct_assembly_prop.value 
_pdbx_struct_assembly_prop.details 
1 'ABSA (A^2)' 870  ? 
1 MORE         5    ? 
1 'SSA (A^2)'  8490 ? 
# 
_pdbx_struct_assembly_gen.assembly_id       1 
_pdbx_struct_assembly_gen.oper_expression   1 
_pdbx_struct_assembly_gen.asym_id_list      A,B,C,D,E,F,G,H 
# 
_pdbx_struct_oper_list.id                   1 
_pdbx_struct_oper_list.type                 'identity operation' 
_pdbx_struct_oper_list.name                 1_555 
_pdbx_struct_oper_list.symmetry_operation   x,y,z 
_pdbx_struct_oper_list.matrix[1][1]         1.0000000000 
_pdbx_struct_oper_list.matrix[1][2]         0.0000000000 
_pdbx_struct_oper_list.matrix[1][3]         0.0000000000 
_pdbx_struct_oper_list.vector[1]            0.0000000000 
_pdbx_struct_oper_list.matrix[2][1]         0.0000000000 
_pdbx_struct_oper_list.matrix[2][2]         1.0000000000 
_pdbx_struct_oper_list.matrix[2][3]         0.0000000000 
_pdbx_struct_oper_list.vector[2]            0.0000000000 
_pdbx_struct_oper_list.matrix[3][1]         0.0000000000 
_pdbx_struct_oper_list.matrix[3][2]         0.0000000000 
_pdbx_struct_oper_list.matrix[3][3]         1.0000000000 
_pdbx_struct_oper_list.vector[3]            0.0000000000 
# 
loop_
_struct_conf.conf_type_id 
_struct_conf.id 
_struct_conf.pdbx_PDB_helix_id 
_struct_conf.beg_label_comp_id 
_struct_conf.beg_label_asym_id 
_struct_conf.beg_label_seq_id 
_struct_conf.pdbx_beg_PDB_ins_code 
_struct_conf.end_label_comp_id 
_struct_conf.end_label_asym_id 
_struct_conf.end_label_seq_id 
_struct_conf.pdbx_end_PDB_ins_code 
_struct_conf.beg_auth_comp_id 
_struct_conf.beg_auth_asym_id 
_struct_conf.beg_auth_seq_id 
_struct_conf.end_auth_comp_id 
_struct_conf.end_auth_asym_id 
_struct_conf.end_auth_seq_id 
_struct_conf.pdbx_PDB_helix_class 
_struct_conf.details 
_struct_conf.pdbx_PDB_helix_length 
HELX_P HELX_P1 AA1 LEU A 26  ? SER A 29  ? LEU A 119 SER A 122 5 ? 4  
HELX_P HELX_P2 AA2 ALA A 43  ? GLY A 57  ? ALA A 136 GLY A 150 1 ? 15 
HELX_P HELX_P3 AA3 THR A 120 ? SER A 123 ? THR A 213 SER A 216 5 ? 4  
HELX_P HELX_P4 AA4 ALA A 135 ? GLY A 151 ? ALA A 228 GLY A 244 1 ? 17 
# 
_struct_conf_type.id          HELX_P 
_struct_conf_type.criteria    ? 
_struct_conf_type.reference   ? 
# 
loop_
_struct_sheet.id 
_struct_sheet.type 
_struct_sheet.number_strands 
_struct_sheet.details 
AA1 ? 4 ? 
AA2 ? 3 ? 
AA3 ? 2 ? 
# 
loop_
_struct_sheet_order.sheet_id 
_struct_sheet_order.range_id_1 
_struct_sheet_order.range_id_2 
_struct_sheet_order.offset 
_struct_sheet_order.sense 
AA1 1 2 ? anti-parallel 
AA1 2 3 ? parallel      
AA1 3 4 ? anti-parallel 
AA2 1 2 ? anti-parallel 
AA2 2 3 ? anti-parallel 
AA3 1 2 ? anti-parallel 
# 
loop_
_struct_sheet_range.sheet_id 
_struct_sheet_range.id 
_struct_sheet_range.beg_label_comp_id 
_struct_sheet_range.beg_label_asym_id 
_struct_sheet_range.beg_label_seq_id 
_struct_sheet_range.pdbx_beg_PDB_ins_code 
_struct_sheet_range.end_label_comp_id 
_struct_sheet_range.end_label_asym_id 
_struct_sheet_range.end_label_seq_id 
_struct_sheet_range.pdbx_end_PDB_ins_code 
_struct_sheet_range.beg_auth_comp_id 
_struct_sheet_range.beg_auth_asym_id 
_struct_sheet_range.beg_auth_seq_id 
_struct_sheet_range.end_auth_comp_id 
_struct_sheet_range.end_auth_asym_id 
_struct_sheet_range.end_auth_seq_id 
AA1 1 LYS A 35  ? LYS A 37  ? LYS A 128 LYS A 130 
AA1 2 THR A 6   ? ILE A 11  ? THR A 99  ILE A 104 
AA1 3 GLN A 77  ? ILE A 84  ? GLN A 170 ILE A 177 
AA1 4 TYR A 69  ? ILE A 74  ? TYR A 162 ILE A 167 
AA2 1 TRP A 31  ? GLY A 32  ? TRP A 124 GLY A 125 
AA2 2 ASN A 18  ? GLY A 24  ? ASN A 111 GLY A 117 
AA2 3 ILE A 101 ? SER A 108 ? ILE A 194 SER A 201 
AA3 1 ASP A 118 ? MET A 119 ? ASP A 211 MET A 212 
AA3 2 LYS A 124 ? LEU A 127 ? LYS A 217 LEU A 220 
# 
loop_
_pdbx_struct_sheet_hbond.sheet_id 
_pdbx_struct_sheet_hbond.range_id_1 
_pdbx_struct_sheet_hbond.range_id_2 
_pdbx_struct_sheet_hbond.range_1_label_atom_id 
_pdbx_struct_sheet_hbond.range_1_label_comp_id 
_pdbx_struct_sheet_hbond.range_1_label_asym_id 
_pdbx_struct_sheet_hbond.range_1_label_seq_id 
_pdbx_struct_sheet_hbond.range_1_PDB_ins_code 
_pdbx_struct_sheet_hbond.range_1_auth_atom_id 
_pdbx_struct_sheet_hbond.range_1_auth_comp_id 
_pdbx_struct_sheet_hbond.range_1_auth_asym_id 
_pdbx_struct_sheet_hbond.range_1_auth_seq_id 
_pdbx_struct_sheet_hbond.range_2_label_atom_id 
_pdbx_struct_sheet_hbond.range_2_label_comp_id 
_pdbx_struct_sheet_hbond.range_2_label_asym_id 
_pdbx_struct_sheet_hbond.range_2_label_seq_id 
_pdbx_struct_sheet_hbond.range_2_PDB_ins_code 
_pdbx_struct_sheet_hbond.range_2_auth_atom_id 
_pdbx_struct_sheet_hbond.range_2_auth_comp_id 
_pdbx_struct_sheet_hbond.range_2_auth_asym_id 
_pdbx_struct_sheet_hbond.range_2_auth_seq_id 
AA1 1 2 O GLY A 36  ? O GLY A 129 N TYR A 7   ? N TYR A 100 
AA1 2 3 N ILE A 10  ? N ILE A 103 O ILE A 84  ? O ILE A 177 
AA1 3 4 O LEU A 81  ? O LEU A 174 N ILE A 70  ? N ILE A 163 
AA2 1 2 O GLY A 32  ? O GLY A 125 N VAL A 22  ? N VAL A 115 
AA2 2 3 N LEU A 21  ? N LEU A 114 O GLU A 105 ? O GLU A 198 
AA3 1 2 N MET A 119 ? N MET A 212 O LYS A 124 ? O LYS A 217 
# 
loop_
_struct_site.id 
_struct_site.pdbx_evidence_code 
_struct_site.pdbx_auth_asym_id 
_struct_site.pdbx_auth_comp_id 
_struct_site.pdbx_auth_seq_id 
_struct_site.pdbx_auth_ins_code 
_struct_site.pdbx_num_residues 
_struct_site.details 
AC1 Software A EDO 301 ? 6 'binding site for residue EDO A 301' 
AC2 Software A EDO 302 ? 4 'binding site for residue EDO A 302' 
AC3 Software A DMS 303 ? 2 'binding site for residue DMS A 303' 
AC4 Software A ACT 304 ? 4 'binding site for residue ACT A 304' 
AC5 Software A ACT 305 ? 5 'binding site for residue ACT A 305' 
AC6 Software A LES 306 ? 6 'binding site for residue LES A 306' 
# 
loop_
_struct_site_gen.id 
_struct_site_gen.site_id 
_struct_site_gen.pdbx_num_res 
_struct_site_gen.label_comp_id 
_struct_site_gen.label_asym_id 
_struct_site_gen.label_seq_id 
_struct_site_gen.pdbx_auth_ins_code 
_struct_site_gen.auth_comp_id 
_struct_site_gen.auth_asym_id 
_struct_site_gen.auth_seq_id 
_struct_site_gen.label_atom_id 
_struct_site_gen.label_alt_id 
_struct_site_gen.symmetry 
_struct_site_gen.details 
1  AC1 6 ALA A 49  ? ALA A 142 . ? 1_555 ? 
2  AC1 6 PHE A 53  ? PHE A 146 . ? 1_555 ? 
3  AC1 6 ASP A 59  ? ASP A 152 . ? 1_555 ? 
4  AC1 6 LYS A 61  ? LYS A 154 . ? 1_555 ? 
5  AC1 6 HOH H .   ? HOH A 421 . ? 1_555 ? 
6  AC1 6 HOH H .   ? HOH A 442 . ? 1_555 ? 
7  AC2 4 ASN A 130 ? ASN A 223 . ? 1_555 ? 
8  AC2 4 LYS A 131 ? LYS A 224 . ? 1_555 ? 
9  AC2 4 ACT F .   ? ACT A 305 . ? 1_555 ? 
10 AC2 4 HOH H .   ? HOH A 470 . ? 1_555 ? 
11 AC3 2 ASN A 18  ? ASN A 111 . ? 1_555 ? 
12 AC3 2 TRP A 106 ? TRP A 199 . ? 1_555 ? 
13 AC4 4 SER A 29  ? SER A 122 . ? 1_555 ? 
14 AC4 4 TYR A 63  ? TYR A 156 . ? 3_357 ? 
15 AC4 4 PRO A 88  ? PRO A 181 . ? 3_357 ? 
16 AC4 4 HOH H .   ? HOH A 403 . ? 1_555 ? 
17 AC5 5 ARG A 116 ? ARG A 209 . ? 1_555 ? 
18 AC5 5 PRO A 129 ? PRO A 222 . ? 1_555 ? 
19 AC5 5 ASN A 130 ? ASN A 223 . ? 1_555 ? 
20 AC5 5 PHE A 133 ? PHE A 226 . ? 1_555 ? 
21 AC5 5 EDO C .   ? EDO A 302 . ? 1_555 ? 
22 AC6 6 PHE A 33  ? PHE A 126 . ? 1_555 ? 
23 AC6 6 LYS A 35  ? LYS A 128 . ? 1_555 ? 
24 AC6 6 GLU A 55  ? GLU A 148 . ? 1_555 ? 
25 AC6 6 ILE A 101 ? ILE A 194 . ? 1_555 ? 
26 AC6 6 MET A 134 ? MET A 227 . ? 1_555 ? 
27 AC6 6 HOH H .   ? HOH A 402 . ? 1_555 ? 
# 
_pdbx_validate_close_contact.id               1 
_pdbx_validate_close_contact.PDB_model_num    1 
_pdbx_validate_close_contact.auth_atom_id_1   O 
_pdbx_validate_close_contact.auth_asym_id_1   A 
_pdbx_validate_close_contact.auth_comp_id_1   HOH 
_pdbx_validate_close_contact.auth_seq_id_1    441 
_pdbx_validate_close_contact.PDB_ins_code_1   ? 
_pdbx_validate_close_contact.label_alt_id_1   ? 
_pdbx_validate_close_contact.auth_atom_id_2   O 
_pdbx_validate_close_contact.auth_asym_id_2   A 
_pdbx_validate_close_contact.auth_comp_id_2   HOH 
_pdbx_validate_close_contact.auth_seq_id_2    481 
_pdbx_validate_close_contact.PDB_ins_code_2   ? 
_pdbx_validate_close_contact.label_alt_id_2   ? 
_pdbx_validate_close_contact.dist             2.19 
# 
loop_
_pdbx_validate_rmsd_angle.id 
_pdbx_validate_rmsd_angle.PDB_model_num 
_pdbx_validate_rmsd_angle.auth_atom_id_1 
_pdbx_validate_rmsd_angle.auth_asym_id_1 
_pdbx_validate_rmsd_angle.auth_comp_id_1 
_pdbx_validate_rmsd_angle.auth_seq_id_1 
_pdbx_validate_rmsd_angle.PDB_ins_code_1 
_pdbx_validate_rmsd_angle.label_alt_id_1 
_pdbx_validate_rmsd_angle.auth_atom_id_2 
_pdbx_validate_rmsd_angle.auth_asym_id_2 
_pdbx_validate_rmsd_angle.auth_comp_id_2 
_pdbx_validate_rmsd_angle.auth_seq_id_2 
_pdbx_validate_rmsd_angle.PDB_ins_code_2 
_pdbx_validate_rmsd_angle.label_alt_id_2 
_pdbx_validate_rmsd_angle.auth_atom_id_3 
_pdbx_validate_rmsd_angle.auth_asym_id_3 
_pdbx_validate_rmsd_angle.auth_comp_id_3 
_pdbx_validate_rmsd_angle.auth_seq_id_3 
_pdbx_validate_rmsd_angle.PDB_ins_code_3 
_pdbx_validate_rmsd_angle.label_alt_id_3 
_pdbx_validate_rmsd_angle.angle_value 
_pdbx_validate_rmsd_angle.angle_target_value 
_pdbx_validate_rmsd_angle.angle_deviation 
_pdbx_validate_rmsd_angle.angle_standard_deviation 
_pdbx_validate_rmsd_angle.linker_flag 
1 1 CB A ASP 106 ? ? CG A ASP 106 ? ? OD1 A ASP 106 ? ? 124.24 118.30 5.94  0.90 N 
2 1 CB A ASP 106 ? ? CG A ASP 106 ? ? OD2 A ASP 106 ? ? 112.28 118.30 -6.02 0.90 N 
3 1 CB A ASP 152 ? ? CG A ASP 152 ? ? OD1 A ASP 152 ? ? 124.06 118.30 5.76  0.90 N 
# 
_pdbx_validate_torsion.id              1 
_pdbx_validate_torsion.PDB_model_num   1 
_pdbx_validate_torsion.auth_comp_id    LEU 
_pdbx_validate_torsion.auth_asym_id    A 
_pdbx_validate_torsion.auth_seq_id     119 
_pdbx_validate_torsion.PDB_ins_code    ? 
_pdbx_validate_torsion.label_alt_id    ? 
_pdbx_validate_torsion.phi             59.85 
_pdbx_validate_torsion.psi             -120.09 
# 
_phasing.method   MR 
# 
loop_
_pdbx_unobs_or_zero_occ_residues.id 
_pdbx_unobs_or_zero_occ_residues.PDB_model_num 
_pdbx_unobs_or_zero_occ_residues.polymer_flag 
_pdbx_unobs_or_zero_occ_residues.occupancy_flag 
_pdbx_unobs_or_zero_occ_residues.auth_asym_id 
_pdbx_unobs_or_zero_occ_residues.auth_comp_id 
_pdbx_unobs_or_zero_occ_residues.auth_seq_id 
_pdbx_unobs_or_zero_occ_residues.PDB_ins_code 
_pdbx_unobs_or_zero_occ_residues.label_asym_id 
_pdbx_unobs_or_zero_occ_residues.label_comp_id 
_pdbx_unobs_or_zero_occ_residues.label_seq_id 
1  1 Y 1 A SER 94  ? A SER 1   
2  1 Y 1 A MET 95  ? A MET 2   
3  1 Y 1 A ASP 245 ? A ASP 152 
4  1 Y 1 A SER 246 ? A SER 153 
5  1 Y 1 A SER 247 ? A SER 154 
6  1 Y 1 A ASP 248 ? A ASP 155 
7  1 Y 1 A SER 249 ? A SER 156 
8  1 Y 1 A ASP 250 ? A ASP 157 
9  1 Y 1 A ASN 251 ? A ASN 158 
10 1 Y 1 A GLY 252 ? A GLY 159 
11 1 Y 1 A PHE 253 ? A PHE 160 
12 1 Y 1 A SER 254 ? A SER 161 
13 1 Y 1 A SER 255 ? A SER 162 
14 1 Y 1 A THR 256 ? A THR 163 
15 1 Y 1 A GLY 257 ? A GLY 164 
16 1 Y 1 A SER 258 ? A SER 165 
17 1 Y 1 A THR 259 ? A THR 166 
18 1 Y 1 A PRO 260 ? A PRO 167 
# 
loop_
_chem_comp_atom.comp_id 
_chem_comp_atom.atom_id 
_chem_comp_atom.type_symbol 
_chem_comp_atom.pdbx_aromatic_flag 
_chem_comp_atom.pdbx_stereo_config 
_chem_comp_atom.pdbx_ordinal 
ACT C    C N N 1   
ACT O    O N N 2   
ACT OXT  O N N 3   
ACT CH3  C N N 4   
ACT H1   H N N 5   
ACT H2   H N N 6   
ACT H3   H N N 7   
ALA N    N N N 8   
ALA CA   C N S 9   
ALA C    C N N 10  
ALA O    O N N 11  
ALA CB   C N N 12  
ALA OXT  O N N 13  
ALA H    H N N 14  
ALA H2   H N N 15  
ALA HA   H N N 16  
ALA HB1  H N N 17  
ALA HB2  H N N 18  
ALA HB3  H N N 19  
ALA HXT  H N N 20  
ARG N    N N N 21  
ARG CA   C N S 22  
ARG C    C N N 23  
ARG O    O N N 24  
ARG CB   C N N 25  
ARG CG   C N N 26  
ARG CD   C N N 27  
ARG NE   N N N 28  
ARG CZ   C N N 29  
ARG NH1  N N N 30  
ARG NH2  N N N 31  
ARG OXT  O N N 32  
ARG H    H N N 33  
ARG H2   H N N 34  
ARG HA   H N N 35  
ARG HB2  H N N 36  
ARG HB3  H N N 37  
ARG HG2  H N N 38  
ARG HG3  H N N 39  
ARG HD2  H N N 40  
ARG HD3  H N N 41  
ARG HE   H N N 42  
ARG HH11 H N N 43  
ARG HH12 H N N 44  
ARG HH21 H N N 45  
ARG HH22 H N N 46  
ARG HXT  H N N 47  
ASN N    N N N 48  
ASN CA   C N S 49  
ASN C    C N N 50  
ASN O    O N N 51  
ASN CB   C N N 52  
ASN CG   C N N 53  
ASN OD1  O N N 54  
ASN ND2  N N N 55  
ASN OXT  O N N 56  
ASN H    H N N 57  
ASN H2   H N N 58  
ASN HA   H N N 59  
ASN HB2  H N N 60  
ASN HB3  H N N 61  
ASN HD21 H N N 62  
ASN HD22 H N N 63  
ASN HXT  H N N 64  
ASP N    N N N 65  
ASP CA   C N S 66  
ASP C    C N N 67  
ASP O    O N N 68  
ASP CB   C N N 69  
ASP CG   C N N 70  
ASP OD1  O N N 71  
ASP OD2  O N N 72  
ASP OXT  O N N 73  
ASP H    H N N 74  
ASP H2   H N N 75  
ASP HA   H N N 76  
ASP HB2  H N N 77  
ASP HB3  H N N 78  
ASP HD2  H N N 79  
ASP HXT  H N N 80  
CYS N    N N N 81  
CYS CA   C N R 82  
CYS C    C N N 83  
CYS O    O N N 84  
CYS CB   C N N 85  
CYS SG   S N N 86  
CYS OXT  O N N 87  
CYS H    H N N 88  
CYS H2   H N N 89  
CYS HA   H N N 90  
CYS HB2  H N N 91  
CYS HB3  H N N 92  
CYS HG   H N N 93  
CYS HXT  H N N 94  
DMS S    S N N 95  
DMS O    O N N 96  
DMS C1   C N N 97  
DMS C2   C N N 98  
DMS H11  H N N 99  
DMS H12  H N N 100 
DMS H13  H N N 101 
DMS H21  H N N 102 
DMS H22  H N N 103 
DMS H23  H N N 104 
EDO C1   C N N 105 
EDO O1   O N N 106 
EDO C2   C N N 107 
EDO O2   O N N 108 
EDO H11  H N N 109 
EDO H12  H N N 110 
EDO HO1  H N N 111 
EDO H21  H N N 112 
EDO H22  H N N 113 
EDO HO2  H N N 114 
GLN N    N N N 115 
GLN CA   C N S 116 
GLN C    C N N 117 
GLN O    O N N 118 
GLN CB   C N N 119 
GLN CG   C N N 120 
GLN CD   C N N 121 
GLN OE1  O N N 122 
GLN NE2  N N N 123 
GLN OXT  O N N 124 
GLN H    H N N 125 
GLN H2   H N N 126 
GLN HA   H N N 127 
GLN HB2  H N N 128 
GLN HB3  H N N 129 
GLN HG2  H N N 130 
GLN HG3  H N N 131 
GLN HE21 H N N 132 
GLN HE22 H N N 133 
GLN HXT  H N N 134 
GLU N    N N N 135 
GLU CA   C N S 136 
GLU C    C N N 137 
GLU O    O N N 138 
GLU CB   C N N 139 
GLU CG   C N N 140 
GLU CD   C N N 141 
GLU OE1  O N N 142 
GLU OE2  O N N 143 
GLU OXT  O N N 144 
GLU H    H N N 145 
GLU H2   H N N 146 
GLU HA   H N N 147 
GLU HB2  H N N 148 
GLU HB3  H N N 149 
GLU HG2  H N N 150 
GLU HG3  H N N 151 
GLU HE2  H N N 152 
GLU HXT  H N N 153 
GLY N    N N N 154 
GLY CA   C N N 155 
GLY C    C N N 156 
GLY O    O N N 157 
GLY OXT  O N N 158 
GLY H    H N N 159 
GLY H2   H N N 160 
GLY HA2  H N N 161 
GLY HA3  H N N 162 
GLY HXT  H N N 163 
HIS N    N N N 164 
HIS CA   C N S 165 
HIS C    C N N 166 
HIS O    O N N 167 
HIS CB   C N N 168 
HIS CG   C Y N 169 
HIS ND1  N Y N 170 
HIS CD2  C Y N 171 
HIS CE1  C Y N 172 
HIS NE2  N Y N 173 
HIS OXT  O N N 174 
HIS H    H N N 175 
HIS H2   H N N 176 
HIS HA   H N N 177 
HIS HB2  H N N 178 
HIS HB3  H N N 179 
HIS HD1  H N N 180 
HIS HD2  H N N 181 
HIS HE1  H N N 182 
HIS HE2  H N N 183 
HIS HXT  H N N 184 
HOH O    O N N 185 
HOH H1   H N N 186 
HOH H2   H N N 187 
ILE N    N N N 188 
ILE CA   C N S 189 
ILE C    C N N 190 
ILE O    O N N 191 
ILE CB   C N S 192 
ILE CG1  C N N 193 
ILE CG2  C N N 194 
ILE CD1  C N N 195 
ILE OXT  O N N 196 
ILE H    H N N 197 
ILE H2   H N N 198 
ILE HA   H N N 199 
ILE HB   H N N 200 
ILE HG12 H N N 201 
ILE HG13 H N N 202 
ILE HG21 H N N 203 
ILE HG22 H N N 204 
ILE HG23 H N N 205 
ILE HD11 H N N 206 
ILE HD12 H N N 207 
ILE HD13 H N N 208 
ILE HXT  H N N 209 
LES N1   N N N 210 
LES N3   N Y N 211 
LES C4   C N N 212 
LES C5   C N N 213 
LES C6   C Y N 214 
LES C7   C Y N 215 
LES C8   C Y N 216 
LES N    N N N 217 
LES C    C N N 218 
LES C1   C N N 219 
LES C2   C N N 220 
LES C3   C N S 221 
LES C9   C Y N 222 
LES N2   N Y N 223 
LES H1   H N N 224 
LES H2   H N N 225 
LES H3   H N N 226 
LES H4   H N N 227 
LES H5   H N N 228 
LES H6   H N N 229 
LES H7   H N N 230 
LES H8   H N N 231 
LES H10  H N N 232 
LES H11  H N N 233 
LES H12  H N N 234 
LES H13  H N N 235 
LES H14  H N N 236 
LES H15  H N N 237 
LES H16  H N N 238 
LES H17  H N N 239 
LEU N    N N N 240 
LEU CA   C N S 241 
LEU C    C N N 242 
LEU O    O N N 243 
LEU CB   C N N 244 
LEU CG   C N N 245 
LEU CD1  C N N 246 
LEU CD2  C N N 247 
LEU OXT  O N N 248 
LEU H    H N N 249 
LEU H2   H N N 250 
LEU HA   H N N 251 
LEU HB2  H N N 252 
LEU HB3  H N N 253 
LEU HG   H N N 254 
LEU HD11 H N N 255 
LEU HD12 H N N 256 
LEU HD13 H N N 257 
LEU HD21 H N N 258 
LEU HD22 H N N 259 
LEU HD23 H N N 260 
LEU HXT  H N N 261 
LYS N    N N N 262 
LYS CA   C N S 263 
LYS C    C N N 264 
LYS O    O N N 265 
LYS CB   C N N 266 
LYS CG   C N N 267 
LYS CD   C N N 268 
LYS CE   C N N 269 
LYS NZ   N N N 270 
LYS OXT  O N N 271 
LYS H    H N N 272 
LYS H2   H N N 273 
LYS HA   H N N 274 
LYS HB2  H N N 275 
LYS HB3  H N N 276 
LYS HG2  H N N 277 
LYS HG3  H N N 278 
LYS HD2  H N N 279 
LYS HD3  H N N 280 
LYS HE2  H N N 281 
LYS HE3  H N N 282 
LYS HZ1  H N N 283 
LYS HZ2  H N N 284 
LYS HZ3  H N N 285 
LYS HXT  H N N 286 
MET N    N N N 287 
MET CA   C N S 288 
MET C    C N N 289 
MET O    O N N 290 
MET CB   C N N 291 
MET CG   C N N 292 
MET SD   S N N 293 
MET CE   C N N 294 
MET OXT  O N N 295 
MET H    H N N 296 
MET H2   H N N 297 
MET HA   H N N 298 
MET HB2  H N N 299 
MET HB3  H N N 300 
MET HG2  H N N 301 
MET HG3  H N N 302 
MET HE1  H N N 303 
MET HE2  H N N 304 
MET HE3  H N N 305 
MET HXT  H N N 306 
PHE N    N N N 307 
PHE CA   C N S 308 
PHE C    C N N 309 
PHE O    O N N 310 
PHE CB   C N N 311 
PHE CG   C Y N 312 
PHE CD1  C Y N 313 
PHE CD2  C Y N 314 
PHE CE1  C Y N 315 
PHE CE2  C Y N 316 
PHE CZ   C Y N 317 
PHE OXT  O N N 318 
PHE H    H N N 319 
PHE H2   H N N 320 
PHE HA   H N N 321 
PHE HB2  H N N 322 
PHE HB3  H N N 323 
PHE HD1  H N N 324 
PHE HD2  H N N 325 
PHE HE1  H N N 326 
PHE HE2  H N N 327 
PHE HZ   H N N 328 
PHE HXT  H N N 329 
PRO N    N N N 330 
PRO CA   C N S 331 
PRO C    C N N 332 
PRO O    O N N 333 
PRO CB   C N N 334 
PRO CG   C N N 335 
PRO CD   C N N 336 
PRO OXT  O N N 337 
PRO H    H N N 338 
PRO HA   H N N 339 
PRO HB2  H N N 340 
PRO HB3  H N N 341 
PRO HG2  H N N 342 
PRO HG3  H N N 343 
PRO HD2  H N N 344 
PRO HD3  H N N 345 
PRO HXT  H N N 346 
SER N    N N N 347 
SER CA   C N S 348 
SER C    C N N 349 
SER O    O N N 350 
SER CB   C N N 351 
SER OG   O N N 352 
SER OXT  O N N 353 
SER H    H N N 354 
SER H2   H N N 355 
SER HA   H N N 356 
SER HB2  H N N 357 
SER HB3  H N N 358 
SER HG   H N N 359 
SER HXT  H N N 360 
THR N    N N N 361 
THR CA   C N S 362 
THR C    C N N 363 
THR O    O N N 364 
THR CB   C N R 365 
THR OG1  O N N 366 
THR CG2  C N N 367 
THR OXT  O N N 368 
THR H    H N N 369 
THR H2   H N N 370 
THR HA   H N N 371 
THR HB   H N N 372 
THR HG1  H N N 373 
THR HG21 H N N 374 
THR HG22 H N N 375 
THR HG23 H N N 376 
THR HXT  H N N 377 
TRP N    N N N 378 
TRP CA   C N S 379 
TRP C    C N N 380 
TRP O    O N N 381 
TRP CB   C N N 382 
TRP CG   C Y N 383 
TRP CD1  C Y N 384 
TRP CD2  C Y N 385 
TRP NE1  N Y N 386 
TRP CE2  C Y N 387 
TRP CE3  C Y N 388 
TRP CZ2  C Y N 389 
TRP CZ3  C Y N 390 
TRP CH2  C Y N 391 
TRP OXT  O N N 392 
TRP H    H N N 393 
TRP H2   H N N 394 
TRP HA   H N N 395 
TRP HB2  H N N 396 
TRP HB3  H N N 397 
TRP HD1  H N N 398 
TRP HE1  H N N 399 
TRP HE3  H N N 400 
TRP HZ2  H N N 401 
TRP HZ3  H N N 402 
TRP HH2  H N N 403 
TRP HXT  H N N 404 
TYR N    N N N 405 
TYR CA   C N S 406 
TYR C    C N N 407 
TYR O    O N N 408 
TYR CB   C N N 409 
TYR CG   C Y N 410 
TYR CD1  C Y N 411 
TYR CD2  C Y N 412 
TYR CE1  C Y N 413 
TYR CE2  C Y N 414 
TYR CZ   C Y N 415 
TYR OH   O N N 416 
TYR OXT  O N N 417 
TYR H    H N N 418 
TYR H2   H N N 419 
TYR HA   H N N 420 
TYR HB2  H N N 421 
TYR HB3  H N N 422 
TYR HD1  H N N 423 
TYR HD2  H N N 424 
TYR HE1  H N N 425 
TYR HE2  H N N 426 
TYR HH   H N N 427 
TYR HXT  H N N 428 
VAL N    N N N 429 
VAL CA   C N S 430 
VAL C    C N N 431 
VAL O    O N N 432 
VAL CB   C N N 433 
VAL CG1  C N N 434 
VAL CG2  C N N 435 
VAL OXT  O N N 436 
VAL H    H N N 437 
VAL H2   H N N 438 
VAL HA   H N N 439 
VAL HB   H N N 440 
VAL HG11 H N N 441 
VAL HG12 H N N 442 
VAL HG13 H N N 443 
VAL HG21 H N N 444 
VAL HG22 H N N 445 
VAL HG23 H N N 446 
VAL HXT  H N N 447 
# 
loop_
_chem_comp_bond.comp_id 
_chem_comp_bond.atom_id_1 
_chem_comp_bond.atom_id_2 
_chem_comp_bond.value_order 
_chem_comp_bond.pdbx_aromatic_flag 
_chem_comp_bond.pdbx_stereo_config 
_chem_comp_bond.pdbx_ordinal 
ACT C   O    doub N N 1   
ACT C   OXT  sing N N 2   
ACT C   CH3  sing N N 3   
ACT CH3 H1   sing N N 4   
ACT CH3 H2   sing N N 5   
ACT CH3 H3   sing N N 6   
ALA N   CA   sing N N 7   
ALA N   H    sing N N 8   
ALA N   H2   sing N N 9   
ALA CA  C    sing N N 10  
ALA CA  CB   sing N N 11  
ALA CA  HA   sing N N 12  
ALA C   O    doub N N 13  
ALA C   OXT  sing N N 14  
ALA CB  HB1  sing N N 15  
ALA CB  HB2  sing N N 16  
ALA CB  HB3  sing N N 17  
ALA OXT HXT  sing N N 18  
ARG N   CA   sing N N 19  
ARG N   H    sing N N 20  
ARG N   H2   sing N N 21  
ARG CA  C    sing N N 22  
ARG CA  CB   sing N N 23  
ARG CA  HA   sing N N 24  
ARG C   O    doub N N 25  
ARG C   OXT  sing N N 26  
ARG CB  CG   sing N N 27  
ARG CB  HB2  sing N N 28  
ARG CB  HB3  sing N N 29  
ARG CG  CD   sing N N 30  
ARG CG  HG2  sing N N 31  
ARG CG  HG3  sing N N 32  
ARG CD  NE   sing N N 33  
ARG CD  HD2  sing N N 34  
ARG CD  HD3  sing N N 35  
ARG NE  CZ   sing N N 36  
ARG NE  HE   sing N N 37  
ARG CZ  NH1  sing N N 38  
ARG CZ  NH2  doub N N 39  
ARG NH1 HH11 sing N N 40  
ARG NH1 HH12 sing N N 41  
ARG NH2 HH21 sing N N 42  
ARG NH2 HH22 sing N N 43  
ARG OXT HXT  sing N N 44  
ASN N   CA   sing N N 45  
ASN N   H    sing N N 46  
ASN N   H2   sing N N 47  
ASN CA  C    sing N N 48  
ASN CA  CB   sing N N 49  
ASN CA  HA   sing N N 50  
ASN C   O    doub N N 51  
ASN C   OXT  sing N N 52  
ASN CB  CG   sing N N 53  
ASN CB  HB2  sing N N 54  
ASN CB  HB3  sing N N 55  
ASN CG  OD1  doub N N 56  
ASN CG  ND2  sing N N 57  
ASN ND2 HD21 sing N N 58  
ASN ND2 HD22 sing N N 59  
ASN OXT HXT  sing N N 60  
ASP N   CA   sing N N 61  
ASP N   H    sing N N 62  
ASP N   H2   sing N N 63  
ASP CA  C    sing N N 64  
ASP CA  CB   sing N N 65  
ASP CA  HA   sing N N 66  
ASP C   O    doub N N 67  
ASP C   OXT  sing N N 68  
ASP CB  CG   sing N N 69  
ASP CB  HB2  sing N N 70  
ASP CB  HB3  sing N N 71  
ASP CG  OD1  doub N N 72  
ASP CG  OD2  sing N N 73  
ASP OD2 HD2  sing N N 74  
ASP OXT HXT  sing N N 75  
CYS N   CA   sing N N 76  
CYS N   H    sing N N 77  
CYS N   H2   sing N N 78  
CYS CA  C    sing N N 79  
CYS CA  CB   sing N N 80  
CYS CA  HA   sing N N 81  
CYS C   O    doub N N 82  
CYS C   OXT  sing N N 83  
CYS CB  SG   sing N N 84  
CYS CB  HB2  sing N N 85  
CYS CB  HB3  sing N N 86  
CYS SG  HG   sing N N 87  
CYS OXT HXT  sing N N 88  
DMS S   O    doub N N 89  
DMS S   C1   sing N N 90  
DMS S   C2   sing N N 91  
DMS C1  H11  sing N N 92  
DMS C1  H12  sing N N 93  
DMS C1  H13  sing N N 94  
DMS C2  H21  sing N N 95  
DMS C2  H22  sing N N 96  
DMS C2  H23  sing N N 97  
EDO C1  O1   sing N N 98  
EDO C1  C2   sing N N 99  
EDO C1  H11  sing N N 100 
EDO C1  H12  sing N N 101 
EDO O1  HO1  sing N N 102 
EDO C2  O2   sing N N 103 
EDO C2  H21  sing N N 104 
EDO C2  H22  sing N N 105 
EDO O2  HO2  sing N N 106 
GLN N   CA   sing N N 107 
GLN N   H    sing N N 108 
GLN N   H2   sing N N 109 
GLN CA  C    sing N N 110 
GLN CA  CB   sing N N 111 
GLN CA  HA   sing N N 112 
GLN C   O    doub N N 113 
GLN C   OXT  sing N N 114 
GLN CB  CG   sing N N 115 
GLN CB  HB2  sing N N 116 
GLN CB  HB3  sing N N 117 
GLN CG  CD   sing N N 118 
GLN CG  HG2  sing N N 119 
GLN CG  HG3  sing N N 120 
GLN CD  OE1  doub N N 121 
GLN CD  NE2  sing N N 122 
GLN NE2 HE21 sing N N 123 
GLN NE2 HE22 sing N N 124 
GLN OXT HXT  sing N N 125 
GLU N   CA   sing N N 126 
GLU N   H    sing N N 127 
GLU N   H2   sing N N 128 
GLU CA  C    sing N N 129 
GLU CA  CB   sing N N 130 
GLU CA  HA   sing N N 131 
GLU C   O    doub N N 132 
GLU C   OXT  sing N N 133 
GLU CB  CG   sing N N 134 
GLU CB  HB2  sing N N 135 
GLU CB  HB3  sing N N 136 
GLU CG  CD   sing N N 137 
GLU CG  HG2  sing N N 138 
GLU CG  HG3  sing N N 139 
GLU CD  OE1  doub N N 140 
GLU CD  OE2  sing N N 141 
GLU OE2 HE2  sing N N 142 
GLU OXT HXT  sing N N 143 
GLY N   CA   sing N N 144 
GLY N   H    sing N N 145 
GLY N   H2   sing N N 146 
GLY CA  C    sing N N 147 
GLY CA  HA2  sing N N 148 
GLY CA  HA3  sing N N 149 
GLY C   O    doub N N 150 
GLY C   OXT  sing N N 151 
GLY OXT HXT  sing N N 152 
HIS N   CA   sing N N 153 
HIS N   H    sing N N 154 
HIS N   H2   sing N N 155 
HIS CA  C    sing N N 156 
HIS CA  CB   sing N N 157 
HIS CA  HA   sing N N 158 
HIS C   O    doub N N 159 
HIS C   OXT  sing N N 160 
HIS CB  CG   sing N N 161 
HIS CB  HB2  sing N N 162 
HIS CB  HB3  sing N N 163 
HIS CG  ND1  sing Y N 164 
HIS CG  CD2  doub Y N 165 
HIS ND1 CE1  doub Y N 166 
HIS ND1 HD1  sing N N 167 
HIS CD2 NE2  sing Y N 168 
HIS CD2 HD2  sing N N 169 
HIS CE1 NE2  sing Y N 170 
HIS CE1 HE1  sing N N 171 
HIS NE2 HE2  sing N N 172 
HIS OXT HXT  sing N N 173 
HOH O   H1   sing N N 174 
HOH O   H2   sing N N 175 
ILE N   CA   sing N N 176 
ILE N   H    sing N N 177 
ILE N   H2   sing N N 178 
ILE CA  C    sing N N 179 
ILE CA  CB   sing N N 180 
ILE CA  HA   sing N N 181 
ILE C   O    doub N N 182 
ILE C   OXT  sing N N 183 
ILE CB  CG1  sing N N 184 
ILE CB  CG2  sing N N 185 
ILE CB  HB   sing N N 186 
ILE CG1 CD1  sing N N 187 
ILE CG1 HG12 sing N N 188 
ILE CG1 HG13 sing N N 189 
ILE CG2 HG21 sing N N 190 
ILE CG2 HG22 sing N N 191 
ILE CG2 HG23 sing N N 192 
ILE CD1 HD11 sing N N 193 
ILE CD1 HD12 sing N N 194 
ILE CD1 HD13 sing N N 195 
ILE OXT HXT  sing N N 196 
LES C9  C8   doub Y N 197 
LES C9  N3   sing Y N 198 
LES C8  C7   sing Y N 199 
LES N3  C6   doub Y N 200 
LES C7  N2   doub Y N 201 
LES C6  N2   sing Y N 202 
LES C6  N1   sing N N 203 
LES N1  C3   sing N N 204 
LES C2  C3   sing N N 205 
LES C2  C1   sing N N 206 
LES C3  C4   sing N N 207 
LES C1  C    sing N N 208 
LES C4  N    sing N N 209 
LES C   C5   sing N N 210 
LES N   C5   sing N N 211 
LES N1  H1   sing N N 212 
LES C4  H2   sing N N 213 
LES C4  H3   sing N N 214 
LES C5  H4   sing N N 215 
LES C5  H5   sing N N 216 
LES C7  H6   sing N N 217 
LES C8  H7   sing N N 218 
LES N   H8   sing N N 219 
LES C   H10  sing N N 220 
LES C   H11  sing N N 221 
LES C1  H12  sing N N 222 
LES C1  H13  sing N N 223 
LES C2  H14  sing N N 224 
LES C2  H15  sing N N 225 
LES C3  H16  sing N N 226 
LES C9  H17  sing N N 227 
LEU N   CA   sing N N 228 
LEU N   H    sing N N 229 
LEU N   H2   sing N N 230 
LEU CA  C    sing N N 231 
LEU CA  CB   sing N N 232 
LEU CA  HA   sing N N 233 
LEU C   O    doub N N 234 
LEU C   OXT  sing N N 235 
LEU CB  CG   sing N N 236 
LEU CB  HB2  sing N N 237 
LEU CB  HB3  sing N N 238 
LEU CG  CD1  sing N N 239 
LEU CG  CD2  sing N N 240 
LEU CG  HG   sing N N 241 
LEU CD1 HD11 sing N N 242 
LEU CD1 HD12 sing N N 243 
LEU CD1 HD13 sing N N 244 
LEU CD2 HD21 sing N N 245 
LEU CD2 HD22 sing N N 246 
LEU CD2 HD23 sing N N 247 
LEU OXT HXT  sing N N 248 
LYS N   CA   sing N N 249 
LYS N   H    sing N N 250 
LYS N   H2   sing N N 251 
LYS CA  C    sing N N 252 
LYS CA  CB   sing N N 253 
LYS CA  HA   sing N N 254 
LYS C   O    doub N N 255 
LYS C   OXT  sing N N 256 
LYS CB  CG   sing N N 257 
LYS CB  HB2  sing N N 258 
LYS CB  HB3  sing N N 259 
LYS CG  CD   sing N N 260 
LYS CG  HG2  sing N N 261 
LYS CG  HG3  sing N N 262 
LYS CD  CE   sing N N 263 
LYS CD  HD2  sing N N 264 
LYS CD  HD3  sing N N 265 
LYS CE  NZ   sing N N 266 
LYS CE  HE2  sing N N 267 
LYS CE  HE3  sing N N 268 
LYS NZ  HZ1  sing N N 269 
LYS NZ  HZ2  sing N N 270 
LYS NZ  HZ3  sing N N 271 
LYS OXT HXT  sing N N 272 
MET N   CA   sing N N 273 
MET N   H    sing N N 274 
MET N   H2   sing N N 275 
MET CA  C    sing N N 276 
MET CA  CB   sing N N 277 
MET CA  HA   sing N N 278 
MET C   O    doub N N 279 
MET C   OXT  sing N N 280 
MET CB  CG   sing N N 281 
MET CB  HB2  sing N N 282 
MET CB  HB3  sing N N 283 
MET CG  SD   sing N N 284 
MET CG  HG2  sing N N 285 
MET CG  HG3  sing N N 286 
MET SD  CE   sing N N 287 
MET CE  HE1  sing N N 288 
MET CE  HE2  sing N N 289 
MET CE  HE3  sing N N 290 
MET OXT HXT  sing N N 291 
PHE N   CA   sing N N 292 
PHE N   H    sing N N 293 
PHE N   H2   sing N N 294 
PHE CA  C    sing N N 295 
PHE CA  CB   sing N N 296 
PHE CA  HA   sing N N 297 
PHE C   O    doub N N 298 
PHE C   OXT  sing N N 299 
PHE CB  CG   sing N N 300 
PHE CB  HB2  sing N N 301 
PHE CB  HB3  sing N N 302 
PHE CG  CD1  doub Y N 303 
PHE CG  CD2  sing Y N 304 
PHE CD1 CE1  sing Y N 305 
PHE CD1 HD1  sing N N 306 
PHE CD2 CE2  doub Y N 307 
PHE CD2 HD2  sing N N 308 
PHE CE1 CZ   doub Y N 309 
PHE CE1 HE1  sing N N 310 
PHE CE2 CZ   sing Y N 311 
PHE CE2 HE2  sing N N 312 
PHE CZ  HZ   sing N N 313 
PHE OXT HXT  sing N N 314 
PRO N   CA   sing N N 315 
PRO N   CD   sing N N 316 
PRO N   H    sing N N 317 
PRO CA  C    sing N N 318 
PRO CA  CB   sing N N 319 
PRO CA  HA   sing N N 320 
PRO C   O    doub N N 321 
PRO C   OXT  sing N N 322 
PRO CB  CG   sing N N 323 
PRO CB  HB2  sing N N 324 
PRO CB  HB3  sing N N 325 
PRO CG  CD   sing N N 326 
PRO CG  HG2  sing N N 327 
PRO CG  HG3  sing N N 328 
PRO CD  HD2  sing N N 329 
PRO CD  HD3  sing N N 330 
PRO OXT HXT  sing N N 331 
SER N   CA   sing N N 332 
SER N   H    sing N N 333 
SER N   H2   sing N N 334 
SER CA  C    sing N N 335 
SER CA  CB   sing N N 336 
SER CA  HA   sing N N 337 
SER C   O    doub N N 338 
SER C   OXT  sing N N 339 
SER CB  OG   sing N N 340 
SER CB  HB2  sing N N 341 
SER CB  HB3  sing N N 342 
SER OG  HG   sing N N 343 
SER OXT HXT  sing N N 344 
THR N   CA   sing N N 345 
THR N   H    sing N N 346 
THR N   H2   sing N N 347 
THR CA  C    sing N N 348 
THR CA  CB   sing N N 349 
THR CA  HA   sing N N 350 
THR C   O    doub N N 351 
THR C   OXT  sing N N 352 
THR CB  OG1  sing N N 353 
THR CB  CG2  sing N N 354 
THR CB  HB   sing N N 355 
THR OG1 HG1  sing N N 356 
THR CG2 HG21 sing N N 357 
THR CG2 HG22 sing N N 358 
THR CG2 HG23 sing N N 359 
THR OXT HXT  sing N N 360 
TRP N   CA   sing N N 361 
TRP N   H    sing N N 362 
TRP N   H2   sing N N 363 
TRP CA  C    sing N N 364 
TRP CA  CB   sing N N 365 
TRP CA  HA   sing N N 366 
TRP C   O    doub N N 367 
TRP C   OXT  sing N N 368 
TRP CB  CG   sing N N 369 
TRP CB  HB2  sing N N 370 
TRP CB  HB3  sing N N 371 
TRP CG  CD1  doub Y N 372 
TRP CG  CD2  sing Y N 373 
TRP CD1 NE1  sing Y N 374 
TRP CD1 HD1  sing N N 375 
TRP CD2 CE2  doub Y N 376 
TRP CD2 CE3  sing Y N 377 
TRP NE1 CE2  sing Y N 378 
TRP NE1 HE1  sing N N 379 
TRP CE2 CZ2  sing Y N 380 
TRP CE3 CZ3  doub Y N 381 
TRP CE3 HE3  sing N N 382 
TRP CZ2 CH2  doub Y N 383 
TRP CZ2 HZ2  sing N N 384 
TRP CZ3 CH2  sing Y N 385 
TRP CZ3 HZ3  sing N N 386 
TRP CH2 HH2  sing N N 387 
TRP OXT HXT  sing N N 388 
TYR N   CA   sing N N 389 
TYR N   H    sing N N 390 
TYR N   H2   sing N N 391 
TYR CA  C    sing N N 392 
TYR CA  CB   sing N N 393 
TYR CA  HA   sing N N 394 
TYR C   O    doub N N 395 
TYR C   OXT  sing N N 396 
TYR CB  CG   sing N N 397 
TYR CB  HB2  sing N N 398 
TYR CB  HB3  sing N N 399 
TYR CG  CD1  doub Y N 400 
TYR CG  CD2  sing Y N 401 
TYR CD1 CE1  sing Y N 402 
TYR CD1 HD1  sing N N 403 
TYR CD2 CE2  doub Y N 404 
TYR CD2 HD2  sing N N 405 
TYR CE1 CZ   doub Y N 406 
TYR CE1 HE1  sing N N 407 
TYR CE2 CZ   sing Y N 408 
TYR CE2 HE2  sing N N 409 
TYR CZ  OH   sing N N 410 
TYR OH  HH   sing N N 411 
TYR OXT HXT  sing N N 412 
VAL N   CA   sing N N 413 
VAL N   H    sing N N 414 
VAL N   H2   sing N N 415 
VAL CA  C    sing N N 416 
VAL CA  CB   sing N N 417 
VAL CA  HA   sing N N 418 
VAL C   O    doub N N 419 
VAL C   OXT  sing N N 420 
VAL CB  CG1  sing N N 421 
VAL CB  CG2  sing N N 422 
VAL CB  HB   sing N N 423 
VAL CG1 HG11 sing N N 424 
VAL CG1 HG12 sing N N 425 
VAL CG1 HG13 sing N N 426 
VAL CG2 HG21 sing N N 427 
VAL CG2 HG22 sing N N 428 
VAL CG2 HG23 sing N N 429 
VAL OXT HXT  sing N N 430 
# 
_pdbx_deposit_group.group_id            G_1002061 
_pdbx_deposit_group.group_description   
;XDomainX of XOrganismX DCP2 (NUDT20) screened against the XXX Fragment Library by X-ray Crystallography at the XChem facility of Diamond Light Source beamline I04-1
;
_pdbx_deposit_group.group_title         'PanDDA analysis group deposition' 
_pdbx_deposit_group.group_type          'changed state' 
# 
_pdbx_related_exp_data_set.ordinal              1 
_pdbx_related_exp_data_set.data_reference       10.5281/zenodo.1437589 
_pdbx_related_exp_data_set.metadata_reference   10.5281/zenodo.1437589 
_pdbx_related_exp_data_set.data_set_type        'other data' 
_pdbx_related_exp_data_set.details              'Complete PanDDA analysis' 
# 
_atom_sites.entry_id                    5QOS 
_atom_sites.fract_transf_matrix[1][1]   0.01957667 
_atom_sites.fract_transf_matrix[1][2]   0.00559146 
_atom_sites.fract_transf_matrix[1][3]   -0.00437838 
_atom_sites.fract_transf_matrix[2][1]   -0.00124367 
_atom_sites.fract_transf_matrix[2][2]   0.01264239 
_atom_sites.fract_transf_matrix[2][3]   0.01058440 
_atom_sites.fract_transf_matrix[3][1]   0.00512503 
_atom_sites.fract_transf_matrix[3][2]   -0.00902810 
_atom_sites.fract_transf_matrix[3][3]   0.01138569 
_atom_sites.fract_transf_vector[1]      -0.889351 
_atom_sites.fract_transf_vector[2]      0.226037 
_atom_sites.fract_transf_vector[3]      1.164248 
# 
loop_
_atom_type.symbol 
C 
N 
O 
S 
# 
loop_
_atom_site.group_PDB 
_atom_site.id 
_atom_site.type_symbol 
_atom_site.label_atom_id 
_atom_site.label_alt_id 
_atom_site.label_comp_id 
_atom_site.label_asym_id 
_atom_site.label_entity_id 
_atom_site.label_seq_id 
_atom_site.pdbx_PDB_ins_code 
_atom_site.Cartn_x 
_atom_site.Cartn_y 
_atom_site.Cartn_z 
_atom_site.occupancy 
_atom_site.B_iso_or_equiv 
_atom_site.pdbx_formal_charge 
_atom_site.auth_seq_id 
_atom_site.auth_comp_id 
_atom_site.auth_asym_id 
_atom_site.auth_atom_id 
_atom_site.pdbx_PDB_model_num 
ATOM   1    N N   . GLY A 1 3   ? 18.592  4.769   -3.445  1.00 64.06  ? 96  GLY A N   1 
ATOM   2    C CA  . GLY A 1 3   ? 17.824  4.583   -2.149  1.00 61.56  ? 96  GLY A CA  1 
ATOM   3    C C   . GLY A 1 3   ? 17.657  3.083   -1.885  1.00 51.09  ? 96  GLY A C   1 
ATOM   4    O O   . GLY A 1 3   ? 17.605  2.299   -2.847  1.00 55.29  ? 96  GLY A O   1 
ATOM   5    N N   . VAL A 1 4   ? 17.608  2.675   -0.615  1.00 48.28  ? 97  VAL A N   1 
ATOM   6    C CA  . VAL A 1 4   ? 17.361  1.255   -0.297  1.00 49.75  ? 97  VAL A CA  1 
ATOM   7    C C   . VAL A 1 4   ? 15.924  0.879   -0.770  1.00 41.04  ? 97  VAL A C   1 
ATOM   8    O O   . VAL A 1 4   ? 14.996  1.530   -0.356  1.00 40.69  ? 97  VAL A O   1 
ATOM   9    C CB  . VAL A 1 4   ? 17.445  0.966   1.213   1.00 55.00  ? 97  VAL A CB  1 
ATOM   10   C CG1 . VAL A 1 4   ? 17.200  -0.532  1.470   1.00 49.73  ? 97  VAL A CG1 1 
ATOM   11   C CG2 . VAL A 1 4   ? 18.801  1.437   1.807   1.00 59.75  ? 97  VAL A CG2 1 
ATOM   12   N N   . PRO A 1 5   ? 15.775  -0.172  -1.585  1.00 38.47  ? 98  PRO A N   1 
ATOM   13   C CA  . PRO A 1 5   ? 14.415  -0.497  -2.055  1.00 36.14  ? 98  PRO A CA  1 
ATOM   14   C C   . PRO A 1 5   ? 13.483  -0.969  -0.946  1.00 32.61  ? 98  PRO A C   1 
ATOM   15   O O   . PRO A 1 5   ? 13.921  -1.486  0.100   1.00 31.74  ? 98  PRO A O   1 
ATOM   16   C CB  . PRO A 1 5   ? 14.614  -1.570  -3.108  1.00 41.57  ? 98  PRO A CB  1 
ATOM   17   C CG  . PRO A 1 5   ? 16.054  -1.928  -3.069  1.00 40.35  ? 98  PRO A CG  1 
ATOM   18   C CD  . PRO A 1 5   ? 16.802  -0.923  -2.315  1.00 40.55  ? 98  PRO A CD  1 
ATOM   19   N N   . THR A 1 6   ? 12.167  -0.691  -1.163  1.00 30.13  ? 99  THR A N   1 
ATOM   20   C CA  . THR A 1 6   ? 11.130  -1.170  -0.188  1.00 28.92  ? 99  THR A CA  1 
ATOM   21   C C   . THR A 1 6   ? 10.206  -2.150  -0.885  1.00 24.89  ? 99  THR A C   1 
ATOM   22   O O   . THR A 1 6   ? 9.950   -2.085  -2.099  1.00 25.16  ? 99  THR A O   1 
ATOM   23   C CB  . THR A 1 6   ? 10.376  0.043   0.384   1.00 28.26  ? 99  THR A CB  1 
ATOM   24   O OG1 . THR A 1 6   ? 9.801   0.795   -0.695  1.00 27.10  ? 99  THR A OG1 1 
ATOM   25   C CG2 . THR A 1 6   ? 11.310  0.907   1.181   1.00 29.86  ? 99  THR A CG2 1 
ATOM   26   N N   . TYR A 1 7   ? 9.703   -3.095  -0.068  1.00 27.92  ? 100 TYR A N   1 
ATOM   27   C CA  . TYR A 1 7   ? 8.810   -4.116  -0.548  1.00 25.97  ? 100 TYR A CA  1 
ATOM   28   C C   . TYR A 1 7   ? 7.677   -4.233  0.437   1.00 20.78  ? 100 TYR A C   1 
ATOM   29   O O   . TYR A 1 7   ? 7.865   -4.069  1.638   1.00 24.45  ? 100 TYR A O   1 
ATOM   30   C CB  . TYR A 1 7   ? 9.509   -5.492  -0.721  1.00 27.66  ? 100 TYR A CB  1 
ATOM   31   C CG  . TYR A 1 7   ? 10.672  -5.405  -1.671  1.00 28.76  ? 100 TYR A CG  1 
ATOM   32   C CD1 . TYR A 1 7   ? 10.468  -5.504  -3.006  1.00 30.80  ? 100 TYR A CD1 1 
ATOM   33   C CD2 . TYR A 1 7   ? 12.001  -5.194  -1.189  1.00 32.68  ? 100 TYR A CD2 1 
ATOM   34   C CE1 . TYR A 1 7   ? 11.513  -5.343  -3.912  1.00 35.79  ? 100 TYR A CE1 1 
ATOM   35   C CE2 . TYR A 1 7   ? 13.046  -5.025  -2.071  1.00 33.05  ? 100 TYR A CE2 1 
ATOM   36   C CZ  . TYR A 1 7   ? 12.810  -5.179  -3.404  1.00 33.68  ? 100 TYR A CZ  1 
ATOM   37   O OH  . TYR A 1 7   ? 13.787  -5.066  -4.336  1.00 36.99  ? 100 TYR A OH  1 
ATOM   38   N N   . GLY A 1 8   ? 6.494   -4.540  -0.121  1.00 23.13  ? 101 GLY A N   1 
ATOM   39   C CA  . GLY A 1 8   ? 5.346   -4.695  0.704   1.00 24.31  ? 101 GLY A CA  1 
ATOM   40   C C   . GLY A 1 8   ? 4.192   -5.264  -0.115  1.00 21.32  ? 101 GLY A C   1 
ATOM   41   O O   . GLY A 1 8   ? 4.388   -6.038  -1.031  1.00 24.41  ? 101 GLY A O   1 
ATOM   42   N N   . ALA A 1 9   ? 2.982   -4.954  0.288   1.00 23.04  ? 102 ALA A N   1 
ATOM   43   C CA  . ALA A 1 9   ? 1.810   -5.546  -0.380  1.00 20.46  ? 102 ALA A CA  1 
ATOM   44   C C   . ALA A 1 9   ? 0.597   -4.625  -0.465  1.00 21.39  ? 102 ALA A C   1 
ATOM   45   O O   . ALA A 1 9   ? 0.375   -3.752  0.393   1.00 20.86  ? 102 ALA A O   1 
ATOM   46   C CB  . ALA A 1 9   ? 1.343   -6.843  0.305   1.00 20.62  ? 102 ALA A CB  1 
ATOM   47   N N   . ILE A 1 10  ? -0.151  -4.887  -1.530  1.00 20.67  ? 103 ILE A N   1 
ATOM   48   C CA  . ILE A 1 10  ? -1.530  -4.422  -1.719  1.00 19.98  ? 103 ILE A CA  1 
ATOM   49   C C   . ILE A 1 10  ? -2.402  -5.611  -1.478  1.00 20.11  ? 103 ILE A C   1 
ATOM   50   O O   . ILE A 1 10  ? -2.527  -6.502  -2.347  1.00 20.17  ? 103 ILE A O   1 
ATOM   51   C CB  . ILE A 1 10  ? -1.749  -3.874  -3.120  1.00 23.06  ? 103 ILE A CB  1 
ATOM   52   C CG1 . ILE A 1 10  ? -0.895  -2.653  -3.344  1.00 23.83  ? 103 ILE A CG1 1 
ATOM   53   C CG2 . ILE A 1 10  ? -3.183  -3.516  -3.344  1.00 24.22  ? 103 ILE A CG2 1 
ATOM   54   C CD1 . ILE A 1 10  ? -0.756  -2.108  -4.777  1.00 26.40  ? 103 ILE A CD1 1 
ATOM   55   N N   . ILE A 1 11  ? -3.073  -5.624  -0.341  1.00 19.55  ? 104 ILE A N   1 
ATOM   56   C CA  . ILE A 1 11  ? -3.956  -6.684  0.040   1.00 21.95  ? 104 ILE A CA  1 
ATOM   57   C C   . ILE A 1 11  ? -5.368  -6.221  -0.282  1.00 21.79  ? 104 ILE A C   1 
ATOM   58   O O   . ILE A 1 11  ? -5.740  -5.092  0.085   1.00 20.86  ? 104 ILE A O   1 
ATOM   59   C CB  . ILE A 1 11  ? -3.836  -6.954  1.571   1.00 21.58  ? 104 ILE A CB  1 
ATOM   60   C CG1 . ILE A 1 11  ? -2.462  -7.589  1.880   1.00 23.40  ? 104 ILE A CG1 1 
ATOM   61   C CG2 . ILE A 1 11  ? -4.938  -7.847  2.033   1.00 23.49  ? 104 ILE A CG2 1 
ATOM   62   C CD1 . ILE A 1 11  ? -2.042  -7.522  3.335   1.00 25.03  ? 104 ILE A CD1 1 
ATOM   63   N N   . LEU A 1 12  ? -6.081  -7.047  -1.036  1.00 20.82  ? 105 LEU A N   1 
ATOM   64   C CA  . LEU A 1 12  ? -7.450  -6.817  -1.386  1.00 21.19  ? 105 LEU A CA  1 
ATOM   65   C C   . LEU A 1 12  ? -8.307  -7.885  -0.757  1.00 21.94  ? 105 LEU A C   1 
ATOM   66   O O   . LEU A 1 12  ? -7.870  -9.004  -0.461  1.00 22.88  ? 105 LEU A O   1 
ATOM   67   C CB  . LEU A 1 12  ? -7.636  -6.878  -2.891  1.00 23.95  ? 105 LEU A CB  1 
ATOM   68   C CG  . LEU A 1 12  ? -6.844  -5.868  -3.715  1.00 31.65  ? 105 LEU A CG  1 
ATOM   69   C CD1 . LEU A 1 12  ? -5.613  -6.473  -4.254  1.00 36.44  ? 105 LEU A CD1 1 
ATOM   70   C CD2 . LEU A 1 12  ? -7.662  -5.458  -4.936  1.00 44.94  ? 105 LEU A CD2 1 
ATOM   71   N N   . ASP A 1 13  ? -9.604  -7.521  -0.572  1.00 21.40  ? 106 ASP A N   1 
ATOM   72   C CA  . ASP A 1 13  ? -10.565 -8.475  -0.023  1.00 21.98  ? 106 ASP A CA  1 
ATOM   73   C C   . ASP A 1 13  ? -11.153 -9.347  -1.118  1.00 25.86  ? 106 ASP A C   1 
ATOM   74   O O   . ASP A 1 13  ? -10.659 -9.371  -2.240  1.00 25.63  ? 106 ASP A O   1 
ATOM   75   C CB  . ASP A 1 13  ? -11.652 -7.663  0.684   1.00 24.96  ? 106 ASP A CB  1 
ATOM   76   C CG  . ASP A 1 13  ? -12.549 -6.865  -0.258  1.00 29.17  ? 106 ASP A CG  1 
ATOM   77   O OD1 . ASP A 1 13  ? -12.207 -6.477  -1.387  1.00 28.71  ? 106 ASP A OD1 1 
ATOM   78   O OD2 . ASP A 1 13  ? -13.580 -6.483  0.292   1.00 38.74  ? 106 ASP A OD2 1 
ATOM   79   N N   . GLU A 1 14  ? -12.123 -10.173 -0.729  1.00 25.78  ? 107 GLU A N   1 
ATOM   80   C CA  . GLU A 1 14  ? -12.709 -11.103 -1.689  1.00 27.89  ? 107 GLU A CA  1 
ATOM   81   C C   . GLU A 1 14  ? -13.449 -10.466 -2.819  1.00 27.79  ? 107 GLU A C   1 
ATOM   82   O O   . GLU A 1 14  ? -13.512 -11.031 -3.960  1.00 28.07  ? 107 GLU A O   1 
ATOM   83   C CB  . GLU A 1 14  ? -13.603 -12.122 -0.981  1.00 34.07  ? 107 GLU A CB  1 
ATOM   84   C CG  . GLU A 1 14  ? -14.657 -11.578 -0.062  1.00 39.06  ? 107 GLU A CG  1 
ATOM   85   C CD  . GLU A 1 14  ? -14.216 -11.390 1.388   1.00 43.72  ? 107 GLU A CD  1 
ATOM   86   O OE1 . GLU A 1 14  ? -13.468 -10.458 1.693   1.00 34.49  ? 107 GLU A OE1 1 
ATOM   87   O OE2 . GLU A 1 14  ? -14.631 -12.152 2.279   1.00 56.45  ? 107 GLU A OE2 1 
ATOM   88   N N   . THR A 1 15  ? -14.008 -9.256  -2.604  1.00 27.26  ? 108 THR A N   1 
ATOM   89   C CA  . THR A 1 15  ? -14.786 -8.655  -3.682  1.00 26.69  ? 108 THR A CA  1 
ATOM   90   C C   . THR A 1 15  ? -13.945 -7.868  -4.624  1.00 25.83  ? 108 THR A C   1 
ATOM   91   O O   . THR A 1 15  ? -14.409 -7.370  -5.639  1.00 27.44  ? 108 THR A O   1 
ATOM   92   C CB  . THR A 1 15  ? -15.874 -7.688  -3.115  1.00 32.05  ? 108 THR A CB  1 
ATOM   93   O OG1 . THR A 1 15  ? -15.266 -6.585  -2.493  1.00 31.14  ? 108 THR A OG1 1 
ATOM   94   C CG2 . THR A 1 15  ? -16.724 -8.360  -2.062  1.00 39.66  ? 108 THR A CG2 1 
ATOM   95   N N   . LEU A 1 16  ? -12.655 -7.681  -4.266  1.00 23.98  ? 109 LEU A N   1 
ATOM   96   C CA  . LEU A 1 16  ? -11.762 -6.814  -5.010  1.00 24.83  ? 109 LEU A CA  1 
ATOM   97   C C   . LEU A 1 16  ? -12.101 -5.313  -4.976  1.00 26.44  ? 109 LEU A C   1 
ATOM   98   O O   . LEU A 1 16  ? -11.493 -4.553  -5.722  1.00 30.30  ? 109 LEU A O   1 
ATOM   99   C CB  . LEU A 1 16  ? -11.544 -7.255  -6.491  1.00 27.63  ? 109 LEU A CB  1 
ATOM   100  C CG  . LEU A 1 16  ? -11.159 -8.722  -6.683  1.00 27.20  ? 109 LEU A CG  1 
ATOM   101  C CD1 . LEU A 1 16  ? -11.222 -9.094  -8.132  1.00 28.80  ? 109 LEU A CD1 1 
ATOM   102  C CD2 . LEU A 1 16  ? -9.776  -9.052  -6.063  1.00 28.23  ? 109 LEU A CD2 1 
ATOM   103  N N   A GLU A 1 17  ? -13.024 -4.937  -4.093  0.25 27.06  ? 110 GLU A N   1 
ATOM   104  N N   B GLU A 1 17  ? -13.036 -4.869  -4.159  0.25 28.42  ? 110 GLU A N   1 
ATOM   105  C CA  A GLU A 1 17  ? -13.488 -3.553  -3.943  0.25 25.97  ? 110 GLU A CA  1 
ATOM   106  C CA  B GLU A 1 17  ? -13.348 -3.433  -4.140  0.25 27.48  ? 110 GLU A CA  1 
ATOM   107  C C   A GLU A 1 17  ? -12.579 -2.746  -3.018  0.25 25.76  ? 110 GLU A C   1 
ATOM   108  C C   B GLU A 1 17  ? -12.737 -2.725  -2.894  0.25 26.17  ? 110 GLU A C   1 
ATOM   109  O O   A GLU A 1 17  ? -12.408 -1.521  -3.210  0.25 23.23  ? 110 GLU A O   1 
ATOM   110  O O   B GLU A 1 17  ? -12.928 -1.511  -2.725  0.25 22.38  ? 110 GLU A O   1 
ATOM   111  C CB  A GLU A 1 17  ? -14.881 -3.533  -3.298  0.25 27.12  ? 110 GLU A CB  1 
ATOM   112  C CB  B GLU A 1 17  ? -14.865 -3.213  -4.230  0.25 31.57  ? 110 GLU A CB  1 
ATOM   113  C CG  A GLU A 1 17  ? -15.986 -4.153  -4.145  0.25 27.08  ? 110 GLU A CG  1 
ATOM   114  C CG  B GLU A 1 17  ? -15.533 -3.824  -5.454  0.25 33.05  ? 110 GLU A CG  1 
ATOM   115  C CD  A GLU A 1 17  ? -17.319 -4.161  -3.418  0.25 30.21  ? 110 GLU A CD  1 
ATOM   116  C CD  B GLU A 1 17  ? -15.600 -2.904  -6.665  0.25 36.68  ? 110 GLU A CD  1 
ATOM   117  O OE1 A GLU A 1 17  ? -17.430 -4.861  -2.391  0.25 29.48  ? 110 GLU A OE1 1 
ATOM   118  O OE1 B GLU A 1 17  ? -15.087 -1.761  -6.616  0.25 43.06  ? 110 GLU A OE1 1 
ATOM   119  O OE2 A GLU A 1 17  ? -18.240 -3.437  -3.873  0.25 28.93  ? 110 GLU A OE2 1 
ATOM   120  O OE2 B GLU A 1 17  ? -16.168 -3.335  -7.694  0.25 40.22  ? 110 GLU A OE2 1 
ATOM   121  N N   . ASN A 1 18  ? -11.987 -3.447  -2.046  1.00 24.23  ? 111 ASN A N   1 
ATOM   122  C CA  . ASN A 1 18  ? -11.359 -2.840  -0.874  1.00 24.74  ? 111 ASN A CA  1 
ATOM   123  C C   . ASN A 1 18  ? -9.892  -3.214  -0.798  1.00 23.74  ? 111 ASN A C   1 
ATOM   124  O O   . ASN A 1 18  ? -9.516  -4.342  -1.147  1.00 22.29  ? 111 ASN A O   1 
ATOM   125  C CB  . ASN A 1 18  ? -12.098 -3.241  0.370   1.00 27.02  ? 111 ASN A CB  1 
ATOM   126  C CG  . ASN A 1 18  ? -13.545 -2.808  0.357   1.00 31.63  ? 111 ASN A CG  1 
ATOM   127  O OD1 . ASN A 1 18  ? -13.813 -1.628  0.342   1.00 35.20  ? 111 ASN A OD1 1 
ATOM   128  N ND2 . ASN A 1 18  ? -14.481 -3.749  0.339   1.00 32.31  ? 111 ASN A ND2 1 
ATOM   129  N N   . VAL A 1 19  ? -9.125  -2.261  -0.307  1.00 22.91  ? 112 VAL A N   1 
ATOM   130  C CA  . VAL A 1 19  ? -7.672  -2.444  -0.057  1.00 20.57  ? 112 VAL A CA  1 
ATOM   131  C C   . VAL A 1 19  ? -7.348  -2.154  1.383   1.00 22.25  ? 112 VAL A C   1 
ATOM   132  O O   . VAL A 1 19  ? -7.959  -1.292  2.023   1.00 21.09  ? 112 VAL A O   1 
ATOM   133  C CB  . VAL A 1 19  ? -6.781  -1.531  -0.946  1.00 23.79  ? 112 VAL A CB  1 
ATOM   134  C CG1 . VAL A 1 19  ? -6.857  -1.964  -2.367  1.00 31.71  ? 112 VAL A CG1 1 
ATOM   135  C CG2 . VAL A 1 19  ? -7.136  -0.049  -0.801  1.00 24.77  ? 112 VAL A CG2 1 
ATOM   136  N N   . LEU A 1 20  ? -6.300  -2.796  1.860   1.00 19.57  ? 113 LEU A N   1 
ATOM   137  C CA  . LEU A 1 20  ? -5.863  -2.668  3.282   1.00 22.05  ? 113 LEU A CA  1 
ATOM   138  C C   . LEU A 1 20  ? -4.776  -1.613  3.389   1.00 22.31  ? 113 LEU A C   1 
ATOM   139  O O   . LEU A 1 20  ? -3.708  -1.739  2.784   1.00 21.54  ? 113 LEU A O   1 
ATOM   140  C CB  . LEU A 1 20  ? -5.345  -4.024  3.816   1.00 23.05  ? 113 LEU A CB  1 
ATOM   141  C CG  . LEU A 1 20  ? -5.144  -4.034  5.371   1.00 21.61  ? 113 LEU A CG  1 
ATOM   142  C CD1 . LEU A 1 20  ? -6.494  -4.098  6.061   1.00 25.99  ? 113 LEU A CD1 1 
ATOM   143  C CD2 . LEU A 1 20  ? -4.290  -5.206  5.713   1.00 23.99  ? 113 LEU A CD2 1 
ATOM   144  N N   . LEU A 1 21  ? -5.053  -0.550  4.137   1.00 20.56  ? 114 LEU A N   1 
ATOM   145  C CA  . LEU A 1 21  ? -4.107  0.452   4.347   1.00 19.73  ? 114 LEU A CA  1 
ATOM   146  C C   . LEU A 1 21  ? -3.730  0.521   5.836   1.00 21.39  ? 114 LEU A C   1 
ATOM   147  O O   . LEU A 1 21  ? -4.445  0.091   6.698   1.00 22.67  ? 114 LEU A O   1 
ATOM   148  C CB  . LEU A 1 21  ? -4.651  1.807   3.885   1.00 21.04  ? 114 LEU A CB  1 
ATOM   149  C CG  . LEU A 1 21  ? -5.015  1.941   2.424   1.00 20.95  ? 114 LEU A CG  1 
ATOM   150  C CD1 . LEU A 1 21  ? -5.381  3.399   2.153   1.00 22.74  ? 114 LEU A CD1 1 
ATOM   151  C CD2 . LEU A 1 21  ? -3.883  1.534   1.482   1.00 23.96  ? 114 LEU A CD2 1 
ATOM   152  N N   . VAL A 1 22  ? -2.525  1.016   6.066   1.00 20.35  ? 115 VAL A N   1 
ATOM   153  C CA  . VAL A 1 22  ? -2.034  1.259   7.431   1.00 22.29  ? 115 VAL A CA  1 
ATOM   154  C C   . VAL A 1 22  ? -1.769  2.738   7.624   1.00 22.80  ? 115 VAL A C   1 
ATOM   155  O O   . VAL A 1 22  ? -1.374  3.415   6.674   1.00 22.80  ? 115 VAL A O   1 
ATOM   156  C CB  . VAL A 1 22  ? -0.822  0.429   7.778   1.00 22.84  ? 115 VAL A CB  1 
ATOM   157  C CG1 . VAL A 1 22  ? -1.189  -1.091  7.741   1.00 24.90  ? 115 VAL A CG1 1 
ATOM   158  C CG2 . VAL A 1 22  ? 0.325   0.670   6.874   1.00 27.54  ? 115 VAL A CG2 1 
ATOM   159  N N   . GLN A 1 23  ? -1.930  3.208   8.868   1.00 21.77  ? 116 GLN A N   1 
ATOM   160  C CA  . GLN A 1 23  ? -1.692  4.605   9.215   1.00 22.63  ? 116 GLN A CA  1 
ATOM   161  C C   . GLN A 1 23  ? -0.451  4.717   10.119  1.00 25.10  ? 116 GLN A C   1 
ATOM   162  O O   . GLN A 1 23  ? -0.394  4.026   11.126  1.00 25.91  ? 116 GLN A O   1 
ATOM   163  C CB  . GLN A 1 23  ? -2.915  5.145   9.904   1.00 21.34  ? 116 GLN A CB  1 
ATOM   164  C CG  . GLN A 1 23  ? -2.910  6.644   10.239  1.00 22.60  ? 116 GLN A CG  1 
ATOM   165  C CD  . GLN A 1 23  ? -4.167  7.107   10.893  1.00 23.97  ? 116 GLN A CD  1 
ATOM   166  O OE1 . GLN A 1 23  ? -4.810  6.374   11.666  1.00 25.45  ? 116 GLN A OE1 1 
ATOM   167  N NE2 . GLN A 1 23  ? -4.524  8.316   10.637  1.00 26.87  ? 116 GLN A NE2 1 
ATOM   168  N N   . GLY A 1 24  ? 0.518   5.504   9.721   1.00 25.97  ? 117 GLY A N   1 
ATOM   169  C CA  . GLY A 1 24  ? 1.713   5.627   10.561  1.00 28.75  ? 117 GLY A CA  1 
ATOM   170  C C   . GLY A 1 24  ? 1.584   6.860   11.486  1.00 28.12  ? 117 GLY A C   1 
ATOM   171  O O   . GLY A 1 24  ? 0.499   7.462   11.622  1.00 28.01  ? 117 GLY A O   1 
ATOM   172  N N   . TYR A 1 25  ? 2.734   7.241   12.015  1.00 26.15  ? 118 TYR A N   1 
ATOM   173  C CA  . TYR A 1 25  ? 2.859   8.382   12.908  1.00 28.98  ? 118 TYR A CA  1 
ATOM   174  C C   . TYR A 1 25  ? 3.825   9.426   12.394  1.00 31.06  ? 118 TYR A C   1 
ATOM   175  O O   . TYR A 1 25  ? 4.738   9.092   11.606  1.00 29.45  ? 118 TYR A O   1 
ATOM   176  C CB  . TYR A 1 25  ? 3.370   7.869   14.220  1.00 24.93  ? 118 TYR A CB  1 
ATOM   177  C CG  . TYR A 1 25  ? 2.388   7.098   15.087  1.00 26.91  ? 118 TYR A CG  1 
ATOM   178  C CD1 . TYR A 1 25  ? 1.313   7.738   15.643  1.00 26.03  ? 118 TYR A CD1 1 
ATOM   179  C CD2 . TYR A 1 25  ? 2.545   5.752   15.349  1.00 28.40  ? 118 TYR A CD2 1 
ATOM   180  C CE1 . TYR A 1 25  ? 0.451   7.046   16.497  1.00 25.98  ? 118 TYR A CE1 1 
ATOM   181  C CE2 . TYR A 1 25  ? 1.660   5.065   16.188  1.00 27.42  ? 118 TYR A CE2 1 
ATOM   182  C CZ  . TYR A 1 25  ? 0.593   5.733   16.711  1.00 28.16  ? 118 TYR A CZ  1 
ATOM   183  O OH  . TYR A 1 25  ? -0.307  5.128   17.559  1.00 32.86  ? 118 TYR A OH  1 
ATOM   184  N N   . LEU A 1 26  ? 3.674   10.673  12.876  1.00 32.48  ? 119 LEU A N   1 
ATOM   185  C CA  . LEU A 1 26  ? 4.674   11.709  12.645  1.00 34.03  ? 119 LEU A CA  1 
ATOM   186  C C   . LEU A 1 26  ? 4.900   11.997  11.149  1.00 33.60  ? 119 LEU A C   1 
ATOM   187  O O   . LEU A 1 26  ? 3.947   12.364  10.498  1.00 34.27  ? 119 LEU A O   1 
ATOM   188  C CB  . LEU A 1 26  ? 5.971   11.354  13.374  1.00 34.48  ? 119 LEU A CB  1 
ATOM   189  C CG  . LEU A 1 26  ? 5.720   11.292  14.903  1.00 39.47  ? 119 LEU A CG  1 
ATOM   190  C CD1 . LEU A 1 26  ? 6.910   10.668  15.583  1.00 36.35  ? 119 LEU A CD1 1 
ATOM   191  C CD2 . LEU A 1 26  ? 5.312   12.654  15.468  1.00 43.02  ? 119 LEU A CD2 1 
ATOM   192  N N   . ALA A 1 27  ? 6.110   11.825  10.612  1.00 34.77  ? 120 ALA A N   1 
ATOM   193  C CA  . ALA A 1 27  ? 6.316   12.032  9.170   1.00 38.12  ? 120 ALA A CA  1 
ATOM   194  C C   . ALA A 1 27  ? 5.443   11.099  8.315   1.00 36.31  ? 120 ALA A C   1 
ATOM   195  O O   . ALA A 1 27  ? 5.129   11.426  7.161   1.00 38.75  ? 120 ALA A O   1 
ATOM   196  C CB  . ALA A 1 27  ? 7.778   11.914  8.754   1.00 41.30  ? 120 ALA A CB  1 
ATOM   197  N N   . LYS A 1 28  ? 5.047   9.965   8.862   0.49 35.00  ? 121 LYS A N   1 
ATOM   198  C CA  . LYS A 1 28  ? 4.193   9.042   8.120   0.49 34.27  ? 121 LYS A CA  1 
ATOM   199  C C   . LYS A 1 28  ? 2.787   8.988   8.713   0.49 31.92  ? 121 LYS A C   1 
ATOM   200  O O   . LYS A 1 28  ? 2.144   7.962   8.690   0.49 32.32  ? 121 LYS A O   1 
ATOM   201  C CB  . LYS A 1 28  ? 4.910   7.699   8.048   0.49 35.59  ? 121 LYS A CB  1 
ATOM   202  C CG  . LYS A 1 28  ? 6.257   7.851   7.345   0.49 38.34  ? 121 LYS A CG  1 
ATOM   203  C CD  . LYS A 1 28  ? 6.844   6.542   6.855   0.49 40.09  ? 121 LYS A CD  1 
ATOM   204  C CE  . LYS A 1 28  ? 8.203   6.765   6.207   0.49 40.66  ? 121 LYS A CE  1 
ATOM   205  N NZ  . LYS A 1 28  ? 8.972   5.506   6.102   0.49 41.93  ? 121 LYS A NZ  1 
ATOM   206  N N   . SER A 1 29  ? 2.304   10.139  9.197   1.00 30.99  ? 122 SER A N   1 
ATOM   207  C CA  . SER A 1 29  ? 0.976   10.252  9.817   1.00 30.40  ? 122 SER A CA  1 
ATOM   208  C C   . SER A 1 29  ? -0.385  9.835   9.080   1.00 41.69  ? 122 SER A C   1 
ATOM   209  O O   . SER A 1 29  ? -1.499  9.606   9.713   1.00 48.73  ? 122 SER A O   1 
ATOM   210  C CB  . SER A 1 29  ? 0.847   11.680  10.363  1.00 32.49  ? 122 SER A CB  1 
ATOM   211  O OG  . SER A 1 29  ? -0.447  11.772  10.892  1.00 39.53  ? 122 SER A OG  1 
ATOM   212  N N   . GLY A 1 30  ? -0.297  9.676   7.796   1.00 33.75  ? 123 GLY A N   1 
ATOM   213  C CA  . GLY A 1 30  ? -1.446  9.351   6.907   1.00 30.50  ? 123 GLY A CA  1 
ATOM   214  C C   . GLY A 1 30  ? -1.432  7.868   6.554   1.00 27.52  ? 123 GLY A C   1 
ATOM   215  O O   . GLY A 1 30  ? -0.799  7.054   7.266   1.00 24.47  ? 123 GLY A O   1 
ATOM   216  N N   . TRP A 1 31  ? -2.180  7.533   5.505   1.00 24.83  ? 124 TRP A N   1 
ATOM   217  C CA  . TRP A 1 31  ? -2.501  6.153   5.210   1.00 22.96  ? 124 TRP A CA  1 
ATOM   218  C C   . TRP A 1 31  ? -1.631  5.781   3.993   1.00 23.69  ? 124 TRP A C   1 
ATOM   219  O O   . TRP A 1 31  ? -1.489  6.553   3.043   1.00 25.50  ? 124 TRP A O   1 
ATOM   220  C CB  . TRP A 1 31  ? -3.984  6.036   4.905   1.00 22.65  ? 124 TRP A CB  1 
ATOM   221  C CG  . TRP A 1 31  ? -4.841  6.236   6.009   1.00 23.17  ? 124 TRP A CG  1 
ATOM   222  C CD1 . TRP A 1 31  ? -5.450  7.399   6.416   1.00 23.64  ? 124 TRP A CD1 1 
ATOM   223  C CD2 . TRP A 1 31  ? -5.250  5.230   6.930   1.00 22.64  ? 124 TRP A CD2 1 
ATOM   224  N NE1 . TRP A 1 31  ? -6.184  7.161   7.536   1.00 27.08  ? 124 TRP A NE1 1 
ATOM   225  C CE2 . TRP A 1 31  ? -6.078  5.847   7.885   1.00 25.07  ? 124 TRP A CE2 1 
ATOM   226  C CE3 . TRP A 1 31  ? -4.935  3.865   7.077   1.00 23.39  ? 124 TRP A CE3 1 
ATOM   227  C CZ2 . TRP A 1 31  ? -6.720  5.096   8.917   1.00 26.65  ? 124 TRP A CZ2 1 
ATOM   228  C CZ3 . TRP A 1 31  ? -5.522  3.152   8.089   1.00 23.94  ? 124 TRP A CZ3 1 
ATOM   229  C CH2 . TRP A 1 31  ? -6.373  3.769   8.995   1.00 24.81  ? 124 TRP A CH2 1 
ATOM   230  N N   . GLY A 1 32  ? -1.031  4.572   4.046   1.00 22.62  ? 125 GLY A N   1 
ATOM   231  C CA  . GLY A 1 32  ? -0.229  4.026   2.999   1.00 23.29  ? 125 GLY A CA  1 
ATOM   232  C C   . GLY A 1 32  ? -0.357  2.552   3.008   1.00 22.61  ? 125 GLY A C   1 
ATOM   233  O O   . GLY A 1 32  ? -1.002  1.984   3.844   1.00 23.21  ? 125 GLY A O   1 
ATOM   234  N N   . PHE A 1 33  ? 0.366   1.916   2.101   1.00 25.42  ? 126 PHE A N   1 
ATOM   235  C CA  . PHE A 1 33  ? 0.432   0.470   2.046   1.00 22.45  ? 126 PHE A CA  1 
ATOM   236  C C   . PHE A 1 33  ? 1.517   -0.037  2.996   1.00 24.64  ? 126 PHE A C   1 
ATOM   237  O O   . PHE A 1 33  ? 2.521   0.603   3.253   1.00 25.03  ? 126 PHE A O   1 
ATOM   238  C CB  . PHE A 1 33  ? 0.715   0.010   0.580   1.00 23.44  ? 126 PHE A CB  1 
ATOM   239  C CG  . PHE A 1 33  ? -0.399  0.306   -0.348  1.00 22.37  ? 126 PHE A CG  1 
ATOM   240  C CD1 . PHE A 1 33  ? -1.491  -0.435  -0.324  1.00 25.35  ? 126 PHE A CD1 1 
ATOM   241  C CD2 . PHE A 1 33  ? -0.370  1.396   -1.161  1.00 25.71  ? 126 PHE A CD2 1 
ATOM   242  C CE1 . PHE A 1 33  ? -2.553  -0.151  -1.136  1.00 27.42  ? 126 PHE A CE1 1 
ATOM   243  C CE2 . PHE A 1 33  ? -1.444  1.716   -1.983  1.00 24.06  ? 126 PHE A CE2 1 
ATOM   244  C CZ  . PHE A 1 33  ? -2.487  0.926   -1.969  1.00 25.59  ? 126 PHE A CZ  1 
ATOM   245  N N   . PRO A 1 34  ? 1.329   -1.245  3.522   1.00 23.14  ? 127 PRO A N   1 
ATOM   246  C CA  . PRO A 1 34  ? 2.369   -1.840  4.356   1.00 24.17  ? 127 PRO A CA  1 
ATOM   247  C C   . PRO A 1 34  ? 3.602   -2.230  3.543   1.00 25.53  ? 127 PRO A C   1 
ATOM   248  O O   . PRO A 1 34  ? 3.479   -2.915  2.562   1.00 24.62  ? 127 PRO A O   1 
ATOM   249  C CB  . PRO A 1 34  ? 1.637   -3.036  5.016   1.00 24.13  ? 127 PRO A CB  1 
ATOM   250  C CG  . PRO A 1 34  ? 0.605   -3.419  3.986   1.00 23.42  ? 127 PRO A CG  1 
ATOM   251  C CD  . PRO A 1 34  ? 0.126   -2.094  3.433   1.00 21.94  ? 127 PRO A CD  1 
ATOM   252  N N   . LYS A 1 35  ? 4.789   -1.758  3.982   1.00 25.16  ? 128 LYS A N   1 
ATOM   253  C CA  . LYS A 1 35  ? 5.983   -1.980  3.249   1.00 25.02  ? 128 LYS A CA  1 
ATOM   254  C C   . LYS A 1 35  ? 7.168   -1.558  4.135   1.00 25.95  ? 128 LYS A C   1 
ATOM   255  O O   . LYS A 1 35  ? 6.978   -0.823  5.102   1.00 27.01  ? 128 LYS A O   1 
ATOM   256  C CB  . LYS A 1 35  ? 6.034   -1.253  1.893   1.00 27.56  ? 128 LYS A CB  1 
ATOM   257  C CG  . LYS A 1 35  ? 6.164   0.215   1.944   1.00 27.68  ? 128 LYS A CG  1 
ATOM   258  C CD  . LYS A 1 35  ? 6.257   0.831   0.556   1.00 32.64  ? 128 LYS A CD  1 
ATOM   259  C CE  . LYS A 1 35  ? 6.528   2.303   0.590   1.00 37.43  ? 128 LYS A CE  1 
ATOM   260  N NZ  . LYS A 1 35  ? 7.970   2.613   0.725   1.00 39.89  ? 128 LYS A NZ  1 
ATOM   261  N N   . GLY A 1 36  ? 8.367   -1.939  3.709   1.00 30.86  ? 129 GLY A N   1 
ATOM   262  C CA  . GLY A 1 36  ? 9.547   -1.462  4.395   1.00 32.14  ? 129 GLY A CA  1 
ATOM   263  C C   . GLY A 1 36  ? 10.818  -1.862  3.665   1.00 31.61  ? 129 GLY A C   1 
ATOM   264  O O   . GLY A 1 36  ? 10.817  -2.435  2.574   1.00 29.58  ? 129 GLY A O   1 
ATOM   265  N N   . LYS A 1 37  ? 11.923  -1.483  4.281   1.00 33.52  ? 130 LYS A N   1 
ATOM   266  C CA  . LYS A 1 37  ? 13.250  -1.552  3.629   1.00 34.74  ? 130 LYS A CA  1 
ATOM   267  C C   . LYS A 1 37  ? 13.788  -2.983  3.597   1.00 31.82  ? 130 LYS A C   1 
ATOM   268  O O   . LYS A 1 37  ? 13.712  -3.702  4.600   1.00 37.31  ? 130 LYS A O   1 
ATOM   269  C CB  . LYS A 1 37  ? 14.232  -0.625  4.379   1.00 37.52  ? 130 LYS A CB  1 
ATOM   270  C CG  . LYS A 1 37  ? 14.137  0.856   3.973   1.00 46.77  ? 130 LYS A CG  1 
ATOM   271  C CD  . LYS A 1 37  ? 15.208  1.743   4.622   1.00 52.43  ? 130 LYS A CD  1 
ATOM   272  N N   . VAL A 1 38  ? 14.326  -3.379  2.457   1.00 34.73  ? 131 VAL A N   1 
ATOM   273  C CA  . VAL A 1 38  ? 14.970  -4.681  2.335   1.00 38.47  ? 131 VAL A CA  1 
ATOM   274  C C   . VAL A 1 38  ? 16.209  -4.688  3.259   1.00 41.39  ? 131 VAL A C   1 
ATOM   275  O O   . VAL A 1 38  ? 16.898  -3.652  3.357   1.00 40.54  ? 131 VAL A O   1 
ATOM   276  C CB  . VAL A 1 38  ? 15.309  -4.987  0.866   1.00 36.51  ? 131 VAL A CB  1 
ATOM   277  C CG1 . VAL A 1 38  ? 16.400  -4.085  0.302   1.00 37.91  ? 131 VAL A CG1 1 
ATOM   278  C CG2 . VAL A 1 38  ? 15.649  -6.461  0.670   1.00 42.13  ? 131 VAL A CG2 1 
ATOM   279  N N   . ASN A 1 39  ? 16.440  -5.831  3.922   1.00 41.08  ? 132 ASN A N   1 
ATOM   280  C CA  . ASN A 1 39  ? 17.733  -6.112  4.622   1.00 43.05  ? 132 ASN A CA  1 
ATOM   281  C C   . ASN A 1 39  ? 18.787  -6.652  3.651   1.00 42.98  ? 132 ASN A C   1 
ATOM   282  O O   . ASN A 1 39  ? 18.469  -7.162  2.560   1.00 44.30  ? 132 ASN A O   1 
ATOM   283  C CB  . ASN A 1 39  ? 17.512  -7.135  5.707   1.00 42.35  ? 132 ASN A CB  1 
ATOM   284  C CG  . ASN A 1 39  ? 16.617  -6.625  6.811   1.00 40.38  ? 132 ASN A CG  1 
ATOM   285  O OD1 . ASN A 1 39  ? 16.608  -5.455  7.109   1.00 46.07  ? 132 ASN A OD1 1 
ATOM   286  N ND2 . ASN A 1 39  ? 15.892  -7.507  7.431   1.00 42.01  ? 132 ASN A ND2 1 
ATOM   287  N N   . LYS A 1 40  ? 20.076  -6.574  4.050   1.00 52.05  ? 133 LYS A N   1 
ATOM   288  C CA  . LYS A 1 40  ? 21.196  -7.079  3.204   1.00 52.25  ? 133 LYS A CA  1 
ATOM   289  C C   . LYS A 1 40  ? 20.990  -8.556  2.874   1.00 44.73  ? 133 LYS A C   1 
ATOM   290  O O   . LYS A 1 40  ? 20.633  -9.330  3.759   1.00 52.03  ? 133 LYS A O   1 
ATOM   291  C CB  . LYS A 1 40  ? 22.575  -6.882  3.932   1.00 52.39  ? 133 LYS A CB  1 
ATOM   292  N N   . GLU A 1 41  ? 21.150  -8.939  1.608   1.00 48.82  ? 134 GLU A N   1 
ATOM   293  C CA  . GLU A 1 41  ? 20.996  -10.356 1.183   1.00 59.35  ? 134 GLU A CA  1 
ATOM   294  C C   . GLU A 1 41  ? 19.559  -10.953 1.358   1.00 56.57  ? 134 GLU A C   1 
ATOM   295  O O   . GLU A 1 41  ? 19.388  -12.161 1.247   1.00 54.33  ? 134 GLU A O   1 
ATOM   296  C CB  . GLU A 1 41  ? 22.052  -11.280 1.867   1.00 60.55  ? 134 GLU A CB  1 
ATOM   297  N N   . GLU A 1 42  ? 18.534  -10.104 1.553   1.00 51.52  ? 135 GLU A N   1 
ATOM   298  C CA  . GLU A 1 42  ? 17.106  -10.551 1.643   1.00 45.70  ? 135 GLU A CA  1 
ATOM   299  C C   . GLU A 1 42  ? 16.458  -10.469 0.261   1.00 46.71  ? 135 GLU A C   1 
ATOM   300  O O   . GLU A 1 42  ? 16.677  -9.496  -0.468  1.00 46.86  ? 135 GLU A O   1 
ATOM   301  C CB  . GLU A 1 42  ? 16.382  -9.674  2.655   1.00 44.63  ? 135 GLU A CB  1 
ATOM   302  C CG  . GLU A 1 42  ? 14.927  -10.056 2.955   1.00 44.68  ? 135 GLU A CG  1 
ATOM   303  C CD  . GLU A 1 42  ? 14.259  -9.191  4.012   1.00 40.44  ? 135 GLU A CD  1 
ATOM   304  O OE1 . GLU A 1 42  ? 14.466  -7.941  4.032   1.00 43.53  ? 135 GLU A OE1 1 
ATOM   305  O OE2 . GLU A 1 42  ? 13.480  -9.771  4.836   1.00 38.66  ? 135 GLU A OE2 1 
ATOM   306  N N   . ALA A 1 43  ? 15.733  -11.522 -0.127  1.00 38.96  ? 136 ALA A N   1 
ATOM   307  C CA  . ALA A 1 43  ? 15.001  -11.614 -1.375  1.00 39.02  ? 136 ALA A CA  1 
ATOM   308  C C   . ALA A 1 43  ? 13.752  -10.638 -1.286  1.00 37.28  ? 136 ALA A C   1 
ATOM   309  O O   . ALA A 1 43  ? 13.174  -10.506 -0.204  1.00 36.66  ? 136 ALA A O   1 
ATOM   310  C CB  . ALA A 1 43  ? 14.522  -13.045 -1.598  1.00 41.13  ? 136 ALA A CB  1 
ATOM   311  N N   . PRO A 1 44  ? 13.366  -10.032 -2.394  1.00 40.33  ? 137 PRO A N   1 
ATOM   312  C CA  . PRO A 1 44  ? 12.198  -9.090  -2.418  1.00 33.65  ? 137 PRO A CA  1 
ATOM   313  C C   . PRO A 1 44  ? 10.953  -9.667  -1.751  1.00 35.47  ? 137 PRO A C   1 
ATOM   314  O O   . PRO A 1 44  ? 10.401  -9.035  -0.873  1.00 35.30  ? 137 PRO A O   1 
ATOM   315  C CB  . PRO A 1 44  ? 11.971  -8.872  -3.878  1.00 37.09  ? 137 PRO A CB  1 
ATOM   316  C CG  . PRO A 1 44  ? 13.396  -8.944  -4.467  1.00 42.77  ? 137 PRO A CG  1 
ATOM   317  C CD  . PRO A 1 44  ? 14.076  -10.040 -3.695  1.00 39.38  ? 137 PRO A CD  1 
ATOM   318  N N   . HIS A 1 45  ? 10.555  -10.872 -2.133  1.00 38.61  ? 138 HIS A N   1 
ATOM   319  C CA  . HIS A 1 45  ? 9.397   -11.536 -1.533  1.00 33.88  ? 138 HIS A CA  1 
ATOM   320  C C   . HIS A 1 45  ? 9.504   -11.799 -0.069  1.00 33.65  ? 138 HIS A C   1 
ATOM   321  O O   . HIS A 1 45  ? 8.495   -11.726 0.673   1.00 29.57  ? 138 HIS A O   1 
ATOM   322  C CB  . HIS A 1 45  ? 8.984   -12.786 -2.363  1.00 39.09  ? 138 HIS A CB  1 
ATOM   323  C CG  . HIS A 1 45  ? 10.029  -13.842 -2.419  1.00 46.14  ? 138 HIS A CG  1 
ATOM   324  N ND1 . HIS A 1 45  ? 11.113  -13.778 -3.282  1.00 50.97  ? 138 HIS A ND1 1 
ATOM   325  C CD2 . HIS A 1 45  ? 10.203  -14.959 -1.670  1.00 52.39  ? 138 HIS A CD2 1 
ATOM   326  C CE1 . HIS A 1 45  ? 11.886  -14.836 -3.081  1.00 51.41  ? 138 HIS A CE1 1 
ATOM   327  N NE2 . HIS A 1 45  ? 11.359  -15.567 -2.112  1.00 45.77  ? 138 HIS A NE2 1 
ATOM   328  N N   . ASP A 1 46  ? 10.725  -12.022 0.444   1.00 32.50  ? 139 ASP A N   1 
ATOM   329  C CA  . ASP A 1 46  ? 10.864  -12.234 1.832   1.00 33.49  ? 139 ASP A CA  1 
ATOM   330  C C   . ASP A 1 46  ? 10.730  -10.940 2.628   1.00 30.94  ? 139 ASP A C   1 
ATOM   331  O O   . ASP A 1 46  ? 10.167  -10.923 3.747   1.00 31.85  ? 139 ASP A O   1 
ATOM   332  C CB  . ASP A 1 46  ? 12.182  -12.945 2.179   1.00 37.06  ? 139 ASP A CB  1 
ATOM   333  C CG  . ASP A 1 46  ? 12.193  -14.386 1.729   1.00 44.86  ? 139 ASP A CG  1 
ATOM   334  O OD1 . ASP A 1 46  ? 11.127  -15.064 1.783   1.00 41.78  ? 139 ASP A OD1 1 
ATOM   335  O OD2 . ASP A 1 46  ? 13.281  -14.815 1.294   1.00 44.54  ? 139 ASP A OD2 1 
ATOM   336  N N   . CYS A 1 47  ? 11.277  -9.876  2.077   1.00 31.50  ? 140 CYS A N   1 
ATOM   337  C CA  . CYS A 1 47  ? 11.169  -8.580  2.707   1.00 31.25  ? 140 CYS A CA  1 
ATOM   338  C C   . CYS A 1 47  ? 9.664   -8.203  2.771   1.00 25.59  ? 140 CYS A C   1 
ATOM   339  O O   . CYS A 1 47  ? 9.204   -7.770  3.840   1.00 28.45  ? 140 CYS A O   1 
ATOM   340  C CB  . CYS A 1 47  ? 11.908  -7.561  1.882   1.00 30.99  ? 140 CYS A CB  1 
ATOM   341  S SG  . CYS A 1 47  ? 11.629  -5.877  2.413   1.00 33.32  ? 140 CYS A SG  1 
ATOM   342  N N   . ALA A 1 48  ? 8.942   -8.435  1.657   1.00 29.36  ? 141 ALA A N   1 
ATOM   343  C CA  . ALA A 1 48  ? 7.497   -8.034  1.609   1.00 26.00  ? 141 ALA A CA  1 
ATOM   344  C C   . ALA A 1 48  ? 6.746   -8.772  2.705   1.00 24.49  ? 141 ALA A C   1 
ATOM   345  O O   . ALA A 1 48  ? 6.044   -8.185  3.463   1.00 25.30  ? 141 ALA A O   1 
ATOM   346  C CB  . ALA A 1 48  ? 6.911   -8.337  0.279   1.00 26.17  ? 141 ALA A CB  1 
ATOM   347  N N   . ALA A 1 49  ? 6.988   -10.083 2.843   1.00 25.49  ? 142 ALA A N   1 
ATOM   348  C CA  . ALA A 1 49  ? 6.266   -10.812 3.865   1.00 26.05  ? 142 ALA A CA  1 
ATOM   349  C C   . ALA A 1 49  ? 6.636   -10.355 5.262   1.00 27.21  ? 142 ALA A C   1 
ATOM   350  O O   . ALA A 1 49  ? 5.787   -10.259 6.108   1.00 25.71  ? 142 ALA A O   1 
ATOM   351  C CB  . ALA A 1 49  ? 6.446   -12.302 3.722   1.00 28.38  ? 142 ALA A CB  1 
ATOM   352  N N   . ARG A 1 50  ? 7.915   -10.084 5.500   1.00 31.46  ? 143 ARG A N   1 
ATOM   353  C CA  . ARG A 1 50  ? 8.395   -9.715  6.813   1.00 29.03  ? 143 ARG A CA  1 
ATOM   354  C C   . ARG A 1 50  ? 7.798   -8.370  7.233   1.00 29.59  ? 143 ARG A C   1 
ATOM   355  O O   . ARG A 1 50  ? 7.207   -8.234  8.312   1.00 29.31  ? 143 ARG A O   1 
ATOM   356  C CB  . ARG A 1 50  ? 9.921   -9.555  6.778   1.00 30.22  ? 143 ARG A CB  1 
ATOM   357  C CG  . ARG A 1 50  ? 10.474  -9.081  8.134   1.00 35.80  ? 143 ARG A CG  1 
ATOM   358  C CD  . ARG A 1 50  ? 12.007  -9.071  8.123   1.00 38.43  ? 143 ARG A CD  1 
ATOM   359  N NE  . ARG A 1 50  ? 12.590  -8.315  7.005   1.00 38.76  ? 143 ARG A NE  1 
ATOM   360  C CZ  . ARG A 1 50  ? 12.559  -6.966  6.898   1.00 33.73  ? 143 ARG A CZ  1 
ATOM   361  N NH1 . ARG A 1 50  ? 12.050  -6.216  7.834   1.00 41.30  ? 143 ARG A NH1 1 
ATOM   362  N NH2 . ARG A 1 50  ? 13.077  -6.378  5.852   1.00 40.59  ? 143 ARG A NH2 1 
ATOM   363  N N   . GLU A 1 51  ? 7.904   -7.404  6.335   1.00 29.43  ? 144 GLU A N   1 
ATOM   364  C CA  . GLU A 1 51  ? 7.359   -6.043  6.643   1.00 30.92  ? 144 GLU A CA  1 
ATOM   365  C C   . GLU A 1 51  ? 5.866   -6.044  6.780   1.00 27.68  ? 144 GLU A C   1 
ATOM   366  O O   . GLU A 1 51  ? 5.320   -5.397  7.624   1.00 27.01  ? 144 GLU A O   1 
ATOM   367  C CB  . GLU A 1 51  ? 7.804   -5.012  5.619   1.00 32.21  ? 144 GLU A CB  1 
ATOM   368  C CG  . GLU A 1 51  ? 9.195   -4.553  5.804   1.00 44.02  ? 144 GLU A CG  1 
ATOM   369  C CD  . GLU A 1 51  ? 9.393   -3.625  7.016   1.00 42.75  ? 144 GLU A CD  1 
ATOM   370  O OE1 . GLU A 1 51  ? 8.450   -3.003  7.564   1.00 46.96  ? 144 GLU A OE1 1 
ATOM   371  O OE2 . GLU A 1 51  ? 10.557  -3.497  7.356   1.00 51.97  ? 144 GLU A OE2 1 
ATOM   372  N N   . VAL A 1 52  ? 5.178   -6.796  5.940   1.00 25.53  ? 145 VAL A N   1 
ATOM   373  C CA  . VAL A 1 52  ? 3.742   -6.754  5.985   1.00 24.25  ? 145 VAL A CA  1 
ATOM   374  C C   . VAL A 1 52  ? 3.319   -7.435  7.291   1.00 24.76  ? 145 VAL A C   1 
ATOM   375  O O   . VAL A 1 52  ? 2.304   -7.050  7.874   1.00 25.44  ? 145 VAL A O   1 
ATOM   376  C CB  . VAL A 1 52  ? 3.107   -7.376  4.721   1.00 23.73  ? 145 VAL A CB  1 
ATOM   377  C CG1 . VAL A 1 52  ? 1.641   -7.626  4.918   1.00 24.55  ? 145 VAL A CG1 1 
ATOM   378  C CG2 . VAL A 1 52  ? 3.373   -6.551  3.492   1.00 23.97  ? 145 VAL A CG2 1 
ATOM   379  N N   . PHE A 1 53  ? 4.004   -8.503  7.680   1.00 26.22  ? 146 PHE A N   1 
ATOM   380  C CA  . PHE A 1 53  ? 3.636   -9.166  8.949   1.00 26.62  ? 146 PHE A CA  1 
ATOM   381  C C   . PHE A 1 53  ? 3.885   -8.198  10.129  1.00 25.72  ? 146 PHE A C   1 
ATOM   382  O O   . PHE A 1 53  ? 3.081   -8.141  11.043  1.00 29.31  ? 146 PHE A O   1 
ATOM   383  C CB  . PHE A 1 53  ? 4.466   -10.482 9.128   1.00 29.58  ? 146 PHE A CB  1 
ATOM   384  C CG  . PHE A 1 53  ? 3.991   -11.260 10.332  1.00 32.77  ? 146 PHE A CG  1 
ATOM   385  C CD1 . PHE A 1 53  ? 2.788   -11.897 10.293  1.00 32.98  ? 146 PHE A CD1 1 
ATOM   386  C CD2 . PHE A 1 53  ? 4.640   -11.108 11.557  1.00 39.42  ? 146 PHE A CD2 1 
ATOM   387  C CE1 . PHE A 1 53  ? 2.280   -12.568 11.419  1.00 36.74  ? 146 PHE A CE1 1 
ATOM   388  C CE2 . PHE A 1 53  ? 4.152   -11.745 12.692  1.00 43.47  ? 146 PHE A CE2 1 
ATOM   389  C CZ  . PHE A 1 53  ? 2.967   -12.462 12.622  1.00 43.00  ? 146 PHE A CZ  1 
ATOM   390  N N   . GLU A 1 54  ? 5.003   -7.465  10.093  1.00 25.32  ? 147 GLU A N   1 
ATOM   391  C CA  . GLU A 1 54  ? 5.263   -6.447  11.168  1.00 30.48  ? 147 GLU A CA  1 
ATOM   392  C C   . GLU A 1 54  ? 4.191   -5.385  11.261  1.00 33.80  ? 147 GLU A C   1 
ATOM   393  O O   . GLU A 1 54  ? 3.754   -4.994  12.385  1.00 33.67  ? 147 GLU A O   1 
ATOM   394  C CB  . GLU A 1 54  ? 6.574   -5.765  10.934  1.00 34.52  ? 147 GLU A CB  1 
ATOM   395  C CG  . GLU A 1 54  ? 7.761   -6.663  11.260  1.00 46.80  ? 147 GLU A CG  1 
ATOM   396  C CD  . GLU A 1 54  ? 9.127   -6.007  10.874  1.00 55.86  ? 147 GLU A CD  1 
ATOM   397  O OE1 . GLU A 1 54  ? 9.163   -4.778  10.598  1.00 64.56  ? 147 GLU A OE1 1 
ATOM   398  O OE2 . GLU A 1 54  ? 10.170  -6.724  10.836  1.00 65.74  ? 147 GLU A OE2 1 
ATOM   399  N N   . GLU A 1 55  ? 3.707   -4.929  10.105  0.49 29.77  ? 148 GLU A N   1 
ATOM   400  C CA  . GLU A 1 55  ? 2.757   -3.814  10.080  0.49 28.93  ? 148 GLU A CA  1 
ATOM   401  C C   . GLU A 1 55  ? 1.287   -4.201  10.135  0.49 28.36  ? 148 GLU A C   1 
ATOM   402  O O   . GLU A 1 55  ? 0.456   -3.340  10.417  0.49 28.97  ? 148 GLU A O   1 
ATOM   403  C CB  . GLU A 1 55  ? 3.061   -2.882  8.891   0.49 28.15  ? 148 GLU A CB  1 
ATOM   404  C CG  . GLU A 1 55  ? 4.485   -2.329  8.964   0.49 28.15  ? 148 GLU A CG  1 
ATOM   405  C CD  . GLU A 1 55  ? 4.746   -1.153  8.047   0.49 29.53  ? 148 GLU A CD  1 
ATOM   406  O OE1 . GLU A 1 55  ? 4.223   -1.122  6.907   0.49 29.73  ? 148 GLU A OE1 1 
ATOM   407  O OE2 . GLU A 1 55  ? 5.477   -0.230  8.471   0.49 26.21  ? 148 GLU A OE2 1 
ATOM   408  N N   . THR A 1 56  ? 0.963   -5.476  9.872   1.00 27.03  ? 149 THR A N   1 
ATOM   409  C CA  . THR A 1 56  ? -0.404  -5.946  9.858   1.00 27.13  ? 149 THR A CA  1 
ATOM   410  C C   . THR A 1 56  ? -0.736  -7.168  10.675  1.00 26.63  ? 149 THR A C   1 
ATOM   411  O O   . THR A 1 56  ? -1.879  -7.405  10.880  1.00 27.78  ? 149 THR A O   1 
ATOM   412  C CB  . THR A 1 56  ? -0.877  -6.296  8.403   1.00 28.47  ? 149 THR A CB  1 
ATOM   413  O OG1 . THR A 1 56  ? -0.228  -7.493  7.968   1.00 26.15  ? 149 THR A OG1 1 
ATOM   414  C CG2 . THR A 1 56  ? -0.489  -5.137  7.443   1.00 26.63  ? 149 THR A CG2 1 
ATOM   415  N N   . GLY A 1 57  ? 0.260   -7.946  11.029  1.00 28.17  ? 150 GLY A N   1 
ATOM   416  C CA  . GLY A 1 57  ? 0.013   -9.207  11.748  1.00 32.73  ? 150 GLY A CA  1 
ATOM   417  C C   . GLY A 1 57  ? -0.506  -10.317 10.825  1.00 33.29  ? 150 GLY A C   1 
ATOM   418  O O   . GLY A 1 57  ? -0.997  -11.349 11.303  1.00 34.35  ? 150 GLY A O   1 
ATOM   419  N N   . PHE A 1 58  ? -0.494  -10.089 9.516   1.00 27.23  ? 151 PHE A N   1 
ATOM   420  C CA  . PHE A 1 58  ? -0.938  -11.061 8.567   1.00 26.32  ? 151 PHE A CA  1 
ATOM   421  C C   . PHE A 1 58  ? 0.214   -11.552 7.754   1.00 28.12  ? 151 PHE A C   1 
ATOM   422  O O   . PHE A 1 58  ? 1.047   -10.783 7.286   1.00 27.06  ? 151 PHE A O   1 
ATOM   423  C CB  . PHE A 1 58  ? -2.023  -10.500 7.676   1.00 26.99  ? 151 PHE A CB  1 
ATOM   424  C CG  . PHE A 1 58  ? -2.627  -11.525 6.760   1.00 28.73  ? 151 PHE A CG  1 
ATOM   425  C CD1 . PHE A 1 58  ? -3.541  -12.425 7.235   1.00 31.16  ? 151 PHE A CD1 1 
ATOM   426  C CD2 . PHE A 1 58  ? -2.298  -11.536 5.424   1.00 29.93  ? 151 PHE A CD2 1 
ATOM   427  C CE1 . PHE A 1 58  ? -4.062  -13.403 6.433   1.00 33.05  ? 151 PHE A CE1 1 
ATOM   428  C CE2 . PHE A 1 58  ? -2.833  -12.519 4.564   1.00 29.92  ? 151 PHE A CE2 1 
ATOM   429  C CZ  . PHE A 1 58  ? -3.736  -13.427 5.087   1.00 29.34  ? 151 PHE A CZ  1 
ATOM   430  N N   . ASP A 1 59  ? 0.283   -12.875 7.577   1.00 28.00  ? 152 ASP A N   1 
ATOM   431  C CA  . ASP A 1 59  ? 1.399   -13.480 6.895   1.00 29.30  ? 152 ASP A CA  1 
ATOM   432  C C   . ASP A 1 59  ? 1.077   -13.812 5.461   1.00 27.24  ? 152 ASP A C   1 
ATOM   433  O O   . ASP A 1 59  ? 0.222   -14.650 5.200   1.00 27.42  ? 152 ASP A O   1 
ATOM   434  C CB  . ASP A 1 59  ? 1.842   -14.785 7.608   1.00 30.54  ? 152 ASP A CB  1 
ATOM   435  C CG  . ASP A 1 59  ? 3.177   -15.366 7.029   1.00 39.35  ? 152 ASP A CG  1 
ATOM   436  O OD1 . ASP A 1 59  ? 3.773   -14.900 6.005   1.00 32.19  ? 152 ASP A OD1 1 
ATOM   437  O OD2 . ASP A 1 59  ? 3.697   -16.289 7.702   1.00 38.20  ? 152 ASP A OD2 1 
ATOM   438  N N   . ILE A 1 60  ? 1.664   -13.061 4.543   1.00 26.14  ? 153 ILE A N   1 
ATOM   439  C CA  . ILE A 1 60  ? 1.403   -13.230 3.101   1.00 28.23  ? 153 ILE A CA  1 
ATOM   440  C C   . ILE A 1 60  ? 2.280   -14.236 2.370   1.00 26.13  ? 153 ILE A C   1 
ATOM   441  O O   . ILE A 1 60  ? 2.178   -14.417 1.155   1.00 27.65  ? 153 ILE A O   1 
ATOM   442  C CB  . ILE A 1 60  ? 1.454   -11.881 2.322   1.00 24.35  ? 153 ILE A CB  1 
ATOM   443  C CG1 . ILE A 1 60  ? 2.836   -11.292 2.287   1.00 25.91  ? 153 ILE A CG1 1 
ATOM   444  C CG2 . ILE A 1 60  ? 0.421   -10.924 2.865   1.00 26.97  ? 153 ILE A CG2 1 
ATOM   445  C CD1 . ILE A 1 60  ? 3.020   -10.100 1.314   1.00 27.04  ? 153 ILE A CD1 1 
ATOM   446  N N   . LYS A 1 61  ? 3.227   -14.839 3.093   1.00 29.84  ? 154 LYS A N   1 
ATOM   447  C CA  . LYS A 1 61  ? 4.240   -15.621 2.406   1.00 31.56  ? 154 LYS A CA  1 
ATOM   448  C C   . LYS A 1 61  ? 3.663   -16.685 1.448   1.00 28.86  ? 154 LYS A C   1 
ATOM   449  O O   . LYS A 1 61  ? 4.190   -16.845 0.375   1.00 33.61  ? 154 LYS A O   1 
ATOM   450  C CB  . LYS A 1 61  ? 5.160   -16.275 3.428   1.00 36.07  ? 154 LYS A CB  1 
ATOM   451  C CG  . LYS A 1 61  ? 6.150   -17.290 2.864   1.00 46.10  ? 154 LYS A CG  1 
ATOM   452  C CD  . LYS A 1 61  ? 6.975   -18.028 3.945   1.00 55.02  ? 154 LYS A CD  1 
ATOM   453  C CE  . LYS A 1 61  ? 6.329   -18.168 5.341   1.00 61.01  ? 154 LYS A CE  1 
ATOM   454  N NZ  . LYS A 1 61  ? 5.170   -19.124 5.454   1.00 72.28  ? 154 LYS A NZ  1 
ATOM   455  N N   . ASP A 1 62  ? 2.652   -17.394 1.891   1.00 26.23  ? 155 ASP A N   1 
ATOM   456  C CA  . ASP A 1 62  ? 2.023   -18.443 1.083   1.00 30.91  ? 155 ASP A CA  1 
ATOM   457  C C   . ASP A 1 62  ? 1.136   -17.944 -0.018  1.00 32.28  ? 155 ASP A C   1 
ATOM   458  O O   . ASP A 1 62  ? 0.658   -18.727 -0.861  1.00 28.55  ? 155 ASP A O   1 
ATOM   459  C CB  . ASP A 1 62  ? 1.179   -19.361 1.995   1.00 35.23  ? 155 ASP A CB  1 
ATOM   460  C CG  . ASP A 1 62  ? 2.056   -20.225 2.925   1.00 38.88  ? 155 ASP A CG  1 
ATOM   461  O OD1 . ASP A 1 62  ? 3.222   -20.424 2.658   1.00 41.36  ? 155 ASP A OD1 1 
ATOM   462  O OD2 . ASP A 1 62  ? 1.569   -20.697 3.936   1.00 42.08  ? 155 ASP A OD2 1 
ATOM   463  N N   . TYR A 1 63  ? 0.928   -16.625 -0.097  1.00 25.52  ? 156 TYR A N   1 
ATOM   464  C CA  . TYR A 1 63  ? 0.020   -16.062 -1.069  1.00 27.92  ? 156 TYR A CA  1 
ATOM   465  C C   . TYR A 1 63  ? 0.689   -15.261 -2.141  1.00 26.38  ? 156 TYR A C   1 
ATOM   466  O O   . TYR A 1 63  ? 0.109   -15.001 -3.192  1.00 32.96  ? 156 TYR A O   1 
ATOM   467  C CB  . TYR A 1 63  ? -0.964  -15.132 -0.361  1.00 28.84  ? 156 TYR A CB  1 
ATOM   468  C CG  . TYR A 1 63  ? -1.764  -15.779 0.665   1.00 28.33  ? 156 TYR A CG  1 
ATOM   469  C CD1 . TYR A 1 63  ? -2.643  -16.799 0.322   1.00 41.22  ? 156 TYR A CD1 1 
ATOM   470  C CD2 . TYR A 1 63  ? -1.461  -15.631 1.998   1.00 33.04  ? 156 TYR A CD2 1 
ATOM   471  C CE1 . TYR A 1 63  ? -3.335  -17.500 1.309   1.00 52.73  ? 156 TYR A CE1 1 
ATOM   472  C CE2 . TYR A 1 63  ? -2.133  -16.322 2.999   1.00 33.17  ? 156 TYR A CE2 1 
ATOM   473  C CZ  . TYR A 1 63  ? -3.102  -17.203 2.660   1.00 48.19  ? 156 TYR A CZ  1 
ATOM   474  O OH  . TYR A 1 63  ? -3.743  -17.822 3.707   1.00 60.48  ? 156 TYR A OH  1 
ATOM   475  N N   . ILE A 1 64  ? 1.882   -14.787 -1.876  1.00 27.45  ? 157 ILE A N   1 
ATOM   476  C CA  . ILE A 1 64  ? 2.598   -13.978 -2.843  1.00 26.70  ? 157 ILE A CA  1 
ATOM   477  C C   . ILE A 1 64  ? 2.754   -14.669 -4.162  1.00 33.26  ? 157 ILE A C   1 
ATOM   478  O O   . ILE A 1 64  ? 3.144   -15.852 -4.188  1.00 32.49  ? 157 ILE A O   1 
ATOM   479  C CB  . ILE A 1 64  ? 4.032   -13.624 -2.333  1.00 31.18  ? 157 ILE A CB  1 
ATOM   480  C CG1 . ILE A 1 64  ? 3.971   -12.614 -1.191  1.00 35.21  ? 157 ILE A CG1 1 
ATOM   481  C CG2 . ILE A 1 64  ? 4.933   -12.943 -3.380  1.00 30.44  ? 157 ILE A CG2 1 
ATOM   482  C CD1 . ILE A 1 64  ? 5.367   -12.382 -0.537  1.00 31.91  ? 157 ILE A CD1 1 
ATOM   483  N N   A CYS A 1 65  ? 2.392   -13.973 -5.237  0.25 29.86  ? 158 CYS A N   1 
ATOM   484  N N   B CYS A 1 65  ? 2.419   -13.984 -5.250  0.25 29.87  ? 158 CYS A N   1 
ATOM   485  C CA  A CYS A 1 65  ? 2.761   -14.345 -6.584  0.25 31.55  ? 158 CYS A CA  1 
ATOM   486  C CA  B CYS A 1 65  ? 2.719   -14.448 -6.587  0.25 31.89  ? 158 CYS A CA  1 
ATOM   487  C C   A CYS A 1 65  ? 3.880   -13.444 -6.971  0.25 30.69  ? 158 CYS A C   1 
ATOM   488  C C   B CYS A 1 65  ? 3.784   -13.532 -7.134  0.25 30.79  ? 158 CYS A C   1 
ATOM   489  O O   A CYS A 1 65  ? 3.750   -12.201 -6.970  0.25 28.51  ? 158 CYS A O   1 
ATOM   490  O O   B CYS A 1 65  ? 3.482   -12.373 -7.460  0.25 31.49  ? 158 CYS A O   1 
ATOM   491  C CB  A CYS A 1 65  ? 1.613   -14.175 -7.542  0.25 32.91  ? 158 CYS A CB  1 
ATOM   492  C CB  B CYS A 1 65  ? 1.489   -14.410 -7.478  0.25 32.60  ? 158 CYS A CB  1 
ATOM   493  S SG  A CYS A 1 65  ? 0.300   -15.302 -7.114  0.25 34.29  ? 158 CYS A SG  1 
ATOM   494  S SG  B CYS A 1 65  ? 1.908   -14.695 -9.204  0.25 34.27  ? 158 CYS A SG  1 
ATOM   495  N N   . LYS A 1 66  ? 5.012   -14.052 -7.264  1.00 32.06  ? 159 LYS A N   1 
ATOM   496  C CA  . LYS A 1 66  ? 6.233   -13.264 -7.526  1.00 33.81  ? 159 LYS A CA  1 
ATOM   497  C C   . LYS A 1 66  ? 6.223   -12.401 -8.788  1.00 33.20  ? 159 LYS A C   1 
ATOM   498  O O   . LYS A 1 66  ? 6.965   -11.435 -8.858  1.00 37.25  ? 159 LYS A O   1 
ATOM   499  C CB  . LYS A 1 66  ? 7.459   -14.151 -7.443  1.00 41.11  ? 159 LYS A CB  1 
ATOM   500  C CG  . LYS A 1 66  ? 7.693   -14.808 -8.795  1.00 47.55  ? 159 LYS A CG  1 
ATOM   501  N N   . ASP A 1 67  ? 5.328   -12.692 -9.708  1.00 37.50  ? 160 ASP A N   1 
ATOM   502  C CA  . ASP A 1 67  ? 5.078   -11.889 -10.888 1.00 39.21  ? 160 ASP A CA  1 
ATOM   503  C C   . ASP A 1 67  ? 4.002   -10.860 -10.760 1.00 36.72  ? 160 ASP A C   1 
ATOM   504  O O   . ASP A 1 67  ? 3.805   -10.097 -11.687 1.00 36.27  ? 160 ASP A O   1 
ATOM   505  C CB  . ASP A 1 67  ? 4.706   -12.819 -12.053 1.00 46.59  ? 160 ASP A CB  1 
ATOM   506  C CG  . ASP A 1 67  ? 5.911   -13.604 -12.572 1.00 57.67  ? 160 ASP A CG  1 
ATOM   507  O OD1 . ASP A 1 67  ? 7.047   -13.069 -12.543 1.00 63.63  ? 160 ASP A OD1 1 
ATOM   508  O OD2 . ASP A 1 67  ? 5.705   -14.760 -12.983 1.00 60.90  ? 160 ASP A OD2 1 
ATOM   509  N N   . ASP A 1 68  ? 3.278   -10.802 -9.623  1.00 32.54  ? 161 ASP A N   1 
ATOM   510  C CA  . ASP A 1 68  ? 2.109   -9.918  -9.532  1.00 29.11  ? 161 ASP A CA  1 
ATOM   511  C C   . ASP A 1 68  ? 2.421   -8.813  -8.542  1.00 27.65  ? 161 ASP A C   1 
ATOM   512  O O   . ASP A 1 68  ? 2.341   -9.013  -7.317  1.00 25.05  ? 161 ASP A O   1 
ATOM   513  C CB  . ASP A 1 68  ? 0.890   -10.677 -9.024  1.00 27.46  ? 161 ASP A CB  1 
ATOM   514  C CG  . ASP A 1 68  ? 0.346   -11.714 -9.997  1.00 35.51  ? 161 ASP A CG  1 
ATOM   515  O OD1 . ASP A 1 68  ? 0.709   -11.689 -11.162 1.00 32.77  ? 161 ASP A OD1 1 
ATOM   516  O OD2 . ASP A 1 68  ? -0.528  -12.510 -9.600  1.00 32.12  ? 161 ASP A OD2 1 
ATOM   517  N N   . TYR A 1 69  ? 2.790   -7.654  -9.055  1.00 28.78  ? 162 TYR A N   1 
ATOM   518  C CA  . TYR A 1 69  ? 3.169   -6.531  -8.196  1.00 25.84  ? 162 TYR A CA  1 
ATOM   519  C C   . TYR A 1 69  ? 3.042   -5.281  -9.000  1.00 32.29  ? 162 TYR A C   1 
ATOM   520  O O   . TYR A 1 69  ? 2.904   -5.346  -10.239 1.00 34.52  ? 162 TYR A O   1 
ATOM   521  C CB  . TYR A 1 69  ? 4.588   -6.706  -7.645  1.00 26.14  ? 162 TYR A CB  1 
ATOM   522  C CG  . TYR A 1 69  ? 5.706   -6.860  -8.682  1.00 29.93  ? 162 TYR A CG  1 
ATOM   523  C CD1 . TYR A 1 69  ? 6.223   -5.716  -9.377  1.00 37.92  ? 162 TYR A CD1 1 
ATOM   524  C CD2 . TYR A 1 69  ? 6.179   -8.132  -9.053  1.00 32.54  ? 162 TYR A CD2 1 
ATOM   525  C CE1 . TYR A 1 69  ? 7.205   -5.835  -10.354 1.00 39.83  ? 162 TYR A CE1 1 
ATOM   526  C CE2 . TYR A 1 69  ? 7.198   -8.232  -10.064 1.00 35.23  ? 162 TYR A CE2 1 
ATOM   527  C CZ  . TYR A 1 69  ? 7.696   -7.094  -10.664 1.00 42.56  ? 162 TYR A CZ  1 
ATOM   528  O OH  . TYR A 1 69  ? 8.664   -7.173  -11.654 1.00 43.23  ? 162 TYR A OH  1 
ATOM   529  N N   . ILE A 1 70  ? 2.981   -4.162  -8.286  1.00 30.00  ? 163 ILE A N   1 
ATOM   530  C CA  . ILE A 1 70  ? 3.092   -2.810  -8.837  1.00 30.75  ? 163 ILE A CA  1 
ATOM   531  C C   . ILE A 1 70  ? 4.346   -2.233  -8.231  1.00 29.66  ? 163 ILE A C   1 
ATOM   532  O O   . ILE A 1 70  ? 4.591   -2.238  -7.017  1.00 27.01  ? 163 ILE A O   1 
ATOM   533  C CB  . ILE A 1 70  ? 1.863   -1.979  -8.521  1.00 31.55  ? 163 ILE A CB  1 
ATOM   534  C CG1 . ILE A 1 70  ? 0.784   -2.471  -9.480  1.00 37.78  ? 163 ILE A CG1 1 
ATOM   535  C CG2 . ILE A 1 70  ? 2.089   -0.458  -8.762  1.00 37.80  ? 163 ILE A CG2 1 
ATOM   536  C CD1 . ILE A 1 70  ? -0.581  -2.075  -9.033  1.00 42.79  ? 163 ILE A CD1 1 
ATOM   537  N N   . GLU A 1 71  ? 5.172   -1.674  -9.104  1.00 26.40  ? 164 GLU A N   1 
ATOM   538  C CA  . GLU A 1 71  ? 6.394   -1.118  -8.645  1.00 28.79  ? 164 GLU A CA  1 
ATOM   539  C C   . GLU A 1 71  ? 6.531   0.326   -9.185  1.00 31.57  ? 164 GLU A C   1 
ATOM   540  O O   . GLU A 1 71  ? 6.227   0.542   -10.346 1.00 32.31  ? 164 GLU A O   1 
ATOM   541  C CB  . GLU A 1 71  ? 7.519   -2.067  -9.031  1.00 34.36  ? 164 GLU A CB  1 
ATOM   542  C CG  . GLU A 1 71  ? 8.913   -1.539  -9.097  1.00 40.87  ? 164 GLU A CG  1 
ATOM   543  C CD  . GLU A 1 71  ? 9.873   -2.621  -9.608  1.00 46.47  ? 164 GLU A CD  1 
ATOM   544  O OE1 . GLU A 1 71  ? 10.147  -2.638  -10.833 1.00 54.69  ? 164 GLU A OE1 1 
ATOM   545  O OE2 . GLU A 1 71  ? 10.300  -3.439  -8.792  1.00 45.08  ? 164 GLU A OE2 1 
ATOM   546  N N   . LEU A 1 72  ? 6.833   1.259   -8.311  1.00 30.20  ? 165 LEU A N   1 
ATOM   547  C CA  . LEU A 1 72  ? 6.987   2.662   -8.613  1.00 29.48  ? 165 LEU A CA  1 
ATOM   548  C C   . LEU A 1 72  ? 8.331   3.138   -8.137  1.00 31.88  ? 165 LEU A C   1 
ATOM   549  O O   . LEU A 1 72  ? 8.825   2.771   -7.092  1.00 32.09  ? 165 LEU A O   1 
ATOM   550  C CB  . LEU A 1 72  ? 5.895   3.513   -7.934  1.00 30.39  ? 165 LEU A CB  1 
ATOM   551  C CG  . LEU A 1 72  ? 4.483   3.195   -8.453  1.00 34.73  ? 165 LEU A CG  1 
ATOM   552  C CD1 . LEU A 1 72  ? 3.484   4.061   -7.730  1.00 32.80  ? 165 LEU A CD1 1 
ATOM   553  C CD2 . LEU A 1 72  ? 4.327   3.478   -9.973  1.00 45.24  ? 165 LEU A CD2 1 
ATOM   554  N N   . ARG A 1 73  ? 8.925   4.040   -8.915  1.00 33.36  ? 166 ARG A N   1 
ATOM   555  C CA  . ARG A 1 73  ? 10.069  4.756   -8.401  1.00 37.85  ? 166 ARG A CA  1 
ATOM   556  C C   . ARG A 1 73  ? 9.574   6.092   -7.986  1.00 40.74  ? 166 ARG A C   1 
ATOM   557  O O   . ARG A 1 73  ? 8.736   6.752   -8.681  1.00 42.39  ? 166 ARG A O   1 
ATOM   558  C CB  . ARG A 1 73  ? 11.194  4.901   -9.430  1.00 50.14  ? 166 ARG A CB  1 
ATOM   559  C CG  . ARG A 1 73  ? 12.507  5.229   -8.758  1.00 55.54  ? 166 ARG A CG  1 
ATOM   560  C CD  . ARG A 1 73  ? 13.670  5.179   -9.719  1.00 73.89  ? 166 ARG A CD  1 
ATOM   561  N NE  . ARG A 1 73  ? 13.424  5.941   -10.932 1.00 72.45  ? 166 ARG A NE  1 
ATOM   562  C CZ  . ARG A 1 73  ? 14.199  5.838   -12.003 1.00 94.72  ? 166 ARG A CZ  1 
ATOM   563  N NH1 . ARG A 1 73  ? 15.297  5.062   -11.988 1.00 93.87  ? 166 ARG A NH1 1 
ATOM   564  N NH2 . ARG A 1 73  ? 13.890  6.527   -13.094 1.00 102.52 ? 166 ARG A NH2 1 
ATOM   565  N N   . ILE A 1 74  ? 9.944   6.439   -6.781  1.00 34.46  ? 167 ILE A N   1 
ATOM   566  C CA  . ILE A 1 74  ? 9.513   7.651   -6.157  1.00 42.18  ? 167 ILE A CA  1 
ATOM   567  C C   . ILE A 1 74  ? 10.789  8.285   -5.652  1.00 42.10  ? 167 ILE A C   1 
ATOM   568  O O   . ILE A 1 74  ? 11.393  7.809   -4.650  1.00 38.78  ? 167 ILE A O   1 
ATOM   569  C CB  . ILE A 1 74  ? 8.555   7.368   -4.987  1.00 52.77  ? 167 ILE A CB  1 
ATOM   570  C CG1 . ILE A 1 74  ? 7.187   6.877   -5.538  1.00 57.64  ? 167 ILE A CG1 1 
ATOM   571  C CG2 . ILE A 1 74  ? 8.359   8.612   -4.120  1.00 53.11  ? 167 ILE A CG2 1 
ATOM   572  C CD1 . ILE A 1 74  ? 6.345   6.166   -4.498  1.00 62.79  ? 167 ILE A CD1 1 
ATOM   573  N N   . ASN A 1 75  ? 11.257  9.340   -6.343  1.00 35.71  ? 168 ASN A N   1 
ATOM   574  C CA  . ASN A 1 75  ? 12.548  9.950   -5.910  1.00 38.85  ? 168 ASN A CA  1 
ATOM   575  C C   . ASN A 1 75  ? 13.688  8.986   -5.710  1.00 34.64  ? 168 ASN A C   1 
ATOM   576  O O   . ASN A 1 75  ? 14.407  9.004   -4.725  1.00 45.13  ? 168 ASN A O   1 
ATOM   577  C CB  . ASN A 1 75  ? 12.335  10.796  -4.650  1.00 43.85  ? 168 ASN A CB  1 
ATOM   578  C CG  . ASN A 1 75  ? 11.268  11.838  -4.867  1.00 48.74  ? 168 ASN A CG  1 
ATOM   579  O OD1 . ASN A 1 75  ? 11.254  12.545  -5.917  1.00 45.24  ? 168 ASN A OD1 1 
ATOM   580  N ND2 . ASN A 1 75  ? 10.333  11.909  -3.941  1.00 48.59  ? 168 ASN A ND2 1 
ATOM   581  N N   . ASP A 1 76  ? 13.893  8.238   -6.753  1.00 36.59  ? 169 ASP A N   1 
ATOM   582  C CA  . ASP A 1 76  ? 14.935  7.228   -6.896  1.00 48.00  ? 169 ASP A CA  1 
ATOM   583  C C   . ASP A 1 76  ? 14.992  6.163   -5.784  1.00 47.36  ? 169 ASP A C   1 
ATOM   584  O O   . ASP A 1 76  ? 16.037  5.565   -5.572  1.00 46.55  ? 169 ASP A O   1 
ATOM   585  C CB  . ASP A 1 76  ? 16.309  7.839   -7.234  1.00 52.68  ? 169 ASP A CB  1 
ATOM   586  C CG  . ASP A 1 76  ? 16.288  8.543   -8.621  1.00 58.63  ? 169 ASP A CG  1 
ATOM   587  O OD1 . ASP A 1 76  ? 15.687  9.643   -8.676  1.00 70.36  ? 169 ASP A OD1 1 
ATOM   588  O OD2 . ASP A 1 76  ? 16.806  7.995   -9.635  1.00 60.85  ? 169 ASP A OD2 1 
ATOM   589  N N   . GLN A 1 77  ? 13.859  5.933   -5.121  1.00 41.51  ? 170 GLN A N   1 
ATOM   590  C CA  . GLN A 1 77  ? 13.665  4.686   -4.270  1.00 37.55  ? 170 GLN A CA  1 
ATOM   591  C C   . GLN A 1 77  ? 12.573  3.850   -4.902  1.00 38.75  ? 170 GLN A C   1 
ATOM   592  O O   . GLN A 1 77  ? 11.474  4.369   -5.222  1.00 39.79  ? 170 GLN A O   1 
ATOM   593  C CB  . GLN A 1 77  ? 13.231  5.037   -2.885  1.00 42.51  ? 170 GLN A CB  1 
ATOM   594  C CG  . GLN A 1 77  ? 13.500  3.896   -1.873  1.00 50.04  ? 170 GLN A CG  1 
ATOM   595  C CD  . GLN A 1 77  ? 13.213  4.268   -0.438  1.00 50.07  ? 170 GLN A CD  1 
ATOM   596  O OE1 . GLN A 1 77  ? 12.256  4.975   -0.183  1.00 63.90  ? 170 GLN A OE1 1 
ATOM   597  N NE2 . GLN A 1 77  ? 14.052  3.805   0.508   1.00 57.29  ? 170 GLN A NE2 1 
ATOM   598  N N   . LEU A 1 78  ? 12.875  2.594   -5.138  1.00 33.51  ? 171 LEU A N   1 
ATOM   599  C CA  . LEU A 1 78  ? 11.921  1.694   -5.688  1.00 37.07  ? 171 LEU A CA  1 
ATOM   600  C C   . LEU A 1 78  ? 11.032  1.220   -4.547  1.00 31.56  ? 171 LEU A C   1 
ATOM   601  O O   . LEU A 1 78  ? 11.534  0.914   -3.525  1.00 34.39  ? 171 LEU A O   1 
ATOM   602  C CB  . LEU A 1 78  ? 12.648  0.523   -6.255  1.00 44.16  ? 171 LEU A CB  1 
ATOM   603  C CG  . LEU A 1 78  ? 11.795  -0.438  -7.053  1.00 58.08  ? 171 LEU A CG  1 
ATOM   604  C CD1 . LEU A 1 78  ? 11.950  0.022   -8.516  1.00 64.50  ? 171 LEU A CD1 1 
ATOM   605  C CD2 . LEU A 1 78  ? 12.209  -1.913  -6.740  1.00 61.53  ? 171 LEU A CD2 1 
ATOM   606  N N   . ALA A 1 79  ? 9.705   1.208   -4.772  1.00 30.83  ? 172 ALA A N   1 
ATOM   607  C CA  . ALA A 1 79  ? 8.748   0.562   -3.889  1.00 30.18  ? 172 ALA A CA  1 
ATOM   608  C C   . ALA A 1 79  ? 8.027   -0.459  -4.762  1.00 30.34  ? 172 ALA A C   1 
ATOM   609  O O   . ALA A 1 79  ? 7.381   -0.104  -5.780  1.00 28.85  ? 172 ALA A O   1 
ATOM   610  C CB  . ALA A 1 79  ? 7.785   1.600   -3.332  1.00 30.03  ? 172 ALA A CB  1 
ATOM   611  N N   . ARG A 1 80  ? 8.087   -1.722  -4.334  1.00 27.97  ? 173 ARG A N   1 
ATOM   612  C CA  . ARG A 1 80  ? 7.387   -2.790  -5.012  1.00 27.94  ? 173 ARG A CA  1 
ATOM   613  C C   . ARG A 1 80  ? 6.378   -3.396  -4.059  1.00 26.07  ? 173 ARG A C   1 
ATOM   614  O O   . ARG A 1 80  ? 6.754   -3.886  -2.978  1.00 28.09  ? 173 ARG A O   1 
ATOM   615  C CB  . ARG A 1 80  ? 8.302   -3.891  -5.487  1.00 30.82  ? 173 ARG A CB  1 
ATOM   616  C CG  . ARG A 1 80  ? 7.586   -5.040  -6.164  1.00 28.78  ? 173 ARG A CG  1 
ATOM   617  C CD  . ARG A 1 80  ? 8.508   -6.203  -6.437  1.00 30.79  ? 173 ARG A CD  1 
ATOM   618  N NE  . ARG A 1 80  ? 9.448   -5.813  -7.491  1.00 37.19  ? 173 ARG A NE  1 
ATOM   619  C CZ  . ARG A 1 80  ? 10.362  -6.644  -8.028  1.00 46.33  ? 173 ARG A CZ  1 
ATOM   620  N NH1 . ARG A 1 80  ? 10.550  -7.852  -7.507  1.00 42.56  ? 173 ARG A NH1 1 
ATOM   621  N NH2 . ARG A 1 80  ? 11.133  -6.216  -9.030  1.00 44.79  ? 173 ARG A NH2 1 
ATOM   622  N N   . LEU A 1 81  ? 5.104   -3.364  -4.493  1.00 23.52  ? 174 LEU A N   1 
ATOM   623  C CA  . LEU A 1 81  ? 4.043   -3.904  -3.698  1.00 23.03  ? 174 LEU A CA  1 
ATOM   624  C C   . LEU A 1 81  ? 3.441   -5.088  -4.434  1.00 23.76  ? 174 LEU A C   1 
ATOM   625  O O   . LEU A 1 81  ? 2.851   -4.953  -5.516  1.00 23.84  ? 174 LEU A O   1 
ATOM   626  C CB  . LEU A 1 81  ? 2.969   -2.845  -3.437  1.00 22.90  ? 174 LEU A CB  1 
ATOM   627  C CG  . LEU A 1 81  ? 3.429   -1.575  -2.795  1.00 22.89  ? 174 LEU A CG  1 
ATOM   628  C CD1 . LEU A 1 81  ? 2.275   -0.617  -2.583  1.00 24.88  ? 174 LEU A CD1 1 
ATOM   629  C CD2 . LEU A 1 81  ? 4.177   -1.802  -1.477  1.00 24.95  ? 174 LEU A CD2 1 
ATOM   630  N N   . TYR A 1 82  ? 3.556   -6.269  -3.824  1.00 23.92  ? 175 TYR A N   1 
ATOM   631  C CA  . TYR A 1 82  ? 2.946   -7.504  -4.332  1.00 25.17  ? 175 TYR A CA  1 
ATOM   632  C C   . TYR A 1 82  ? 1.448   -7.479  -4.133  1.00 25.07  ? 175 TYR A C   1 
ATOM   633  O O   . TYR A 1 82  ? 0.982   -7.042  -3.111  1.00 22.83  ? 175 TYR A O   1 
ATOM   634  C CB  . TYR A 1 82  ? 3.522   -8.712  -3.610  1.00 24.03  ? 175 TYR A CB  1 
ATOM   635  C CG  . TYR A 1 82  ? 4.929   -8.925  -3.969  1.00 24.29  ? 175 TYR A CG  1 
ATOM   636  C CD1 . TYR A 1 82  ? 5.260   -9.611  -5.155  1.00 25.93  ? 175 TYR A CD1 1 
ATOM   637  C CD2 . TYR A 1 82  ? 5.925   -8.460  -3.200  1.00 28.74  ? 175 TYR A CD2 1 
ATOM   638  C CE1 . TYR A 1 82  ? 6.567   -9.714  -5.548  1.00 28.68  ? 175 TYR A CE1 1 
ATOM   639  C CE2 . TYR A 1 82  ? 7.256   -8.576  -3.598  1.00 29.12  ? 175 TYR A CE2 1 
ATOM   640  C CZ  . TYR A 1 82  ? 7.549   -9.284  -4.742  1.00 32.30  ? 175 TYR A CZ  1 
ATOM   641  O OH  . TYR A 1 82  ? 8.878   -9.377  -5.118  1.00 33.19  ? 175 TYR A OH  1 
ATOM   642  N N   . ILE A 1 83  ? 0.697   -7.820  -5.148  1.00 23.20  ? 176 ILE A N   1 
ATOM   643  C CA  . ILE A 1 83  ? -0.714  -7.804  -5.130  1.00 24.15  ? 176 ILE A CA  1 
ATOM   644  C C   . ILE A 1 83  ? -1.194  -9.110  -4.530  1.00 23.95  ? 176 ILE A C   1 
ATOM   645  O O   . ILE A 1 83  ? -0.900  -10.186 -5.086  1.00 25.23  ? 176 ILE A O   1 
ATOM   646  C CB  . ILE A 1 83  ? -1.233  -7.544  -6.508  1.00 22.83  ? 176 ILE A CB  1 
ATOM   647  C CG1 . ILE A 1 83  ? -0.787  -6.110  -6.927  1.00 33.07  ? 176 ILE A CG1 1 
ATOM   648  C CG2 . ILE A 1 83  ? -2.705  -7.447  -6.509  1.00 25.24  ? 176 ILE A CG2 1 
ATOM   649  C CD1 . ILE A 1 83  ? -0.992  -5.891  -8.374  1.00 41.63  ? 176 ILE A CD1 1 
ATOM   650  N N   . ILE A 1 84  ? -2.018  -9.007  -3.497  1.00 21.16  ? 177 ILE A N   1 
ATOM   651  C CA  . ILE A 1 84  ? -2.545  -10.148 -2.751  1.00 20.35  ? 177 ILE A CA  1 
ATOM   652  C C   . ILE A 1 84  ? -4.086  -10.109 -2.686  1.00 21.72  ? 177 ILE A C   1 
ATOM   653  O O   . ILE A 1 84  ? -4.622  -9.568  -1.734  1.00 22.39  ? 177 ILE A O   1 
ATOM   654  C CB  . ILE A 1 84  ? -2.000  -10.155 -1.333  1.00 23.13  ? 177 ILE A CB  1 
ATOM   655  C CG1 . ILE A 1 84  ? -0.460  -10.032 -1.304  1.00 25.74  ? 177 ILE A CG1 1 
ATOM   656  C CG2 . ILE A 1 84  ? -2.380  -11.445 -0.609  1.00 24.94  ? 177 ILE A CG2 1 
ATOM   657  C CD1 . ILE A 1 84  ? 0.398   -11.133 -1.875  1.00 29.05  ? 177 ILE A CD1 1 
ATOM   658  N N   . PRO A 1 85  ? -4.764  -10.627 -3.686  1.00 22.93  ? 178 PRO A N   1 
ATOM   659  C CA  . PRO A 1 85  ? -6.201  -10.566 -3.636  1.00 23.16  ? 178 PRO A CA  1 
ATOM   660  C C   . PRO A 1 85  ? -6.806  -11.604 -2.721  1.00 23.68  ? 178 PRO A C   1 
ATOM   661  O O   . PRO A 1 85  ? -6.171  -12.585 -2.336  1.00 24.71  ? 178 PRO A O   1 
ATOM   662  C CB  . PRO A 1 85  ? -6.640  -10.861 -5.074  1.00 23.82  ? 178 PRO A CB  1 
ATOM   663  C CG  . PRO A 1 85  ? -5.427  -10.787 -5.869  1.00 28.04  ? 178 PRO A CG  1 
ATOM   664  C CD  . PRO A 1 85  ? -4.285  -11.142 -4.975  1.00 24.33  ? 178 PRO A CD  1 
ATOM   665  N N   . GLY A 1 86  ? -8.083  -11.406 -2.473  1.00 23.39  ? 179 GLY A N   1 
ATOM   666  C CA  . GLY A 1 86  ? -8.869  -12.433 -1.858  1.00 25.97  ? 179 GLY A CA  1 
ATOM   667  C C   . GLY A 1 86  ? -8.693  -12.687 -0.407  1.00 27.48  ? 179 GLY A C   1 
ATOM   668  O O   . GLY A 1 86  ? -8.900  -13.781 0.045   1.00 28.57  ? 179 GLY A O   1 
ATOM   669  N N   . ILE A 1 87  ? -8.228  -11.707 0.348   1.00 24.37  ? 180 ILE A N   1 
ATOM   670  C CA  . ILE A 1 87  ? -8.051  -11.855 1.767   1.00 26.26  ? 180 ILE A CA  1 
ATOM   671  C C   . ILE A 1 87  ? -9.340  -11.475 2.504   1.00 27.19  ? 180 ILE A C   1 
ATOM   672  O O   . ILE A 1 87  ? -9.840  -10.357 2.351   1.00 25.91  ? 180 ILE A O   1 
ATOM   673  C CB  . ILE A 1 87  ? -6.907  -11.019 2.265   1.00 25.29  ? 180 ILE A CB  1 
ATOM   674  C CG1 . ILE A 1 87  ? -5.599  -11.424 1.588   1.00 25.18  ? 180 ILE A CG1 1 
ATOM   675  C CG2 . ILE A 1 87  ? -6.788  -11.168 3.800   1.00 29.53  ? 180 ILE A CG2 1 
ATOM   676  C CD1 . ILE A 1 87  ? -5.234  -12.921 1.558   1.00 27.18  ? 180 ILE A CD1 1 
ATOM   677  N N   . PRO A 1 88  ? -9.914  -12.404 3.308   1.00 28.80  ? 181 PRO A N   1 
ATOM   678  C CA  . PRO A 1 88  ? -11.238 -12.028 3.832   1.00 29.15  ? 181 PRO A CA  1 
ATOM   679  C C   . PRO A 1 88  ? -11.311 -10.740 4.604   1.00 26.20  ? 181 PRO A C   1 
ATOM   680  O O   . PRO A 1 88  ? -10.421 -10.422 5.416   1.00 28.06  ? 181 PRO A O   1 
ATOM   681  C CB  . PRO A 1 88  ? -11.618 -13.242 4.731   1.00 33.88  ? 181 PRO A CB  1 
ATOM   682  C CG  . PRO A 1 88  ? -10.951 -14.404 4.077   1.00 34.41  ? 181 PRO A CG  1 
ATOM   683  C CD  . PRO A 1 88  ? -9.589  -13.816 3.658   1.00 34.25  ? 181 PRO A CD  1 
ATOM   684  N N   . LYS A 1 89  ? -12.367 -9.992  4.349   1.00 30.35  ? 182 LYS A N   1 
ATOM   685  C CA  . LYS A 1 89  ? -12.628 -8.789  5.047   1.00 33.22  ? 182 LYS A CA  1 
ATOM   686  C C   . LYS A 1 89  ? -12.700 -8.943  6.509   1.00 35.85  ? 182 LYS A C   1 
ATOM   687  O O   . LYS A 1 89  ? -12.350 -8.023  7.187   1.00 41.53  ? 182 LYS A O   1 
ATOM   688  C CB  . LYS A 1 89  ? -13.882 -8.034  4.536   1.00 48.28  ? 182 LYS A CB  1 
ATOM   689  C CG  . LYS A 1 89  ? -13.531 -6.638  3.994   1.00 53.37  ? 182 LYS A CG  1 
ATOM   690  C CD  . LYS A 1 89  ? -14.736 -5.716  3.823   1.00 65.33  ? 182 LYS A CD  1 
ATOM   691  C CE  . LYS A 1 89  ? -15.936 -6.373  3.137   1.00 71.40  ? 182 LYS A CE  1 
ATOM   692  N NZ  . LYS A 1 89  ? -15.724 -6.919  1.745   1.00 73.28  ? 182 LYS A NZ  1 
ATOM   693  N N   . ASP A 1 90  ? -13.088 -10.108 7.016   1.00 34.93  ? 183 ASP A N   1 
ATOM   694  C CA  . ASP A 1 90  ? -13.102 -10.306 8.477   1.00 39.66  ? 183 ASP A CA  1 
ATOM   695  C C   . ASP A 1 90  ? -11.817 -10.783 9.128   1.00 42.14  ? 183 ASP A C   1 
ATOM   696  O O   . ASP A 1 90  ? -11.792 -11.173 10.316  1.00 37.96  ? 183 ASP A O   1 
ATOM   697  C CB  . ASP A 1 90  ? -14.271 -11.232 8.837   1.00 46.28  ? 183 ASP A CB  1 
ATOM   698  C CG  . ASP A 1 90  ? -14.115 -12.626 8.278   1.00 50.49  ? 183 ASP A CG  1 
ATOM   699  O OD1 . ASP A 1 90  ? -13.020 -13.018 7.796   1.00 58.32  ? 183 ASP A OD1 1 
ATOM   700  O OD2 . ASP A 1 90  ? -15.119 -13.360 8.292   1.00 64.02  ? 183 ASP A OD2 1 
ATOM   701  N N   . THR A 1 91  ? -10.716 -10.798 8.378   1.00 34.24  ? 184 THR A N   1 
ATOM   702  C CA  . THR A 1 91  ? -9.434  -11.144 8.944   1.00 33.54  ? 184 THR A CA  1 
ATOM   703  C C   . THR A 1 91  ? -9.030  -10.242 10.109  1.00 37.59  ? 184 THR A C   1 
ATOM   704  O O   . THR A 1 91  ? -9.172  -9.033  10.077  1.00 35.94  ? 184 THR A O   1 
ATOM   705  C CB  . THR A 1 91  ? -8.348  -11.074 7.847   1.00 30.70  ? 184 THR A CB  1 
ATOM   706  O OG1 . THR A 1 91  ? -8.697  -11.992 6.804   1.00 30.29  ? 184 THR A OG1 1 
ATOM   707  C CG2 . THR A 1 91  ? -7.010  -11.355 8.331   1.00 33.75  ? 184 THR A CG2 1 
ATOM   708  N N   . LYS A 1 92  ? -8.491  -10.840 11.166  1.00 41.20  ? 185 LYS A N   1 
ATOM   709  C CA  . LYS A 1 92  ? -8.126  -10.037 12.326  1.00 43.01  ? 185 LYS A CA  1 
ATOM   710  C C   . LYS A 1 92  ? -6.723  -9.546  12.132  1.00 36.94  ? 185 LYS A C   1 
ATOM   711  O O   . LYS A 1 92  ? -5.805  -10.307 12.219  1.00 40.32  ? 185 LYS A O   1 
ATOM   712  C CB  . LYS A 1 92  ? -8.272  -10.876 13.627  1.00 50.66  ? 185 LYS A CB  1 
ATOM   713  C CG  . LYS A 1 92  ? -9.642  -11.509 13.811  1.00 55.07  ? 185 LYS A CG  1 
ATOM   714  C CD  . LYS A 1 92  ? -10.753 -10.476 14.012  1.00 61.31  ? 185 LYS A CD  1 
ATOM   715  N N   . PHE A 1 93  ? -6.535  -8.262  11.858  1.00 33.75  ? 186 PHE A N   1 
ATOM   716  C CA  . PHE A 1 93  ? -5.228  -7.702  11.697  1.00 30.85  ? 186 PHE A CA  1 
ATOM   717  C C   . PHE A 1 93  ? -4.724  -7.200  13.056  1.00 38.30  ? 186 PHE A C   1 
ATOM   718  O O   . PHE A 1 93  ? -5.512  -6.704  13.833  1.00 48.86  ? 186 PHE A O   1 
ATOM   719  C CB  . PHE A 1 93  ? -5.268  -6.581  10.628  1.00 30.80  ? 186 PHE A CB  1 
ATOM   720  C CG  . PHE A 1 93  ? -5.604  -7.116  9.215   1.00 29.28  ? 186 PHE A CG  1 
ATOM   721  C CD1 . PHE A 1 93  ? -4.678  -7.879  8.537   1.00 34.01  ? 186 PHE A CD1 1 
ATOM   722  C CD2 . PHE A 1 93  ? -6.835  -6.897  8.639   1.00 30.47  ? 186 PHE A CD2 1 
ATOM   723  C CE1 . PHE A 1 93  ? -4.959  -8.414  7.313   1.00 29.03  ? 186 PHE A CE1 1 
ATOM   724  C CE2 . PHE A 1 93  ? -7.149  -7.419  7.391   1.00 30.03  ? 186 PHE A CE2 1 
ATOM   725  C CZ  . PHE A 1 93  ? -6.201  -8.183  6.711   1.00 29.80  ? 186 PHE A CZ  1 
ATOM   726  N N   . ASN A 1 94  ? -3.434  -7.331  13.326  1.00 39.70  ? 187 ASN A N   1 
ATOM   727  C CA  . ASN A 1 94  ? -2.895  -6.825  14.588  1.00 43.34  ? 187 ASN A CA  1 
ATOM   728  C C   . ASN A 1 94  ? -1.498  -6.443  14.381  1.00 35.92  ? 187 ASN A C   1 
ATOM   729  O O   . ASN A 1 94  ? -0.640  -7.266  14.417  1.00 36.23  ? 187 ASN A O   1 
ATOM   730  C CB  . ASN A 1 94  ? -3.008  -7.884  15.685  1.00 52.40  ? 187 ASN A CB  1 
ATOM   731  C CG  . ASN A 1 94  ? -4.366  -7.864  16.356  1.00 72.87  ? 187 ASN A CG  1 
ATOM   732  O OD1 . ASN A 1 94  ? -5.035  -8.901  16.475  1.00 90.06  ? 187 ASN A OD1 1 
ATOM   733  N ND2 . ASN A 1 94  ? -4.812  -6.661  16.760  1.00 77.32  ? 187 ASN A ND2 1 
ATOM   734  N N   . PRO A 1 95  ? -1.240  -5.159  14.142  1.00 38.02  ? 188 PRO A N   1 
ATOM   735  C CA  . PRO A 1 95  ? 0.123   -4.725  13.924  1.00 35.59  ? 188 PRO A CA  1 
ATOM   736  C C   . PRO A 1 95  ? 1.039   -5.159  15.014  1.00 40.53  ? 188 PRO A C   1 
ATOM   737  O O   . PRO A 1 95  ? 0.688   -5.112  16.228  1.00 48.02  ? 188 PRO A O   1 
ATOM   738  C CB  . PRO A 1 95  ? 0.020   -3.208  14.013  1.00 40.93  ? 188 PRO A CB  1 
ATOM   739  C CG  . PRO A 1 95  ? -1.352  -2.917  13.539  1.00 43.71  ? 188 PRO A CG  1 
ATOM   740  C CD  . PRO A 1 95  ? -2.209  -4.081  13.941  1.00 43.19  ? 188 PRO A CD  1 
ATOM   741  N N   . LYS A 1 96  ? 2.233   -5.519  14.640  1.00 35.20  ? 189 LYS A N   1 
ATOM   742  C CA  . LYS A 1 96  ? 3.198   -5.861  15.641  1.00 45.68  ? 189 LYS A CA  1 
ATOM   743  C C   . LYS A 1 96  ? 3.883   -4.615  16.172  1.00 50.23  ? 189 LYS A C   1 
ATOM   744  O O   . LYS A 1 96  ? 4.005   -4.476  17.376  1.00 45.42  ? 189 LYS A O   1 
ATOM   745  C CB  . LYS A 1 96  ? 4.185   -6.890  15.110  1.00 50.75  ? 189 LYS A CB  1 
ATOM   746  C CG  . LYS A 1 96  ? 3.514   -8.230  14.643  1.00 54.62  ? 189 LYS A CG  1 
ATOM   747  C CD  . LYS A 1 96  ? 2.597   -8.855  15.716  1.00 61.79  ? 189 LYS A CD  1 
ATOM   748  C CE  . LYS A 1 96  ? 1.614   -9.916  15.202  1.00 64.70  ? 189 LYS A CE  1 
ATOM   749  N NZ  . LYS A 1 96  ? 0.196   -9.574  15.576  1.00 52.38  ? 189 LYS A NZ  1 
ATOM   750  N N   . THR A 1 97  ? 4.245   -3.716  15.252  0.49 45.26  ? 190 THR A N   1 
ATOM   751  C CA  . THR A 1 97  ? 4.990   -2.510  15.540  0.49 42.29  ? 190 THR A CA  1 
ATOM   752  C C   . THR A 1 97  ? 4.031   -1.338  15.830  0.49 39.70  ? 190 THR A C   1 
ATOM   753  O O   . THR A 1 97  ? 3.886   -0.445  14.992  0.49 35.11  ? 190 THR A O   1 
ATOM   754  C CB  . THR A 1 97  ? 5.888   -2.161  14.329  0.49 42.97  ? 190 THR A CB  1 
ATOM   755  O OG1 . THR A 1 97  ? 5.081   -2.099  13.147  0.49 38.37  ? 190 THR A OG1 1 
ATOM   756  C CG2 . THR A 1 97  ? 6.976   -3.215  14.125  0.49 44.91  ? 190 THR A CG2 1 
ATOM   757  N N   A ARG A 1 98  ? 3.407   -1.322  17.015  0.24 37.56  ? 191 ARG A N   1 
ATOM   758  N N   B ARG A 1 98  ? 3.538   -1.340  17.127  0.25 37.03  ? 191 ARG A N   1 
ATOM   759  C CA  A ARG A 1 98  ? 2.417   -0.275  17.316  0.24 38.33  ? 191 ARG A CA  1 
ATOM   760  C CA  B ARG A 1 98  ? 2.498   -0.392  17.562  0.25 37.02  ? 191 ARG A CA  1 
ATOM   761  C C   A ARG A 1 98  ? 3.011   1.083   17.751  0.24 35.06  ? 191 ARG A C   1 
ATOM   762  C C   B ARG A 1 98  ? 3.019   1.038   17.775  0.25 34.48  ? 191 ARG A C   1 
ATOM   763  O O   A ARG A 1 98  ? 2.282   2.091   17.826  0.24 32.80  ? 191 ARG A O   1 
ATOM   764  O O   B ARG A 1 98  ? 2.259   2.027   17.740  0.25 32.83  ? 191 ARG A O   1 
ATOM   765  C CB  A ARG A 1 98  ? 1.286   -0.780  18.234  0.24 40.77  ? 191 ARG A CB  1 
ATOM   766  C CB  B ARG A 1 98  ? 1.801   -0.923  18.805  0.25 38.40  ? 191 ARG A CB  1 
ATOM   767  C CG  A ARG A 1 98  ? -0.019  -1.076  17.457  0.24 41.32  ? 191 ARG A CG  1 
ATOM   768  C CG  B ARG A 1 98  ? 0.875   -2.101  18.507  0.25 40.21  ? 191 ARG A CG  1 
ATOM   769  C CD  A ARG A 1 98  ? -1.277  -0.678  18.222  0.24 44.46  ? 191 ARG A CD  1 
ATOM   770  C CD  B ARG A 1 98  ? -0.535  -1.614  18.225  0.25 43.86  ? 191 ARG A CD  1 
ATOM   771  N NE  A ARG A 1 98  ? -2.230  0.150   17.465  0.24 43.31  ? 191 ARG A NE  1 
ATOM   772  N NE  B ARG A 1 98  ? -1.427  -2.651  17.709  0.25 46.43  ? 191 ARG A NE  1 
ATOM   773  C CZ  A ARG A 1 98  ? -3.340  0.681   17.990  0.24 43.98  ? 191 ARG A CZ  1 
ATOM   774  C CZ  B ARG A 1 98  ? -1.969  -3.644  18.423  0.25 45.84  ? 191 ARG A CZ  1 
ATOM   775  N NH1 A ARG A 1 98  ? -3.662  0.477   19.277  0.24 44.14  ? 191 ARG A NH1 1 
ATOM   776  N NH1 B ARG A 1 98  ? -1.722  -3.796  19.727  0.25 48.48  ? 191 ARG A NH1 1 
ATOM   777  N NH2 A ARG A 1 98  ? -4.148  1.415   17.237  0.24 40.38  ? 191 ARG A NH2 1 
ATOM   778  N NH2 B ARG A 1 98  ? -2.770  -4.506  17.815  0.25 44.09  ? 191 ARG A NH2 1 
ATOM   779  N N   . ARG A 1 99  ? 4.333   1.134   17.930  1.00 33.02  ? 192 ARG A N   1 
ATOM   780  C CA  . ARG A 1 99  ? 5.030   2.384   17.966  1.00 32.35  ? 192 ARG A CA  1 
ATOM   781  C C   . ARG A 1 99  ? 5.154   3.017   16.625  1.00 29.60  ? 192 ARG A C   1 
ATOM   782  O O   . ARG A 1 99  ? 5.498   4.156   16.549  1.00 27.39  ? 192 ARG A O   1 
ATOM   783  C CB  . ARG A 1 99  ? 6.426   2.125   18.542  1.00 36.49  ? 192 ARG A CB  1 
ATOM   784  C CG  . ARG A 1 99  ? 6.385   1.922   20.042  1.00 42.78  ? 192 ARG A CG  1 
ATOM   785  C CD  . ARG A 1 99  ? 7.843   1.834   20.565  1.00 53.82  ? 192 ARG A CD  1 
ATOM   786  N NE  . ARG A 1 99  ? 7.889   2.204   21.980  1.00 71.70  ? 192 ARG A NE  1 
ATOM   787  C CZ  . ARG A 1 99  ? 7.744   1.368   23.001  1.00 73.45  ? 192 ARG A CZ  1 
ATOM   788  N NH1 . ARG A 1 99  ? 7.554   0.060   22.805  1.00 88.44  ? 192 ARG A NH1 1 
ATOM   789  N NH2 . ARG A 1 99  ? 7.785   1.844   24.235  1.00 74.14  ? 192 ARG A NH2 1 
ATOM   790  N N   . GLU A 1 100 ? 4.909   2.265   15.518  1.00 28.54  ? 193 GLU A N   1 
ATOM   791  C CA  . GLU A 1 100 ? 4.895   2.819   14.159  1.00 28.01  ? 193 GLU A CA  1 
ATOM   792  C C   . GLU A 1 100 ? 3.526   2.846   13.488  1.00 26.05  ? 193 GLU A C   1 
ATOM   793  O O   . GLU A 1 100 ? 3.397   3.617   12.546  1.00 28.47  ? 193 GLU A O   1 
ATOM   794  C CB  . GLU A 1 100 ? 5.875   2.047   13.233  1.00 38.18  ? 193 GLU A CB  1 
ATOM   795  C CG  . GLU A 1 100 ? 7.271   2.001   13.857  1.00 46.33  ? 193 GLU A CG  1 
ATOM   796  C CD  . GLU A 1 100 ? 8.288   1.257   13.026  1.00 54.11  ? 193 GLU A CD  1 
ATOM   797  O OE1 . GLU A 1 100 ? 8.716   1.853   12.022  1.00 58.02  ? 193 GLU A OE1 1 
ATOM   798  O OE2 . GLU A 1 100 ? 8.600   0.083   13.363  1.00 57.67  ? 193 GLU A OE2 1 
ATOM   799  N N   . ILE A 1 101 ? 2.569   2.027   13.932  1.00 25.95  ? 194 ILE A N   1 
ATOM   800  C CA  . ILE A 1 101 ? 1.292   1.888   13.248  1.00 27.10  ? 194 ILE A CA  1 
ATOM   801  C C   . ILE A 1 101 ? 0.177   2.354   14.145  1.00 24.05  ? 194 ILE A C   1 
ATOM   802  O O   . ILE A 1 101 ? -0.097  1.693   15.177  1.00 27.92  ? 194 ILE A O   1 
ATOM   803  C CB  . ILE A 1 101 ? 0.992   0.427   12.806  1.00 27.73  ? 194 ILE A CB  1 
ATOM   804  C CG1 . ILE A 1 101 ? 2.105   -0.106  11.938  1.00 28.75  ? 194 ILE A CG1 1 
ATOM   805  C CG2 . ILE A 1 101 ? -0.366  0.316   12.124  1.00 26.72  ? 194 ILE A CG2 1 
ATOM   806  C CD1 . ILE A 1 101 ? 2.390   0.686   10.673  1.00 30.91  ? 194 ILE A CD1 1 
ATOM   807  N N   . ARG A 1 102 ? -0.434  3.474   13.758  1.00 26.51  ? 195 ARG A N   1 
ATOM   808  C CA  . ARG A 1 102 ? -1.628  3.981   14.408  1.00 24.84  ? 195 ARG A CA  1 
ATOM   809  C C   . ARG A 1 102 ? -2.849  3.142   14.251  1.00 31.25  ? 195 ARG A C   1 
ATOM   810  O O   . ARG A 1 102 ? -3.543  2.881   15.246  1.00 27.72  ? 195 ARG A O   1 
ATOM   811  C CB  . ARG A 1 102 ? -1.893  5.471   14.111  1.00 24.99  ? 195 ARG A CB  1 
ATOM   812  C CG  . ARG A 1 102 ? -3.017  6.011   15.022  1.00 25.46  ? 195 ARG A CG  1 
ATOM   813  C CD  . ARG A 1 102 ? -3.477  7.378   14.636  1.00 22.96  ? 195 ARG A CD  1 
ATOM   814  N NE  . ARG A 1 102 ? -2.470  8.458   14.606  1.00 27.03  ? 195 ARG A NE  1 
ATOM   815  C CZ  . ARG A 1 102 ? -2.112  9.143   15.711  1.00 26.65  ? 195 ARG A CZ  1 
ATOM   816  N NH1 . ARG A 1 102 ? -2.692  8.820   16.849  1.00 26.09  ? 195 ARG A NH1 1 
ATOM   817  N NH2 . ARG A 1 102 ? -1.227  10.104  15.680  1.00 26.98  ? 195 ARG A NH2 1 
ATOM   818  N N   . ASN A 1 103 ? -3.155  2.667   13.018  1.00 25.68  ? 196 ASN A N   1 
ATOM   819  C CA  . ASN A 1 103 ? -4.395  2.054   12.758  1.00 29.15  ? 196 ASN A CA  1 
ATOM   820  C C   . ASN A 1 103 ? -4.223  1.252   11.443  1.00 29.24  ? 196 ASN A C   1 
ATOM   821  O O   . ASN A 1 103 ? -3.285  1.464   10.727  1.00 24.32  ? 196 ASN A O   1 
ATOM   822  C CB  . ASN A 1 103 ? -5.479  3.082   12.534  1.00 29.29  ? 196 ASN A CB  1 
ATOM   823  C CG  . ASN A 1 103 ? -6.857  2.555   12.931  1.00 33.56  ? 196 ASN A CG  1 
ATOM   824  O OD1 . ASN A 1 103 ? -7.051  1.315   13.149  1.00 32.07  ? 196 ASN A OD1 1 
ATOM   825  N ND2 . ASN A 1 103 ? -7.832  3.457   12.953  1.00 36.49  ? 196 ASN A ND2 1 
ATOM   826  N N   . ILE A 1 104 ? -5.185  0.419   11.203  1.00 24.28  ? 197 ILE A N   1 
ATOM   827  C CA  . ILE A 1 104 ? -5.161  -0.475  10.020  1.00 25.40  ? 197 ILE A CA  1 
ATOM   828  C C   . ILE A 1 104 ? -6.606  -0.541  9.637   1.00 25.43  ? 197 ILE A C   1 
ATOM   829  O O   . ILE A 1 104 ? -7.492  -0.854  10.465  1.00 27.68  ? 197 ILE A O   1 
ATOM   830  C CB  . ILE A 1 104 ? -4.663  -1.919  10.317  1.00 31.75  ? 197 ILE A CB  1 
ATOM   831  C CG1 . ILE A 1 104 ? -3.249  -1.957  10.796  1.00 42.90  ? 197 ILE A CG1 1 
ATOM   832  C CG2 . ILE A 1 104 ? -4.699  -2.766  9.048   1.00 30.72  ? 197 ILE A CG2 1 
ATOM   833  C CD1 . ILE A 1 104 ? -2.706  -3.392  10.731  1.00 52.56  ? 197 ILE A CD1 1 
ATOM   834  N N   . GLU A 1 105 ? -6.908  -0.315  8.380   1.00 23.80  ? 198 GLU A N   1 
ATOM   835  C CA  . GLU A 1 105 ? -8.321  -0.324  7.938   1.00 23.99  ? 198 GLU A CA  1 
ATOM   836  C C   . GLU A 1 105 ? -8.459  -0.698  6.466   1.00 23.90  ? 198 GLU A C   1 
ATOM   837  O O   . GLU A 1 105 ? -7.566  -0.440  5.643   1.00 22.47  ? 198 GLU A O   1 
ATOM   838  C CB  . GLU A 1 105 ? -8.918  1.064   8.089   1.00 31.01  ? 198 GLU A CB  1 
ATOM   839  C CG  . GLU A 1 105 ? -9.860  1.230   9.196   1.00 46.11  ? 198 GLU A CG  1 
ATOM   840  C CD  . GLU A 1 105 ? -10.441 2.632   9.261   1.00 50.65  ? 198 GLU A CD  1 
ATOM   841  O OE1 . GLU A 1 105 ? -10.893 3.193   8.198   1.00 52.78  ? 198 GLU A OE1 1 
ATOM   842  O OE2 . GLU A 1 105 ? -10.484 3.123   10.409  1.00 60.63  ? 198 GLU A OE2 1 
ATOM   843  N N   . TRP A 1 106 ? -9.642  -1.195  6.124   1.00 24.06  ? 199 TRP A N   1 
ATOM   844  C CA  . TRP A 1 106 ? -10.058 -1.383  4.742   1.00 23.81  ? 199 TRP A CA  1 
ATOM   845  C C   . TRP A 1 106 ? -10.638 -0.115  4.157   1.00 25.57  ? 199 TRP A C   1 
ATOM   846  O O   . TRP A 1 106 ? -11.405 0.555   4.835   1.00 24.76  ? 199 TRP A O   1 
ATOM   847  C CB  . TRP A 1 106 ? -11.137 -2.450  4.671   1.00 23.84  ? 199 TRP A CB  1 
ATOM   848  C CG  . TRP A 1 106 ? -10.671 -3.858  4.949   1.00 21.61  ? 199 TRP A CG  1 
ATOM   849  C CD1 . TRP A 1 106 ? -10.936 -4.618  6.073   1.00 27.82  ? 199 TRP A CD1 1 
ATOM   850  C CD2 . TRP A 1 106 ? -9.933  -4.740  4.060   1.00 23.45  ? 199 TRP A CD2 1 
ATOM   851  N NE1 . TRP A 1 106 ? -10.373 -5.863  5.970   1.00 28.20  ? 199 TRP A NE1 1 
ATOM   852  C CE2 . TRP A 1 106 ? -9.764  -5.988  4.757   1.00 25.04  ? 199 TRP A CE2 1 
ATOM   853  C CE3 . TRP A 1 106 ? -9.324  -4.572  2.849   1.00 22.86  ? 199 TRP A CE3 1 
ATOM   854  C CZ2 . TRP A 1 106 ? -9.085  -7.085  4.202   1.00 24.71  ? 199 TRP A CZ2 1 
ATOM   855  C CZ3 . TRP A 1 106 ? -8.683  -5.693  2.267   1.00 23.70  ? 199 TRP A CZ3 1 
ATOM   856  C CH2 . TRP A 1 106 ? -8.588  -6.900  2.948   1.00 26.49  ? 199 TRP A CH2 1 
ATOM   857  N N   . PHE A 1 107 ? -10.246 0.201   2.928   1.00 24.50  ? 200 PHE A N   1 
ATOM   858  C CA  . PHE A 1 107 ? -10.731 1.329   2.160   1.00 23.07  ? 200 PHE A CA  1 
ATOM   859  C C   . PHE A 1 107 ? -11.223 0.919   0.808   1.00 25.44  ? 200 PHE A C   1 
ATOM   860  O O   . PHE A 1 107 ? -10.616 0.111   0.113   1.00 24.91  ? 200 PHE A O   1 
ATOM   861  C CB  . PHE A 1 107 ? -9.648  2.389   1.997   1.00 23.73  ? 200 PHE A CB  1 
ATOM   862  C CG  . PHE A 1 107 ? -9.249  3.078   3.295   1.00 21.24  ? 200 PHE A CG  1 
ATOM   863  C CD1 . PHE A 1 107 ? -8.276  2.532   4.162   1.00 23.85  ? 200 PHE A CD1 1 
ATOM   864  C CD2 . PHE A 1 107 ? -9.918  4.247   3.685   1.00 23.36  ? 200 PHE A CD2 1 
ATOM   865  C CE1 . PHE A 1 107 ? -7.963  3.196   5.336   1.00 26.10  ? 200 PHE A CE1 1 
ATOM   866  C CE2 . PHE A 1 107 ? -9.623  4.854   4.882   1.00 25.04  ? 200 PHE A CE2 1 
ATOM   867  C CZ  . PHE A 1 107 ? -8.624  4.337   5.683   1.00 25.50  ? 200 PHE A CZ  1 
ATOM   868  N N   . SER A 1 108 ? -12.372 1.530   0.398   1.00 24.31  ? 201 SER A N   1 
ATOM   869  C CA  . SER A 1 108 ? -12.947 1.334   -0.889  1.00 24.08  ? 201 SER A CA  1 
ATOM   870  C C   . SER A 1 108 ? -12.025 1.907   -1.956  1.00 24.10  ? 201 SER A C   1 
ATOM   871  O O   . SER A 1 108 ? -11.694 3.112   -1.928  1.00 26.48  ? 201 SER A O   1 
ATOM   872  C CB  . SER A 1 108 ? -14.368 1.954   -0.998  1.00 26.68  ? 201 SER A CB  1 
ATOM   873  O OG  . SER A 1 108 ? -14.707 2.052   -2.347  1.00 30.38  ? 201 SER A OG  1 
ATOM   874  N N   . ILE A 1 109 ? -11.624 1.066   -2.896  1.00 24.17  ? 202 ILE A N   1 
ATOM   875  C CA  . ILE A 1 109 ? -10.764 1.517   -3.982  1.00 24.33  ? 202 ILE A CA  1 
ATOM   876  C C   . ILE A 1 109 ? -11.407 2.651   -4.793  1.00 30.37  ? 202 ILE A C   1 
ATOM   877  O O   . ILE A 1 109 ? -10.752 3.643   -5.166  1.00 31.32  ? 202 ILE A O   1 
ATOM   878  C CB  . ILE A 1 109 ? -10.280 0.410   -4.893  1.00 28.47  ? 202 ILE A CB  1 
ATOM   879  C CG1 . ILE A 1 109 ? -9.390  -0.596  -4.180  1.00 32.08  ? 202 ILE A CG1 1 
ATOM   880  C CG2 . ILE A 1 109 ? -9.469  0.996   -6.026  1.00 28.88  ? 202 ILE A CG2 1 
ATOM   881  C CD1 . ILE A 1 109 ? -9.261  -1.924  -4.916  1.00 33.96  ? 202 ILE A CD1 1 
ATOM   882  N N   . GLU A 1 110 ? -12.711 2.514   -5.044  1.00 29.29  ? 203 GLU A N   1 
ATOM   883  C CA  . GLU A 1 110 ? -13.334 3.509   -5.946  1.00 36.29  ? 203 GLU A CA  1 
ATOM   884  C C   . GLU A 1 110 ? -13.476 4.871   -5.268  1.00 33.19  ? 203 GLU A C   1 
ATOM   885  O O   . GLU A 1 110 ? -13.480 5.855   -5.975  1.00 33.57  ? 203 GLU A O   1 
ATOM   886  C CB  . GLU A 1 110 ? -14.671 2.993   -6.484  1.00 37.35  ? 203 GLU A CB  1 
ATOM   887  C CG  . GLU A 1 110 ? -15.715 2.792   -5.436  1.00 40.74  ? 203 GLU A CG  1 
ATOM   888  C CD  . GLU A 1 110 ? -17.100 2.544   -6.098  1.00 51.10  ? 203 GLU A CD  1 
ATOM   889  O OE1 . GLU A 1 110 ? -17.125 2.016   -7.246  1.00 48.18  ? 203 GLU A OE1 1 
ATOM   890  O OE2 . GLU A 1 110 ? -18.134 2.920   -5.465  1.00 59.99  ? 203 GLU A OE2 1 
ATOM   891  N N   . LYS A 1 111 ? -13.428 4.894   -3.909  1.00 30.87  ? 204 LYS A N   1 
ATOM   892  C CA  . LYS A 1 111 ? -13.440 6.092   -3.110  1.00 28.95  ? 204 LYS A CA  1 
ATOM   893  C C   . LYS A 1 111 ? -12.098 6.791   -2.835  1.00 32.32  ? 204 LYS A C   1 
ATOM   894  O O   . LYS A 1 111 ? -12.093 7.930   -2.424  1.00 31.17  ? 204 LYS A O   1 
ATOM   895  C CB  . LYS A 1 111 ? -14.070 5.767   -1.777  1.00 32.40  ? 204 LYS A CB  1 
ATOM   896  C CG  . LYS A 1 111 ? -15.595 5.568   -1.928  1.00 40.62  ? 204 LYS A CG  1 
ATOM   897  C CD  . LYS A 1 111 ? -16.209 5.569   -0.573  1.00 48.46  ? 204 LYS A CD  1 
ATOM   898  C CE  . LYS A 1 111 ? -17.681 5.197   -0.616  1.00 57.21  ? 204 LYS A CE  1 
ATOM   899  N NZ  . LYS A 1 111 ? -18.012 5.003   0.831   1.00 61.69  ? 204 LYS A NZ  1 
ATOM   900  N N   . LEU A 1 112 ? -10.968 6.093   -2.990  1.00 26.55  ? 205 LEU A N   1 
ATOM   901  C CA  . LEU A 1 112 ? -9.658  6.658   -2.818  1.00 25.34  ? 205 LEU A CA  1 
ATOM   902  C C   . LEU A 1 112 ? -9.306  7.549   -3.963  1.00 32.23  ? 205 LEU A C   1 
ATOM   903  O O   . LEU A 1 112 ? -9.713  7.327   -5.111  1.00 30.27  ? 205 LEU A O   1 
ATOM   904  C CB  . LEU A 1 112 ? -8.596  5.551   -2.646  1.00 25.30  ? 205 LEU A CB  1 
ATOM   905  C CG  . LEU A 1 112 ? -8.635  4.658   -1.436  1.00 24.04  ? 205 LEU A CG  1 
ATOM   906  C CD1 . LEU A 1 112 ? -7.773  3.383   -1.585  1.00 25.47  ? 205 LEU A CD1 1 
ATOM   907  C CD2 . LEU A 1 112 ? -8.186  5.482   -0.224  1.00 24.85  ? 205 LEU A CD2 1 
ATOM   908  N N   . PRO A 1 113 ? -8.574  8.628   -3.655  1.00 31.32  ? 206 PRO A N   1 
ATOM   909  C CA  . PRO A 1 113 ? -8.095  9.512   -4.678  1.00 34.86  ? 206 PRO A CA  1 
ATOM   910  C C   . PRO A 1 113 ? -6.964  8.860   -5.496  1.00 37.01  ? 206 PRO A C   1 
ATOM   911  O O   . PRO A 1 113 ? -6.167  8.067   -4.938  1.00 33.05  ? 206 PRO A O   1 
ATOM   912  C CB  . PRO A 1 113 ? -7.578  10.708  -3.870  1.00 31.66  ? 206 PRO A CB  1 
ATOM   913  C CG  . PRO A 1 113 ? -7.263  10.150  -2.516  1.00 35.83  ? 206 PRO A CG  1 
ATOM   914  C CD  . PRO A 1 113 ? -8.293  9.109   -2.283  1.00 31.98  ? 206 PRO A CD  1 
ATOM   915  N N   . CYS A 1 114 ? -6.901  9.172   -6.781  1.00 34.13  ? 207 CYS A N   1 
ATOM   916  C CA  . CYS A 1 114 ? -5.730  8.773   -7.564  1.00 38.14  ? 207 CYS A CA  1 
ATOM   917  C C   . CYS A 1 114 ? -4.852  9.979   -7.861  1.00 38.86  ? 207 CYS A C   1 
ATOM   918  O O   . CYS A 1 114 ? -3.787  9.822   -8.523  1.00 38.01  ? 207 CYS A O   1 
ATOM   919  C CB  . CYS A 1 114 ? -6.113  8.019   -8.810  1.00 45.00  ? 207 CYS A CB  1 
ATOM   920  S SG  . CYS A 1 114 ? -7.112  9.050   -9.882  1.00 53.96  ? 207 CYS A SG  1 
ATOM   921  N N   . HIS A 1 115 ? -5.203  11.137  -7.284  1.00 40.06  ? 208 HIS A N   1 
ATOM   922  C CA  . HIS A 1 115 ? -4.320  12.324  -7.363  1.00 42.39  ? 208 HIS A CA  1 
ATOM   923  C C   . HIS A 1 115 ? -4.684  13.226  -6.235  1.00 43.88  ? 208 HIS A C   1 
ATOM   924  O O   . HIS A 1 115 ? -5.754  13.076  -5.662  1.00 40.12  ? 208 HIS A O   1 
ATOM   925  C CB  . HIS A 1 115 ? -4.552  12.978  -8.744  1.00 42.49  ? 208 HIS A CB  1 
ATOM   926  C CG  . HIS A 1 115 ? -5.935  13.502  -8.921  1.00 48.58  ? 208 HIS A CG  1 
ATOM   927  N ND1 . HIS A 1 115 ? -6.311  14.753  -8.475  1.00 48.27  ? 208 HIS A ND1 1 
ATOM   928  C CD2 . HIS A 1 115 ? -7.056  12.919  -9.419  1.00 50.38  ? 208 HIS A CD2 1 
ATOM   929  C CE1 . HIS A 1 115 ? -7.599  14.936  -8.724  1.00 52.95  ? 208 HIS A CE1 1 
ATOM   930  N NE2 . HIS A 1 115 ? -8.072  13.842  -9.301  1.00 55.81  ? 208 HIS A NE2 1 
ATOM   931  N N   A ARG A 1 116 ? -3.798  14.152  -5.857  0.26 42.03  ? 209 ARG A N   1 
ATOM   932  N N   B ARG A 1 116 ? -3.796  14.158  -5.888  0.24 46.21  ? 209 ARG A N   1 
ATOM   933  C CA  A ARG A 1 116 ? -4.182  15.222  -4.926  0.26 42.14  ? 209 ARG A CA  1 
ATOM   934  C CA  B ARG A 1 116 ? -4.170  15.224  -4.966  0.24 48.70  ? 209 ARG A CA  1 
ATOM   935  C C   A ARG A 1 116 ? -4.703  16.415  -5.735  0.26 43.70  ? 209 ARG A C   1 
ATOM   936  C C   B ARG A 1 116 ? -4.698  16.426  -5.751  0.24 47.81  ? 209 ARG A C   1 
ATOM   937  O O   A ARG A 1 116 ? -4.444  16.508  -6.922  0.26 41.98  ? 209 ARG A O   1 
ATOM   938  O O   B ARG A 1 116 ? -4.424  16.550  -6.935  0.24 46.66  ? 209 ARG A O   1 
ATOM   939  C CB  A ARG A 1 116 ? -3.015  15.602  -4.037  0.26 40.51  ? 209 ARG A CB  1 
ATOM   940  C CB  B ARG A 1 116 ? -3.017  15.619  -4.069  0.24 51.51  ? 209 ARG A CB  1 
ATOM   941  C CG  A ARG A 1 116 ? -2.688  14.523  -3.022  0.26 37.88  ? 209 ARG A CG  1 
ATOM   942  C CG  B ARG A 1 116 ? -3.583  16.206  -2.805  0.24 53.84  ? 209 ARG A CG  1 
ATOM   943  C CD  A ARG A 1 116 ? -1.251  14.590  -2.611  0.26 39.18  ? 209 ARG A CD  1 
ATOM   944  C CD  B ARG A 1 116 ? -4.972  15.609  -2.629  0.24 57.03  ? 209 ARG A CD  1 
ATOM   945  N NE  A ARG A 1 116 ? -1.041  15.665  -1.687  0.26 39.81  ? 209 ARG A NE  1 
ATOM   946  N NE  B ARG A 1 116 ? -5.863  16.402  -1.772  0.24 53.36  ? 209 ARG A NE  1 
ATOM   947  C CZ  A ARG A 1 116 ? 0.147   16.129  -1.351  0.26 43.58  ? 209 ARG A CZ  1 
ATOM   948  C CZ  B ARG A 1 116 ? -7.188  16.300  -1.797  0.24 52.34  ? 209 ARG A CZ  1 
ATOM   949  N NH1 A ARG A 1 116 ? 1.245   15.603  -1.877  0.26 47.06  ? 209 ARG A NH1 1 
ATOM   950  N NH1 B ARG A 1 116 ? -7.943  17.023  -0.981  0.24 51.56  ? 209 ARG A NH1 1 
ATOM   951  N NH2 A ARG A 1 116 ? 0.235   17.114  -0.494  0.26 43.63  ? 209 ARG A NH2 1 
ATOM   952  N NH2 B ARG A 1 116 ? -7.757  15.463  -2.647  0.24 55.03  ? 209 ARG A NH2 1 
ATOM   953  N N   . ASN A 1 117 ? -5.482  17.281  -5.098  1.00 49.13  ? 210 ASN A N   1 
ATOM   954  C CA  . ASN A 1 117 ? -6.100  18.406  -5.741  1.00 51.15  ? 210 ASN A CA  1 
ATOM   955  C C   . ASN A 1 117 ? -5.063  19.493  -5.672  1.00 48.74  ? 210 ASN A C   1 
ATOM   956  O O   . ASN A 1 117 ? -4.175  19.527  -4.762  1.00 43.68  ? 210 ASN A O   1 
ATOM   957  C CB  . ASN A 1 117 ? -7.382  18.810  -5.013  1.00 53.98  ? 210 ASN A CB  1 
ATOM   958  C CG  . ASN A 1 117 ? -8.406  17.708  -5.022  1.00 55.37  ? 210 ASN A CG  1 
ATOM   959  O OD1 . ASN A 1 117 ? -8.499  16.919  -5.980  1.00 52.31  ? 210 ASN A OD1 1 
ATOM   960  N ND2 . ASN A 1 117 ? -9.186  17.652  -3.973  1.00 63.42  ? 210 ASN A ND2 1 
ATOM   961  N N   . ASP A 1 118 ? -5.154  20.322  -6.706  1.00 53.26  ? 211 ASP A N   1 
ATOM   962  C CA  . ASP A 1 118 ? -4.386  21.546  -6.816  1.00 52.60  ? 211 ASP A CA  1 
ATOM   963  C C   . ASP A 1 118 ? -5.078  22.595  -5.910  1.00 52.73  ? 211 ASP A C   1 
ATOM   964  O O   . ASP A 1 118 ? -6.081  22.310  -5.192  1.00 54.01  ? 211 ASP A O   1 
ATOM   965  C CB  . ASP A 1 118 ? -4.262  21.973  -8.303  1.00 51.09  ? 211 ASP A CB  1 
ATOM   966  C CG  . ASP A 1 118 ? -5.599  22.410  -8.930  1.00 57.05  ? 211 ASP A CG  1 
ATOM   967  O OD1 . ASP A 1 118 ? -6.508  22.829  -8.181  1.00 51.44  ? 211 ASP A OD1 1 
ATOM   968  O OD2 . ASP A 1 118 ? -5.730  22.338  -10.183 1.00 66.57  ? 211 ASP A OD2 1 
ATOM   969  N N   . MET A 1 119 ? -4.488  23.784  -5.911  1.00 47.12  ? 212 MET A N   1 
ATOM   970  C CA  . MET A 1 119 ? -5.031  24.974  -5.211  1.00 50.18  ? 212 MET A CA  1 
ATOM   971  C C   . MET A 1 119 ? -5.256  26.157  -6.183  1.00 51.19  ? 212 MET A C   1 
ATOM   972  O O   . MET A 1 119 ? -5.176  27.341  -5.798  1.00 50.80  ? 212 MET A O   1 
ATOM   973  C CB  . MET A 1 119 ? -4.111  25.306  -4.049  1.00 48.46  ? 212 MET A CB  1 
ATOM   974  C CG  . MET A 1 119 ? -4.090  24.088  -3.129  1.00 59.21  ? 212 MET A CG  1 
ATOM   975  S SD  . MET A 1 119 ? -3.244  24.312  -1.607  1.00 58.56  ? 212 MET A SD  1 
ATOM   976  C CE  . MET A 1 119 ? -1.527  24.461  -2.136  1.00 69.35  ? 212 MET A CE  1 
ATOM   977  N N   . THR A 1 120 ? -5.577  25.806  -7.437  1.00 50.40  ? 213 THR A N   1 
ATOM   978  C CA  . THR A 1 120 ? -5.910  26.772  -8.488  1.00 53.32  ? 213 THR A CA  1 
ATOM   979  C C   . THR A 1 120 ? -7.108  27.651  -8.057  1.00 59.01  ? 213 THR A C   1 
ATOM   980  O O   . THR A 1 120 ? -7.091  28.819  -8.380  1.00 54.10  ? 213 THR A O   1 
ATOM   981  C CB  . THR A 1 120 ? -6.218  26.082  -9.846  1.00 54.07  ? 213 THR A CB  1 
ATOM   982  O OG1 . THR A 1 120 ? -7.209  25.056  -9.659  1.00 68.64  ? 213 THR A OG1 1 
ATOM   983  C CG2 . THR A 1 120 ? -4.981  25.429  -10.438 1.00 49.55  ? 213 THR A CG2 1 
ATOM   984  N N   . PRO A 1 121 ? -8.133  27.107  -7.300  1.00 70.59  ? 214 PRO A N   1 
ATOM   985  C CA  . PRO A 1 121 ? -9.135  28.075  -6.760  1.00 66.13  ? 214 PRO A CA  1 
ATOM   986  C C   . PRO A 1 121 ? -8.524  29.234  -5.932  1.00 67.62  ? 214 PRO A C   1 
ATOM   987  O O   . PRO A 1 121 ? -9.020  30.359  -6.035  1.00 69.09  ? 214 PRO A O   1 
ATOM   988  C CB  . PRO A 1 121 ? -10.062 27.195  -5.872  1.00 66.19  ? 214 PRO A CB  1 
ATOM   989  C CG  . PRO A 1 121 ? -9.378  25.864  -5.752  1.00 70.59  ? 214 PRO A CG  1 
ATOM   990  C CD  . PRO A 1 121 ? -8.571  25.717  -7.011  1.00 70.37  ? 214 PRO A CD  1 
ATOM   991  N N   . LYS A 1 122 ? -7.465  28.972  -5.150  1.00 57.64  ? 215 LYS A N   1 
ATOM   992  C CA  . LYS A 1 122 ? -6.767  30.031  -4.384  1.00 54.58  ? 215 LYS A CA  1 
ATOM   993  C C   . LYS A 1 122 ? -5.607  30.804  -5.146  1.00 52.06  ? 215 LYS A C   1 
ATOM   994  O O   . LYS A 1 122 ? -4.949  31.616  -4.524  1.00 56.14  ? 215 LYS A O   1 
ATOM   995  C CB  . LYS A 1 122 ? -6.258  29.438  -3.042  1.00 55.51  ? 215 LYS A CB  1 
ATOM   996  C CG  . LYS A 1 122 ? -6.293  30.367  -1.820  1.00 61.61  ? 215 LYS A CG  1 
ATOM   997  N N   . SER A 1 123 ? -5.370  30.566  -6.456  1.00 49.44  ? 216 SER A N   1 
ATOM   998  C CA  . SER A 1 123 ? -4.212  31.149  -7.186  1.00 45.24  ? 216 SER A CA  1 
ATOM   999  C C   . SER A 1 123 ? -2.867  30.879  -6.483  1.00 42.85  ? 216 SER A C   1 
ATOM   1000 O O   . SER A 1 123 ? -1.960  31.714  -6.439  1.00 36.51  ? 216 SER A O   1 
ATOM   1001 C CB  . SER A 1 123 ? -4.450  32.662  -7.376  1.00 46.63  ? 216 SER A CB  1 
ATOM   1002 O OG  . SER A 1 123 ? -5.425  32.832  -8.386  1.00 45.85  ? 216 SER A OG  1 
ATOM   1003 N N   . LYS A 1 124 ? -2.776  29.675  -5.927  1.00 38.00  ? 217 LYS A N   1 
ATOM   1004 C CA  . LYS A 1 124 ? -1.671  29.215  -5.149  1.00 32.40  ? 217 LYS A CA  1 
ATOM   1005 C C   . LYS A 1 124 ? -1.084  27.922  -5.784  1.00 32.17  ? 217 LYS A C   1 
ATOM   1006 O O   . LYS A 1 124 ? -1.835  27.021  -6.159  1.00 34.25  ? 217 LYS A O   1 
ATOM   1007 C CB  . LYS A 1 124 ? -2.242  28.893  -3.753  1.00 37.94  ? 217 LYS A CB  1 
ATOM   1008 C CG  . LYS A 1 124 ? -1.290  28.426  -2.714  1.00 39.82  ? 217 LYS A CG  1 
ATOM   1009 C CD  . LYS A 1 124 ? -1.893  28.432  -1.272  1.00 44.29  ? 217 LYS A CD  1 
ATOM   1010 N N   . LEU A 1 125 ? 0.250   27.828  -5.818  1.00 26.71  ? 218 LEU A N   1 
ATOM   1011 C CA  . LEU A 1 125 ? 0.892   26.614  -6.420  1.00 25.26  ? 218 LEU A CA  1 
ATOM   1012 C C   . LEU A 1 125 ? 0.886   25.475  -5.430  1.00 27.76  ? 218 LEU A C   1 
ATOM   1013 O O   . LEU A 1 125 ? 0.977   25.666  -4.212  1.00 31.87  ? 218 LEU A O   1 
ATOM   1014 C CB  . LEU A 1 125 ? 2.314   26.864  -6.752  1.00 27.95  ? 218 LEU A CB  1 
ATOM   1015 C CG  . LEU A 1 125 ? 2.318   27.945  -7.869  1.00 30.09  ? 218 LEU A CG  1 
ATOM   1016 C CD1 . LEU A 1 125 ? 3.640   27.962  -8.529  1.00 33.19  ? 218 LEU A CD1 1 
ATOM   1017 C CD2 . LEU A 1 125 ? 1.227   27.930  -8.948  1.00 31.13  ? 218 LEU A CD2 1 
ATOM   1018 N N   . GLY A 1 126 ? 0.956   24.290  -5.983  1.00 27.33  ? 219 GLY A N   1 
ATOM   1019 C CA  . GLY A 1 126 ? 1.176   23.112  -5.136  1.00 26.99  ? 219 GLY A CA  1 
ATOM   1020 C C   . GLY A 1 126 ? -0.119  22.336  -4.917  1.00 27.09  ? 219 GLY A C   1 
ATOM   1021 O O   . GLY A 1 126 ? -1.101  22.439  -5.657  1.00 29.48  ? 219 GLY A O   1 
ATOM   1022 N N   . LEU A 1 127 ? -0.021  21.411  -3.966  1.00 32.88  ? 220 LEU A N   1 
ATOM   1023 C CA  . LEU A 1 127 ? -1.094  20.452  -3.742  1.00 35.23  ? 220 LEU A CA  1 
ATOM   1024 C C   . LEU A 1 127 ? -1.734  20.656  -2.365  1.00 31.29  ? 220 LEU A C   1 
ATOM   1025 O O   . LEU A 1 127 ? -1.057  20.925  -1.457  1.00 33.19  ? 220 LEU A O   1 
ATOM   1026 C CB  . LEU A 1 127 ? -0.481  19.056  -3.773  1.00 37.73  ? 220 LEU A CB  1 
ATOM   1027 C CG  . LEU A 1 127 ? 0.013   18.630  -5.161  1.00 42.22  ? 220 LEU A CG  1 
ATOM   1028 C CD1 . LEU A 1 127 ? 0.716   17.296  -5.018  1.00 50.70  ? 220 LEU A CD1 1 
ATOM   1029 C CD2 . LEU A 1 127 ? -1.134  18.594  -6.183  1.00 40.56  ? 220 LEU A CD2 1 
ATOM   1030 N N   . ALA A 1 128 ? -3.023  20.431  -2.270  1.00 33.08  ? 221 ALA A N   1 
ATOM   1031 C CA  . ALA A 1 128 ? -3.725  20.449  -0.966  1.00 36.07  ? 221 ALA A CA  1 
ATOM   1032 C C   . ALA A 1 128 ? -3.335  19.202  -0.171  1.00 38.47  ? 221 ALA A C   1 
ATOM   1033 O O   . ALA A 1 128 ? -3.028  18.169  -0.749  1.00 33.63  ? 221 ALA A O   1 
ATOM   1034 C CB  . ALA A 1 128 ? -5.237  20.460  -1.222  1.00 40.44  ? 221 ALA A CB  1 
ATOM   1035 N N   . PRO A 1 129 ? -3.331  19.292  1.159   1.00 37.54  ? 222 PRO A N   1 
ATOM   1036 C CA  . PRO A 1 129 ? -3.034  18.093  1.987   1.00 37.69  ? 222 PRO A CA  1 
ATOM   1037 C C   . PRO A 1 129 ? -4.009  17.028  1.730   1.00 30.26  ? 222 PRO A C   1 
ATOM   1038 O O   . PRO A 1 129 ? -5.140  17.288  1.362   1.00 33.44  ? 222 PRO A O   1 
ATOM   1039 C CB  . PRO A 1 129 ? -3.134  18.610  3.435   1.00 39.41  ? 222 PRO A CB  1 
ATOM   1040 C CG  . PRO A 1 129 ? -2.868  20.082  3.323   1.00 45.67  ? 222 PRO A CG  1 
ATOM   1041 C CD  . PRO A 1 129 ? -3.420  20.520  1.985   1.00 42.34  ? 222 PRO A CD  1 
ATOM   1042 N N   . ASN A 1 130 ? -3.533  15.774  1.814   1.00 31.28  ? 223 ASN A N   1 
ATOM   1043 C CA  . ASN A 1 130 ? -4.430  14.638  1.645   1.00 28.90  ? 223 ASN A CA  1 
ATOM   1044 C C   . ASN A 1 130 ? -3.864  13.505  2.472   1.00 27.10  ? 223 ASN A C   1 
ATOM   1045 O O   . ASN A 1 130 ? -2.687  13.179  2.373   1.00 26.42  ? 223 ASN A O   1 
ATOM   1046 C CB  . ASN A 1 130 ? -4.480  14.158  0.224   1.00 35.88  ? 223 ASN A CB  1 
ATOM   1047 C CG  . ASN A 1 130 ? -5.608  13.164  -0.017  1.00 38.51  ? 223 ASN A CG  1 
ATOM   1048 O OD1 . ASN A 1 130 ? -5.532  12.053  0.429   1.00 31.38  ? 223 ASN A OD1 1 
ATOM   1049 N ND2 . ASN A 1 130 ? -6.703  13.597  -0.658  1.00 39.63  ? 223 ASN A ND2 1 
ATOM   1050 N N   . LYS A 1 131 ? -4.696  12.925  3.320   1.00 25.96  ? 224 LYS A N   1 
ATOM   1051 C CA  . LYS A 1 131 ? -4.197  11.944  4.204   1.00 26.34  ? 224 LYS A CA  1 
ATOM   1052 C C   . LYS A 1 131 ? -3.814  10.621  3.526   1.00 26.09  ? 224 LYS A C   1 
ATOM   1053 O O   . LYS A 1 131 ? -3.204  9.798   4.172   1.00 24.29  ? 224 LYS A O   1 
ATOM   1054 C CB  . LYS A 1 131 ? -5.233  11.611  5.310   1.00 24.21  ? 224 LYS A CB  1 
ATOM   1055 C CG  . LYS A 1 131 ? -6.504  11.021  4.871   1.00 26.53  ? 224 LYS A CG  1 
ATOM   1056 C CD  . LYS A 1 131 ? -7.350  10.805  6.128   1.00 31.55  ? 224 LYS A CD  1 
ATOM   1057 C CE  . LYS A 1 131 ? -8.635  10.095  5.752   1.00 33.35  ? 224 LYS A CE  1 
ATOM   1058 N NZ  . LYS A 1 131 ? -9.529  9.943   6.932   1.00 32.71  ? 224 LYS A NZ  1 
ATOM   1059 N N   . PHE A 1 132 ? -4.198  10.453  2.283   1.00 22.65  ? 225 PHE A N   1 
ATOM   1060 C CA  . PHE A 1 132 ? -3.804  9.270   1.470   1.00 22.98  ? 225 PHE A CA  1 
ATOM   1061 C C   . PHE A 1 132 ? -2.579  9.475   0.590   1.00 25.19  ? 225 PHE A C   1 
ATOM   1062 O O   . PHE A 1 132 ? -2.314  8.634   -0.268  1.00 26.91  ? 225 PHE A O   1 
ATOM   1063 C CB  . PHE A 1 132 ? -5.000  8.846   0.595   1.00 21.50  ? 225 PHE A CB  1 
ATOM   1064 C CG  . PHE A 1 132 ? -6.204  8.449   1.413   1.00 22.69  ? 225 PHE A CG  1 
ATOM   1065 C CD1 . PHE A 1 132 ? -6.193  7.296   2.107   1.00 21.90  ? 225 PHE A CD1 1 
ATOM   1066 C CD2 . PHE A 1 132 ? -7.333  9.272   1.466   1.00 26.12  ? 225 PHE A CD2 1 
ATOM   1067 C CE1 . PHE A 1 132 ? -7.249  6.894   2.861   1.00 23.86  ? 225 PHE A CE1 1 
ATOM   1068 C CE2 . PHE A 1 132 ? -8.431  8.889   2.205   1.00 29.57  ? 225 PHE A CE2 1 
ATOM   1069 C CZ  . PHE A 1 132 ? -8.414  7.683   2.876   1.00 25.37  ? 225 PHE A CZ  1 
ATOM   1070 N N   A PHE A 1 133 ? -1.813  10.538  0.844   0.26 25.34  ? 226 PHE A N   1 
ATOM   1071 N N   B PHE A 1 133 ? -1.829  10.561  0.821   0.24 26.62  ? 226 PHE A N   1 
ATOM   1072 C CA  A PHE A 1 133 ? -0.683  10.908  -0.013  0.26 25.64  ? 226 PHE A CA  1 
ATOM   1073 C CA  B PHE A 1 133 ? -0.638  10.927  0.024   0.24 27.72  ? 226 PHE A CA  1 
ATOM   1074 C C   A PHE A 1 133 ? 0.293   9.766   -0.285  0.26 25.08  ? 226 PHE A C   1 
ATOM   1075 C C   B PHE A 1 133 ? 0.278   9.755   -0.288  0.24 26.28  ? 226 PHE A C   1 
ATOM   1076 O O   A PHE A 1 133 ? 0.779   9.645   -1.418  0.26 25.04  ? 226 PHE A O   1 
ATOM   1077 O O   B PHE A 1 133 ? 0.719   9.612   -1.436  0.24 26.31  ? 226 PHE A O   1 
ATOM   1078 C CB  A PHE A 1 133 ? 0.045   12.143  0.556   0.26 26.93  ? 226 PHE A CB  1 
ATOM   1079 C CB  B PHE A 1 133 ? 0.170   12.006  0.769   0.24 30.38  ? 226 PHE A CB  1 
ATOM   1080 C CG  A PHE A 1 133 ? 0.773   11.910  1.862   0.26 27.54  ? 226 PHE A CG  1 
ATOM   1081 C CG  B PHE A 1 133 ? 1.386   12.506  0.016   0.24 33.09  ? 226 PHE A CG  1 
ATOM   1082 C CD1 A PHE A 1 133 ? 0.116   11.993  3.088   0.26 29.35  ? 226 PHE A CD1 1 
ATOM   1083 C CD1 B PHE A 1 133 ? 1.262   13.452  -1.011  0.24 37.20  ? 226 PHE A CD1 1 
ATOM   1084 C CD2 A PHE A 1 133 ? 2.140   11.677  1.870   0.26 28.42  ? 226 PHE A CD2 1 
ATOM   1085 C CD2 B PHE A 1 133 ? 2.652   12.060  0.347   0.24 35.40  ? 226 PHE A CD2 1 
ATOM   1086 C CE1 A PHE A 1 133 ? 0.798   11.795  4.277   0.26 28.58  ? 226 PHE A CE1 1 
ATOM   1087 C CE1 B PHE A 1 133 ? 2.380   13.921  -1.690  0.24 34.72  ? 226 PHE A CE1 1 
ATOM   1088 C CE2 A PHE A 1 133 ? 2.832   11.507  3.064   0.26 28.48  ? 226 PHE A CE2 1 
ATOM   1089 C CE2 B PHE A 1 133 ? 3.772   12.526  -0.334  0.24 37.75  ? 226 PHE A CE2 1 
ATOM   1090 C CZ  A PHE A 1 133 ? 2.164   11.554  4.261   0.26 26.61  ? 226 PHE A CZ  1 
ATOM   1091 C CZ  B PHE A 1 133 ? 3.633   13.450  -1.353  0.24 36.84  ? 226 PHE A CZ  1 
ATOM   1092 N N   . MET A 1 134 ? 0.561   8.932   0.722   1.00 24.99  ? 227 MET A N   1 
ATOM   1093 C CA  . MET A 1 134 ? 1.460   7.769   0.565   1.00 27.41  ? 227 MET A CA  1 
ATOM   1094 C C   . MET A 1 134 ? 0.906   6.721   -0.388  1.00 28.48  ? 227 MET A C   1 
ATOM   1095 O O   . MET A 1 134 ? 1.641   6.089   -1.157  1.00 28.30  ? 227 MET A O   1 
ATOM   1096 C CB  . MET A 1 134 ? 1.861   7.177   1.925   1.00 30.74  ? 227 MET A CB  1 
ATOM   1097 C CG  . MET A 1 134 ? 2.703   8.116   2.765   1.00 32.85  ? 227 MET A CG  1 
ATOM   1098 S SD  . MET A 1 134 ? 3.197   7.357   4.340   1.00 35.57  ? 227 MET A SD  1 
ATOM   1099 C CE  . MET A 1 134 ? 1.666   7.448   5.317   1.00 32.47  ? 227 MET A CE  1 
ATOM   1100 N N   . ALA A 1 135 ? -0.415  6.470   -0.338  1.00 23.45  ? 228 ALA A N   1 
ATOM   1101 C CA  . ALA A 1 135 ? -1.070  5.496   -1.168  1.00 21.69  ? 228 ALA A CA  1 
ATOM   1102 C C   . ALA A 1 135 ? -1.339  5.953   -2.580  1.00 23.13  ? 228 ALA A C   1 
ATOM   1103 O O   . ALA A 1 135 ? -1.364  5.137   -3.526  1.00 23.18  ? 228 ALA A O   1 
ATOM   1104 C CB  . ALA A 1 135 ? -2.398  5.066   -0.551  1.00 22.39  ? 228 ALA A CB  1 
ATOM   1105 N N   . ILE A 1 136 ? -1.605  7.262   -2.749  1.00 24.34  ? 229 ILE A N   1 
ATOM   1106 C CA  . ILE A 1 136 ? -2.094  7.769   -4.010  1.00 24.28  ? 229 ILE A CA  1 
ATOM   1107 C C   . ILE A 1 136 ? -1.362  7.340   -5.283  1.00 24.16  ? 229 ILE A C   1 
ATOM   1108 O O   . ILE A 1 136 ? -1.966  6.958   -6.215  1.00 23.90  ? 229 ILE A O   1 
ATOM   1109 C CB  . ILE A 1 136 ? -2.208  9.335   -3.926  1.00 25.43  ? 229 ILE A CB  1 
ATOM   1110 C CG1 . ILE A 1 136 ? -3.503  9.623   -3.146  1.00 26.12  ? 229 ILE A CG1 1 
ATOM   1111 C CG2 . ILE A 1 136 ? -2.157  9.965   -5.298  1.00 31.68  ? 229 ILE A CG2 1 
ATOM   1112 C CD1 . ILE A 1 136 ? -3.703  11.044  -2.692  1.00 28.87  ? 229 ILE A CD1 1 
ATOM   1113 N N   . PRO A 1 137 ? -0.029  7.338   -5.289  1.00 26.76  ? 230 PRO A N   1 
ATOM   1114 C CA  . PRO A 1 137 ? 0.666   7.008   -6.522  1.00 27.63  ? 230 PRO A CA  1 
ATOM   1115 C C   . PRO A 1 137 ? 0.376   5.617   -7.044  1.00 28.37  ? 230 PRO A C   1 
ATOM   1116 O O   . PRO A 1 137 ? 0.441   5.394   -8.252  1.00 25.30  ? 230 PRO A O   1 
ATOM   1117 C CB  . PRO A 1 137 ? 2.145   7.140   -6.127  1.00 29.30  ? 230 PRO A CB  1 
ATOM   1118 C CG  . PRO A 1 137 ? 2.173   8.049   -4.980  1.00 29.08  ? 230 PRO A CG  1 
ATOM   1119 C CD  . PRO A 1 137 ? 0.889   7.795   -4.240  1.00 30.56  ? 230 PRO A CD  1 
ATOM   1120 N N   . PHE A 1 138 ? -0.002  4.695   -6.145  1.00 24.33  ? 231 PHE A N   1 
ATOM   1121 C CA  . PHE A 1 138 ? -0.322  3.309   -6.517  1.00 24.32  ? 231 PHE A CA  1 
ATOM   1122 C C   . PHE A 1 138 ? -1.765  3.103   -7.018  1.00 23.53  ? 231 PHE A C   1 
ATOM   1123 O O   . PHE A 1 138 ? -2.035  2.073   -7.589  1.00 24.43  ? 231 PHE A O   1 
ATOM   1124 C CB  . PHE A 1 138 ? -0.074  2.363   -5.331  1.00 21.61  ? 231 PHE A CB  1 
ATOM   1125 C CG  . PHE A 1 138 ? 1.368   2.275   -4.918  1.00 24.40  ? 231 PHE A CG  1 
ATOM   1126 C CD1 . PHE A 1 138 ? 2.206   1.345   -5.531  1.00 27.19  ? 231 PHE A CD1 1 
ATOM   1127 C CD2 . PHE A 1 138 ? 1.891   3.135   -4.001  1.00 28.05  ? 231 PHE A CD2 1 
ATOM   1128 C CE1 . PHE A 1 138 ? 3.566   1.308   -5.196  1.00 25.24  ? 231 PHE A CE1 1 
ATOM   1129 C CE2 . PHE A 1 138 ? 3.255   3.067   -3.659  1.00 33.20  ? 231 PHE A CE2 1 
ATOM   1130 C CZ  . PHE A 1 138 ? 4.054   2.133   -4.230  1.00 28.58  ? 231 PHE A CZ  1 
ATOM   1131 N N   . ILE A 1 139 ? -2.648  4.066   -6.835  1.00 21.56  ? 232 ILE A N   1 
ATOM   1132 C CA  . ILE A 1 139 ? -4.096  3.828   -7.045  1.00 22.74  ? 232 ILE A CA  1 
ATOM   1133 C C   . ILE A 1 139 ? -4.448  3.635   -8.517  1.00 27.46  ? 232 ILE A C   1 
ATOM   1134 O O   . ILE A 1 139 ? -5.104  2.705   -8.912  1.00 26.14  ? 232 ILE A O   1 
ATOM   1135 C CB  . ILE A 1 139 ? -4.963  4.886   -6.353  1.00 25.74  ? 232 ILE A CB  1 
ATOM   1136 C CG1 . ILE A 1 139 ? -4.740  4.895   -4.834  1.00 24.07  ? 232 ILE A CG1 1 
ATOM   1137 C CG2 . ILE A 1 139 ? -6.419  4.708   -6.631  1.00 32.38  ? 232 ILE A CG2 1 
ATOM   1138 C CD1 . ILE A 1 139 ? -4.920  3.516   -4.185  1.00 27.50  ? 232 ILE A CD1 1 
ATOM   1139 N N   . ARG A 1 140 ? -3.996  4.552   -9.372  1.00 30.35  ? 233 ARG A N   1 
ATOM   1140 C CA  . ARG A 1 140 ? -4.289  4.355   -10.814 1.00 30.32  ? 233 ARG A CA  1 
ATOM   1141 C C   . ARG A 1 140 ? -3.627  3.094   -11.371 1.00 27.74  ? 233 ARG A C   1 
ATOM   1142 O O   . ARG A 1 140 ? -4.282  2.319   -12.035 1.00 31.87  ? 233 ARG A O   1 
ATOM   1143 C CB  . ARG A 1 140 ? -3.942  5.635   -11.594 1.00 35.13  ? 233 ARG A CB  1 
ATOM   1144 C CG  . ARG A 1 140 ? -4.142  5.514   -13.111 1.00 42.07  ? 233 ARG A CG  1 
ATOM   1145 C CD  . ARG A 1 140 ? -5.543  5.071   -13.448 1.00 50.94  ? 233 ARG A CD  1 
ATOM   1146 N NE  . ARG A 1 140 ? -6.633  5.851   -12.837 1.00 64.35  ? 233 ARG A NE  1 
ATOM   1147 C CZ  . ARG A 1 140 ? -7.934  5.498   -12.848 1.00 67.53  ? 233 ARG A CZ  1 
ATOM   1148 N NH1 . ARG A 1 140 ? -8.351  4.364   -13.439 1.00 66.50  ? 233 ARG A NH1 1 
ATOM   1149 N NH2 . ARG A 1 140 ? -8.839  6.290   -12.268 1.00 70.27  ? 233 ARG A NH2 1 
ATOM   1150 N N   . PRO A 1 141 ? -2.320  2.875   -11.087 1.00 28.58  ? 234 PRO A N   1 
ATOM   1151 C CA  . PRO A 1 141 ? -1.703  1.633   -11.485 1.00 28.75  ? 234 PRO A CA  1 
ATOM   1152 C C   . PRO A 1 141 ? -2.464  0.394   -10.988 1.00 28.04  ? 234 PRO A C   1 
ATOM   1153 O O   . PRO A 1 141 ? -2.557  -0.584  -11.725 1.00 28.03  ? 234 PRO A O   1 
ATOM   1154 C CB  . PRO A 1 141 ? -0.271  1.763   -10.921 1.00 30.89  ? 234 PRO A CB  1 
ATOM   1155 C CG  . PRO A 1 141 ? -0.050  3.188   -10.831 1.00 29.70  ? 234 PRO A CG  1 
ATOM   1156 C CD  . PRO A 1 141 ? -1.323  3.815   -10.509 1.00 29.54  ? 234 PRO A CD  1 
ATOM   1157 N N   . LEU A 1 142 ? -2.996  0.422   -9.764  1.00 26.03  ? 235 LEU A N   1 
ATOM   1158 C CA  . LEU A 1 142 ? -3.766  -0.734  -9.245  1.00 24.86  ? 235 LEU A CA  1 
ATOM   1159 C C   . LEU A 1 142 ? -5.057  -0.980  -10.003 1.00 25.13  ? 235 LEU A C   1 
ATOM   1160 O O   . LEU A 1 142 ? -5.365  -2.109  -10.411 1.00 25.81  ? 235 LEU A O   1 
ATOM   1161 C CB  . LEU A 1 142 ? -4.044  -0.505  -7.776  1.00 22.75  ? 235 LEU A CB  1 
ATOM   1162 C CG  . LEU A 1 142 ? -4.930  -1.573  -7.090  1.00 24.25  ? 235 LEU A CG  1 
ATOM   1163 C CD1 . LEU A 1 142 ? -4.333  -2.986  -7.197  1.00 24.67  ? 235 LEU A CD1 1 
ATOM   1164 C CD2 . LEU A 1 142 ? -5.212  -1.158  -5.668  1.00 24.80  ? 235 LEU A CD2 1 
ATOM   1165 N N   . ARG A 1 143 ? -5.762  0.102   -10.247 1.00 27.53  ? 236 ARG A N   1 
ATOM   1166 C CA  . ARG A 1 143 ? -7.034  0.032   -10.934 1.00 28.66  ? 236 ARG A CA  1 
ATOM   1167 C C   . ARG A 1 143 ? -6.805  -0.557  -12.349 1.00 30.65  ? 236 ARG A C   1 
ATOM   1168 O O   . ARG A 1 143 ? -7.524  -1.471  -12.770 1.00 32.08  ? 236 ARG A O   1 
ATOM   1169 C CB  . ARG A 1 143 ? -7.698  1.376   -11.008 1.00 29.44  ? 236 ARG A CB  1 
ATOM   1170 C CG  . ARG A 1 143 ? -8.325  1.814   -9.729  1.00 29.57  ? 236 ARG A CG  1 
ATOM   1171 C CD  . ARG A 1 143 ? -9.004  3.151   -9.925  1.00 37.03  ? 236 ARG A CD  1 
ATOM   1172 N NE  . ARG A 1 143 ? -9.473  3.695   -8.690  1.00 36.98  ? 236 ARG A NE  1 
ATOM   1173 C CZ  . ARG A 1 143 ? -9.582  4.998   -8.393  1.00 39.85  ? 236 ARG A CZ  1 
ATOM   1174 N NH1 . ARG A 1 143 ? -9.137  5.953   -9.223  1.00 41.20  ? 236 ARG A NH1 1 
ATOM   1175 N NH2 . ARG A 1 143 ? -10.043 5.338   -7.210  1.00 35.96  ? 236 ARG A NH2 1 
ATOM   1176 N N   . ASP A 1 144 ? -5.735  -0.143  -13.001 1.00 30.85  ? 237 ASP A N   1 
ATOM   1177 C CA  . ASP A 1 144 ? -5.418  -0.644  -14.356 1.00 36.29  ? 237 ASP A CA  1 
ATOM   1178 C C   . ASP A 1 144 ? -5.023  -2.086  -14.334 1.00 37.24  ? 237 ASP A C   1 
ATOM   1179 O O   . ASP A 1 144 ? -5.455  -2.878  -15.173 1.00 36.65  ? 237 ASP A O   1 
ATOM   1180 C CB  . ASP A 1 144 ? -4.299  0.177   -15.038 1.00 37.25  ? 237 ASP A CB  1 
ATOM   1181 C CG  . ASP A 1 144 ? -4.748  1.642   -15.357 1.00 41.52  ? 237 ASP A CG  1 
ATOM   1182 O OD1 . ASP A 1 144 ? -5.949  1.977   -15.258 1.00 42.82  ? 237 ASP A OD1 1 
ATOM   1183 O OD2 . ASP A 1 144 ? -3.853  2.498   -15.580 1.00 46.52  ? 237 ASP A OD2 1 
ATOM   1184 N N   . TRP A 1 145 ? -4.238  -2.460  -13.321 1.00 33.47  ? 238 TRP A N   1 
ATOM   1185 C CA  . TRP A 1 145 ? -3.798  -3.803  -13.169 1.00 33.90  ? 238 TRP A CA  1 
ATOM   1186 C C   . TRP A 1 145 ? -4.991  -4.736  -12.906 1.00 32.02  ? 238 TRP A C   1 
ATOM   1187 O O   . TRP A 1 145 ? -5.057  -5.867  -13.460 1.00 33.54  ? 238 TRP A O   1 
ATOM   1188 C CB  . TRP A 1 145 ? -2.821  -3.883  -11.977 1.00 33.76  ? 238 TRP A CB  1 
ATOM   1189 C CG  . TRP A 1 145 ? -2.098  -5.178  -11.830 1.00 31.99  ? 238 TRP A CG  1 
ATOM   1190 C CD1 . TRP A 1 145 ? -0.840  -5.415  -12.236 1.00 32.53  ? 238 TRP A CD1 1 
ATOM   1191 C CD2 . TRP A 1 145 ? -2.559  -6.391  -11.212 1.00 32.75  ? 238 TRP A CD2 1 
ATOM   1192 N NE1 . TRP A 1 145 ? -0.449  -6.679  -11.906 1.00 37.43  ? 238 TRP A NE1 1 
ATOM   1193 C CE2 . TRP A 1 145 ? -1.498  -7.330  -11.313 1.00 33.51  ? 238 TRP A CE2 1 
ATOM   1194 C CE3 . TRP A 1 145 ? -3.727  -6.772  -10.568 1.00 30.06  ? 238 TRP A CE3 1 
ATOM   1195 C CZ2 . TRP A 1 145 ? -1.573  -8.583  -10.775 1.00 35.20  ? 238 TRP A CZ2 1 
ATOM   1196 C CZ3 . TRP A 1 145 ? -3.826  -8.064  -10.076 1.00 33.23  ? 238 TRP A CZ3 1 
ATOM   1197 C CH2 . TRP A 1 145 ? -2.767  -8.956  -10.183 1.00 35.08  ? 238 TRP A CH2 1 
ATOM   1198 N N   . LEU A 1 146 ? -5.931  -4.297  -12.071 1.00 28.59  ? 239 LEU A N   1 
ATOM   1199 C CA  . LEU A 1 146 ? -7.081  -5.113  -11.764 1.00 28.41  ? 239 LEU A CA  1 
ATOM   1200 C C   . LEU A 1 146 ? -7.939  -5.298  -13.039 1.00 34.11  ? 239 LEU A C   1 
ATOM   1201 O O   . LEU A 1 146 ? -8.396  -6.374  -13.298 1.00 35.33  ? 239 LEU A O   1 
ATOM   1202 C CB  . LEU A 1 146 ? -7.936  -4.528  -10.712 1.00 28.27  ? 239 LEU A CB  1 
ATOM   1203 C CG  . LEU A 1 146 ? -7.224  -4.581  -9.321  1.00 29.49  ? 239 LEU A CG  1 
ATOM   1204 C CD1 . LEU A 1 146 ? -7.985  -3.701  -8.309  1.00 28.16  ? 239 LEU A CD1 1 
ATOM   1205 C CD2 . LEU A 1 146 ? -7.156  -6.014  -8.800  1.00 31.25  ? 239 LEU A CD2 1 
ATOM   1206 N N   . SER A 1 147 ? -8.128  -4.216  -13.762 1.00 34.14  ? 240 SER A N   1 
ATOM   1207 C CA  . SER A 1 147 ? -8.977  -4.216  -14.984 1.00 39.47  ? 240 SER A CA  1 
ATOM   1208 C C   . SER A 1 147 ? -8.458  -5.237  -15.954 1.00 42.96  ? 240 SER A C   1 
ATOM   1209 O O   . SER A 1 147 ? -9.221  -6.034  -16.499 1.00 50.55  ? 240 SER A O   1 
ATOM   1210 C CB  . SER A 1 147 ? -8.966  -2.844  -15.624 1.00 39.83  ? 240 SER A CB  1 
ATOM   1211 O OG  . SER A 1 147 ? -9.846  -2.040  -14.892 1.00 52.26  ? 240 SER A OG  1 
ATOM   1212 N N   . ARG A 1 148 ? -7.167  -5.222  -16.176 1.00 41.12  ? 241 ARG A N   1 
ATOM   1213 C CA  . ARG A 1 148 ? -6.562  -6.207  -17.034 1.00 49.63  ? 241 ARG A CA  1 
ATOM   1214 C C   . ARG A 1 148 ? -6.655  -7.687  -16.539 1.00 55.33  ? 241 ARG A C   1 
ATOM   1215 O O   . ARG A 1 148 ? -7.040  -8.580  -17.338 1.00 54.94  ? 241 ARG A O   1 
ATOM   1216 C CB  . ARG A 1 148 ? -5.114  -5.809  -17.349 1.00 45.49  ? 241 ARG A CB  1 
ATOM   1217 C CG  . ARG A 1 148 ? -4.986  -4.600  -18.257 1.00 55.50  ? 241 ARG A CG  1 
ATOM   1218 N N   A ARG A 1 149 ? -6.308  -7.920  -15.266 0.25 47.19  ? 242 ARG A N   1 
ATOM   1219 N N   B ARG A 1 149 ? -6.341  -7.939  -15.271 0.25 52.55  ? 242 ARG A N   1 
ATOM   1220 C CA  A ARG A 1 149 ? -6.254  -9.270  -14.663 0.25 46.36  ? 242 ARG A CA  1 
ATOM   1221 C CA  B ARG A 1 149 ? -6.266  -9.312  -14.758 0.25 54.79  ? 242 ARG A CA  1 
ATOM   1222 C C   A ARG A 1 149 ? -7.617  -9.896  -14.406 0.25 52.00  ? 242 ARG A C   1 
ATOM   1223 C C   B ARG A 1 149 ? -7.575  -9.892  -14.227 0.25 56.54  ? 242 ARG A C   1 
ATOM   1224 O O   A ARG A 1 149 ? -7.754  -11.121 -14.494 0.25 58.09  ? 242 ARG A O   1 
ATOM   1225 O O   B ARG A 1 149 ? -7.618  -11.080 -13.901 0.25 63.00  ? 242 ARG A O   1 
ATOM   1226 C CB  A ARG A 1 149 ? -5.459  -9.245  -13.352 0.25 43.69  ? 242 ARG A CB  1 
ATOM   1227 C CB  B ARG A 1 149 ? -5.190  -9.401  -13.693 0.25 57.37  ? 242 ARG A CB  1 
ATOM   1228 C CG  A ARG A 1 149 ? -5.617  -10.474 -12.446 0.25 38.83  ? 242 ARG A CG  1 
ATOM   1229 C CG  B ARG A 1 149 ? -3.836  -8.937  -14.202 0.25 58.23  ? 242 ARG A CG  1 
ATOM   1230 C CD  A ARG A 1 149 ? -5.062  -11.730 -13.062 0.25 37.71  ? 242 ARG A CD  1 
ATOM   1231 C CD  B ARG A 1 149 ? -3.220  -9.913  -15.195 0.25 56.96  ? 242 ARG A CD  1 
ATOM   1232 N NE  A ARG A 1 149 ? -3.672  -11.583 -13.435 0.25 35.70  ? 242 ARG A NE  1 
ATOM   1233 N NE  B ARG A 1 149 ? -1.900  -9.439  -15.576 0.25 55.55  ? 242 ARG A NE  1 
ATOM   1234 C CZ  A ARG A 1 149 ? -2.657  -11.910 -12.663 0.25 34.37  ? 242 ARG A CZ  1 
ATOM   1235 C CZ  B ARG A 1 149 ? -1.496  -8.199  -15.335 0.25 54.68  ? 242 ARG A CZ  1 
ATOM   1236 N NH1 A ARG A 1 149 ? -1.419  -11.740 -13.101 0.25 37.38  ? 242 ARG A NH1 1 
ATOM   1237 N NH1 B ARG A 1 149 ? -0.283  -7.805  -15.692 0.25 54.96  ? 242 ARG A NH1 1 
ATOM   1238 N NH2 A ARG A 1 149 ? -2.878  -12.411 -11.462 0.25 32.13  ? 242 ARG A NH2 1 
ATOM   1239 N NH2 B ARG A 1 149 ? -2.326  -7.349  -14.742 0.25 50.13  ? 242 ARG A NH2 1 
ATOM   1240 N N   . PHE A 1 150 ? -8.619  -9.066  -14.110 1.00 54.00  ? 243 PHE A N   1 
ATOM   1241 C CA  . PHE A 1 150 ? -9.958  -9.535  -13.768 1.00 53.24  ? 243 PHE A CA  1 
ATOM   1242 C C   . PHE A 1 150 ? -11.042 -9.059  -14.743 1.00 62.24  ? 243 PHE A C   1 
ATOM   1243 O O   . PHE A 1 150 ? -12.053 -9.726  -14.842 1.00 73.59  ? 243 PHE A O   1 
ATOM   1244 C CB  . PHE A 1 150 ? -10.320 -9.189  -12.312 1.00 48.90  ? 243 PHE A CB  1 
ATOM   1245 C CG  . PHE A 1 150 ? -9.438  -9.860  -11.288 1.00 47.56  ? 243 PHE A CG  1 
ATOM   1246 C CD1 . PHE A 1 150 ? -9.630  -11.192 -10.918 1.00 45.38  ? 243 PHE A CD1 1 
ATOM   1247 C CD2 . PHE A 1 150 ? -8.419  -9.168  -10.676 1.00 39.16  ? 243 PHE A CD2 1 
ATOM   1248 C CE1 . PHE A 1 150 ? -8.802  -11.802 -10.007 1.00 39.25  ? 243 PHE A CE1 1 
ATOM   1249 C CE2 . PHE A 1 150 ? -7.585  -9.775  -9.769  1.00 38.35  ? 243 PHE A CE2 1 
ATOM   1250 C CZ  . PHE A 1 150 ? -7.755  -11.106 -9.428  1.00 40.44  ? 243 PHE A CZ  1 
ATOM   1251 N N   . GLY A 1 151 ? -10.847 -7.964  -15.480 1.00 68.55  ? 244 GLY A N   1 
ATOM   1252 C CA  . GLY A 1 151 ? -11.890 -7.436  -16.375 1.00 73.21  ? 244 GLY A CA  1 
ATOM   1253 C C   . GLY A 1 151 ? -12.888 -6.606  -15.592 1.00 73.22  ? 244 GLY A C   1 
ATOM   1254 O O   . GLY A 1 151 ? -13.802 -6.008  -16.163 1.00 77.85  ? 244 GLY A O   1 
HETATM 1255 C C1  . EDO B 2 .   ? 6.938   -13.462 7.140   1.00 82.07  ? 301 EDO A C1  1 
HETATM 1256 O O1  . EDO B 2 .   ? 6.762   -13.134 8.521   1.00 78.60  ? 301 EDO A O1  1 
HETATM 1257 C C2  . EDO B 2 .   ? 7.189   -14.963 6.977   1.00 88.33  ? 301 EDO A C2  1 
HETATM 1258 O O2  . EDO B 2 .   ? 7.977   -15.262 5.804   1.00 87.33  ? 301 EDO A O2  1 
HETATM 1259 C C1  . EDO C 2 .   ? -3.494  14.925  5.928   1.00 64.58  ? 302 EDO A C1  1 
HETATM 1260 O O1  . EDO C 2 .   ? -2.204  15.058  5.271   1.00 52.72  ? 302 EDO A O1  1 
HETATM 1261 C C2  . EDO C 2 .   ? -4.347  16.193  6.011   1.00 61.54  ? 302 EDO A C2  1 
HETATM 1262 O O2  . EDO C 2 .   ? -5.555  16.059  5.248   1.00 61.34  ? 302 EDO A O2  1 
HETATM 1263 S S   . DMS D 3 .   ? -14.881 -1.441  3.653   1.00 73.83  ? 303 DMS A S   1 
HETATM 1264 O O   . DMS D 3 .   ? -14.190 -0.248  3.109   1.00 62.96  ? 303 DMS A O   1 
HETATM 1265 C C1  . DMS D 3 .   ? -15.222 -1.256  5.327   1.00 72.12  ? 303 DMS A C1  1 
HETATM 1266 C C2  . DMS D 3 .   ? -16.440 -1.418  2.937   1.00 76.72  ? 303 DMS A C2  1 
HETATM 1267 C C   . ACT E 4 .   ? 0.159   14.265  13.242  1.00 48.69  ? 304 ACT A C   1 
HETATM 1268 O O   . ACT E 4 .   ? -0.455  13.950  12.188  1.00 60.27  ? 304 ACT A O   1 
HETATM 1269 O OXT . ACT E 4 .   ? 1.255   13.733  13.491  1.00 50.54  ? 304 ACT A OXT 1 
HETATM 1270 C CH3 . ACT E 4 .   ? -0.408  15.346  14.169  1.00 51.62  ? 304 ACT A CH3 1 
HETATM 1271 C C   . ACT F 4 .   ? 0.723   15.566  2.763   1.00 70.90  ? 305 ACT A C   1 
HETATM 1272 O O   . ACT F 4 .   ? -0.423  15.555  2.232   1.00 56.14  ? 305 ACT A O   1 
HETATM 1273 O OXT . ACT F 4 .   ? 0.838   15.510  4.012   1.00 86.79  ? 305 ACT A OXT 1 
HETATM 1274 C CH3 . ACT F 4 .   ? 1.993   15.649  1.940   1.00 64.17  ? 305 ACT A CH3 1 
HETATM 1275 N N1  . LES G 5 .   ? 3.847   3.207   3.643   0.49 20.31  ? 306 LES A N1  1 
HETATM 1276 N N3  . LES G 5 .   ? 3.883   4.018   1.451   0.49 25.97  ? 306 LES A N3  1 
HETATM 1277 C C4  . LES G 5 .   ? 4.550   1.797   5.572   0.49 21.81  ? 306 LES A C4  1 
HETATM 1278 C C5  . LES G 5 .   ? 4.769   2.745   7.964   0.49 23.60  ? 306 LES A C5  1 
HETATM 1279 C C6  . LES G 5 .   ? 4.425   4.073   2.718   0.49 22.63  ? 306 LES A C6  1 
HETATM 1280 C C7  . LES G 5 .   ? 5.896   5.753   2.150   0.49 25.98  ? 306 LES A C7  1 
HETATM 1281 C C8  . LES G 5 .   ? 5.432   5.772   0.865   0.49 26.15  ? 306 LES A C8  1 
HETATM 1282 N N   . LES G 5 .   ? 5.304   1.940   6.844   0.49 22.31  ? 306 LES A N   1 
HETATM 1283 C C   . LES G 5 .   ? 3.262   2.866   8.063   0.49 24.38  ? 306 LES A C   1 
HETATM 1284 C C1  . LES G 5 .   ? 2.649   3.879   7.082   0.49 23.74  ? 306 LES A C1  1 
HETATM 1285 C C2  . LES G 5 .   ? 2.663   3.505   5.626   0.49 24.30  ? 306 LES A C2  1 
HETATM 1286 C C3  . LES G 5 .   ? 4.108   3.205   5.059   0.49 21.87  ? 306 LES A C3  1 
HETATM 1287 C C9  . LES G 5 .   ? 4.438   4.903   0.555   0.49 25.12  ? 306 LES A C9  1 
HETATM 1288 N N2  . LES G 5 .   ? 5.412   4.908   3.121   0.49 26.74  ? 306 LES A N2  1 
HETATM 1289 O O   . HOH H 6 .   ? 12.023  -12.376 -4.839  1.00 54.69  ? 401 HOH A O   1 
HETATM 1290 O O   . HOH H 6 .   ? 1.913   3.388   0.191   1.00 36.84  ? 402 HOH A O   1 
HETATM 1291 O O   . HOH H 6 .   ? 1.576   11.509  14.541  1.00 32.33  ? 403 HOH A O   1 
HETATM 1292 O O   . HOH H 6 .   ? 13.600  -12.139 5.594   1.00 55.20  ? 404 HOH A O   1 
HETATM 1293 O O   . HOH H 6 .   ? -10.462 -7.232  8.938   1.00 54.58  ? 405 HOH A O   1 
HETATM 1294 O O   . HOH H 6 .   ? -7.102  6.185   12.683  1.00 38.24  ? 406 HOH A O   1 
HETATM 1295 O O   . HOH H 6 .   ? 1.782   6.679   -10.000 1.00 32.45  ? 407 HOH A O   1 
HETATM 1296 O O   . HOH H 6 .   ? -11.784 -3.030  -7.777  1.00 38.83  ? 408 HOH A O   1 
HETATM 1297 O O   . HOH H 6 .   ? 20.296  -5.470  6.366   1.00 55.40  ? 409 HOH A O   1 
HETATM 1298 O O   . HOH H 6 .   ? -0.882  9.394   12.623  1.00 30.07  ? 410 HOH A O   1 
HETATM 1299 O O   . HOH H 6 .   ? -0.247  2.519   18.089  1.00 32.52  ? 411 HOH A O   1 
HETATM 1300 O O   . HOH H 6 .   ? -16.885 -9.210  1.296   1.00 73.82  ? 412 HOH A O   1 
HETATM 1301 O O   . HOH H 6 .   ? -1.383  14.111  -6.891  1.00 56.63  ? 413 HOH A O   1 
HETATM 1302 O O   . HOH H 6 .   ? -1.369  10.697  -9.014  1.00 56.09  ? 414 HOH A O   1 
HETATM 1303 O O   . HOH H 6 .   ? -7.951  22.440  -3.362  1.00 61.54  ? 415 HOH A O   1 
HETATM 1304 O O   . HOH H 6 .   ? -8.461  1.467   -14.683 1.00 57.87  ? 416 HOH A O   1 
HETATM 1305 O O   . HOH H 6 .   ? -1.681  3.463   -14.446 1.00 53.89  ? 417 HOH A O   1 
HETATM 1306 O O   . HOH H 6 .   ? 5.019   5.453   11.513  1.00 33.19  ? 418 HOH A O   1 
HETATM 1307 O O   . HOH H 6 .   ? 4.056   6.645   -2.123  1.00 46.33  ? 419 HOH A O   1 
HETATM 1308 O O   . HOH H 6 .   ? 10.536  15.056  -6.455  1.00 47.97  ? 420 HOH A O   1 
HETATM 1309 O O   . HOH H 6 .   ? 8.940   -15.456 3.260   1.00 54.63  ? 421 HOH A O   1 
HETATM 1310 O O   . HOH H 6 .   ? -7.970  -14.564 6.770   1.00 45.82  ? 422 HOH A O   1 
HETATM 1311 O O   . HOH H 6 .   ? -8.169  14.306  -5.027  1.00 46.61  ? 423 HOH A O   1 
HETATM 1312 O O   . HOH H 6 .   ? -14.924 -6.207  -7.997  1.00 46.76  ? 424 HOH A O   1 
HETATM 1313 O O   . HOH H 6 .   ? 16.250  -5.592  -3.398  1.00 42.99  ? 425 HOH A O   1 
HETATM 1314 O O   . HOH H 6 .   ? 15.723  -13.778 1.725   1.00 45.74  ? 426 HOH A O   1 
HETATM 1315 O O   . HOH H 6 .   ? 5.302   -20.427 0.949   1.00 48.27  ? 427 HOH A O   1 
HETATM 1316 O O   . HOH H 6 .   ? -10.063 -1.575  -11.871 1.00 34.73  ? 428 HOH A O   1 
HETATM 1317 O O   . HOH H 6 .   ? -14.138 -0.018  -4.791  1.00 30.21  ? 429 HOH A O   1 
HETATM 1318 O O   . HOH H 6 .   ? 6.633   -16.075 -0.470  1.00 35.75  ? 430 HOH A O   1 
HETATM 1319 O O   . HOH H 6 .   ? 2.431   -23.136 4.712   1.00 49.35  ? 431 HOH A O   1 
HETATM 1320 O O   . HOH H 6 .   ? 3.227   -10.942 5.546   1.00 31.40  ? 432 HOH A O   1 
HETATM 1321 O O   . HOH H 6 .   ? 1.851   -21.145 -1.143  1.00 28.43  ? 433 HOH A O   1 
HETATM 1322 O O   . HOH H 6 .   ? -2.275  -3.730  1.622   1.00 22.40  ? 434 HOH A O   1 
HETATM 1323 O O   . HOH H 6 .   ? -0.512  9.076   3.265   1.00 31.21  ? 435 HOH A O   1 
HETATM 1324 O O   . HOH H 6 .   ? -6.866  19.166  2.297   1.00 53.22  ? 436 HOH A O   1 
HETATM 1325 O O   . HOH H 6 .   ? 16.191  -10.098 6.654   1.00 66.19  ? 437 HOH A O   1 
HETATM 1326 O O   . HOH H 6 .   ? 9.189   -10.819 -7.412  1.00 54.51  ? 438 HOH A O   1 
HETATM 1327 O O   . HOH H 6 .   ? -19.866 -5.783  -1.583  1.00 56.86  ? 439 HOH A O   1 
HETATM 1328 O O   . HOH H 6 .   ? -2.600  7.028   -8.869  1.00 26.60  ? 440 HOH A O   1 
HETATM 1329 O O   . HOH H 6 .   ? 3.719   -17.771 -2.326  1.00 50.77  ? 441 HOH A O   1 
HETATM 1330 O O   . HOH H 6 .   ? 9.990   -13.072 5.435   1.00 37.69  ? 442 HOH A O   1 
HETATM 1331 O O   . HOH H 6 .   ? 7.550   -14.256 1.199   1.00 41.96  ? 443 HOH A O   1 
HETATM 1332 O O   . HOH H 6 .   ? -12.548 2.818   5.904   1.00 41.14  ? 444 HOH A O   1 
HETATM 1333 O O   . HOH H 6 .   ? -1.557  -16.071 6.745   1.00 33.28  ? 445 HOH A O   1 
HETATM 1334 O O   . HOH H 6 .   ? -0.662  -1.044  -13.675 1.00 34.38  ? 446 HOH A O   1 
HETATM 1335 O O   . HOH H 6 .   ? -1.869  -11.953 -7.247  1.00 33.37  ? 447 HOH A O   1 
HETATM 1336 O O   . HOH H 6 .   ? 1.654   -11.229 -5.283  1.00 25.14  ? 448 HOH A O   1 
HETATM 1337 O O   . HOH H 6 .   ? -1.622  -13.380 -4.621  1.00 26.17  ? 449 HOH A O   1 
HETATM 1338 O O   . HOH H 6 .   ? -8.518  -13.602 11.377  1.00 47.05  ? 450 HOH A O   1 
HETATM 1339 O O   . HOH H 6 .   ? 1.134   11.531  -3.442  1.00 48.60  ? 451 HOH A O   1 
HETATM 1340 O O   . HOH H 6 .   ? -17.357 -3.417  0.006   1.00 50.60  ? 452 HOH A O   1 
HETATM 1341 O O   . HOH H 6 .   ? 2.952   -3.940  -12.665 1.00 43.79  ? 453 HOH A O   1 
HETATM 1342 O O   . HOH H 6 .   ? -12.104 8.467   -6.034  1.00 43.63  ? 454 HOH A O   1 
HETATM 1343 O O   . HOH H 6 .   ? -2.157  24.439  -7.328  1.00 37.47  ? 455 HOH A O   1 
HETATM 1344 O O   . HOH H 6 .   ? -16.181 -0.900  -0.983  1.00 45.89  ? 456 HOH A O   1 
HETATM 1345 O O   . HOH H 6 .   ? 5.035   -16.887 -7.419  1.00 41.83  ? 457 HOH A O   1 
HETATM 1346 O O   . HOH H 6 .   ? 7.694   4.728   -11.386 1.00 39.17  ? 458 HOH A O   1 
HETATM 1347 O O   . HOH H 6 .   ? 2.508   -7.635  -12.319 1.00 39.12  ? 459 HOH A O   1 
HETATM 1348 O O   . HOH H 6 .   ? 15.474  1.504   -4.677  1.00 42.57  ? 460 HOH A O   1 
HETATM 1349 O O   . HOH H 6 .   ? 2.334   19.058  -0.591  1.00 61.14  ? 461 HOH A O   1 
HETATM 1350 O O   . HOH H 6 .   ? -5.982  -1.674  -17.724 1.00 61.42  ? 462 HOH A O   1 
HETATM 1351 O O   . HOH H 6 .   ? -1.450  -14.619 9.058   1.00 32.64  ? 463 HOH A O   1 
HETATM 1352 O O   . HOH H 6 .   ? 1.265   -17.236 4.402   1.00 32.91  ? 464 HOH A O   1 
HETATM 1353 O O   . HOH H 6 .   ? 19.623  -3.226  2.501   1.00 48.93  ? 465 HOH A O   1 
HETATM 1354 O O   . HOH H 6 .   ? -14.402 9.570   -1.816  1.00 48.91  ? 466 HOH A O   1 
HETATM 1355 O O   . HOH H 6 .   ? -11.583 -1.789  8.191   1.00 35.41  ? 467 HOH A O   1 
HETATM 1356 O O   . HOH H 6 .   ? 2.604   20.916  -2.831  1.00 39.36  ? 468 HOH A O   1 
HETATM 1357 O O   . HOH H 6 .   ? -13.539 3.598   2.079   1.00 34.40  ? 469 HOH A O   1 
HETATM 1358 O O   . HOH H 6 .   ? -7.282  14.220  3.772   1.00 35.38  ? 470 HOH A O   1 
HETATM 1359 O O   . HOH H 6 .   ? 4.812   -2.431  -11.923 1.00 42.45  ? 471 HOH A O   1 
HETATM 1360 O O   . HOH H 6 .   ? 14.009  6.087   -16.113 1.00 41.24  ? 472 HOH A O   1 
HETATM 1361 O O   . HOH H 6 .   ? -4.129  10.931  8.733   1.00 39.95  ? 473 HOH A O   1 
HETATM 1362 O O   . HOH H 6 .   ? 19.299  3.950   -6.380  1.00 83.67  ? 474 HOH A O   1 
HETATM 1363 O O   . HOH H 6 .   ? -11.628 -14.250 10.853  1.00 60.48  ? 475 HOH A O   1 
HETATM 1364 O O   . HOH H 6 .   ? -7.913  19.776  -8.162  1.00 65.20  ? 476 HOH A O   1 
HETATM 1365 O O   . HOH H 6 .   ? 18.837  -12.233 -1.943  1.00 65.71  ? 477 HOH A O   1 
HETATM 1366 O O   . HOH H 6 .   ? 3.358   0.822   -11.900 1.00 67.55  ? 478 HOH A O   1 
HETATM 1367 O O   . HOH H 6 .   ? 9.386   2.274   3.794   0.49 29.85  ? 479 HOH A O   1 
HETATM 1368 O O   . HOH H 6 .   ? 4.853   -7.028  -12.853 1.00 60.68  ? 480 HOH A O   1 
HETATM 1369 O O   . HOH H 6 .   ? 3.252   -19.730 -3.177  1.00 60.92  ? 481 HOH A O   1 
HETATM 1370 O O   . HOH H 6 .   ? -11.366 -0.447  10.760  1.00 63.58  ? 482 HOH A O   1 
HETATM 1371 O O   . HOH H 6 .   ? -9.688  22.793  -6.247  1.00 75.26  ? 483 HOH A O   1 
HETATM 1372 O O   . HOH H 6 .   ? -11.916 7.210   1.229   1.00 43.27  ? 484 HOH A O   1 
HETATM 1373 O O   . HOH H 6 .   ? -0.304  1.308   -15.127 1.00 47.79  ? 485 HOH A O   1 
HETATM 1374 O O   . HOH H 6 .   ? -8.658  33.631  -4.179  1.00 73.83  ? 486 HOH A O   1 
HETATM 1375 O O   . HOH H 6 .   ? -3.779  -14.015 10.170  1.00 40.50  ? 487 HOH A O   1 
HETATM 1376 O O   . HOH H 6 .   ? 1.523   -1.421  -13.068 1.00 51.48  ? 488 HOH A O   1 
HETATM 1377 O O   . HOH H 6 .   ? 0.308   -16.054 10.719  1.00 41.59  ? 489 HOH A O   1 
# 
